data_3FJ1
#
_entry.id   3FJ1
#
_cell.length_a   52.400
_cell.length_b   114.141
_cell.length_c   197.279
_cell.angle_alpha   90.000
_cell.angle_beta   90.000
_cell.angle_gamma   90.000
#
_symmetry.space_group_name_H-M   'P 21 21 21'
#
loop_
_entity.id
_entity.type
_entity.pdbx_description
1 polymer 'putative phosphosugar isomerase'
2 non-polymer 'CHLORIDE ION'
3 non-polymer 1,2-ETHANEDIOL
4 water water
#
_entity_poly.entity_id   1
_entity_poly.type   'polypeptide(L)'
_entity_poly.pdbx_seq_one_letter_code
;G(MSE)TQHITR(MSE)RREIDEIPEAVQRLLDHGAQDVARVAAVLRLRDPSFVATVARGSSDHVCTYLSYAAELLLGLP
VASLGPSVASVYDARLRLDRALCLAVSQSGKSPDIVA(MSE)TRNAGRDGALCVALTNDAASPLAGVSAHTIDIHAGPEL
SVAATKTFVTSAVAGL(MSE)LLADWAEDDGLRAALGNLPETLAAASRIDWPE(MSE)RVAIGARPSLFTLGRGTSLAVS
NEAALKFKETCQLHAESYSSAEVLHGPVSIVEEGFPVLGFAAGDAAEAPLAEIADQIAAKGATVFATTGRVTRARVLEHV
RSGHALTDPLSLIVSFYS(MSE)VEAFASERGIDPDAPRHLNKVTETV
;
_entity_poly.pdbx_strand_id   A,B,C,D
#
loop_
_chem_comp.id
_chem_comp.type
_chem_comp.name
_chem_comp.formula
CL non-polymer 'CHLORIDE ION' 'Cl -1'
EDO non-polymer 1,2-ETHANEDIOL 'C2 H6 O2'
#
# COMPACT_ATOMS: atom_id res chain seq x y z
N GLY A 1 10.37 -11.18 -60.26
CA GLY A 1 11.77 -11.14 -60.80
C GLY A 1 12.75 -10.76 -59.71
N MSE A 2 13.96 -10.38 -60.12
CA MSE A 2 15.02 -10.03 -59.16
C MSE A 2 14.77 -8.73 -58.38
O MSE A 2 15.28 -8.56 -57.28
CB MSE A 2 16.38 -9.98 -59.86
CG MSE A 2 16.77 -11.36 -60.36
SE MSE A 2 18.56 -11.43 -61.05
CE MSE A 2 18.26 -10.65 -62.82
N THR A 3 14.00 -7.80 -58.97
CA THR A 3 13.69 -6.55 -58.29
C THR A 3 12.69 -6.90 -57.20
N GLN A 4 12.98 -6.44 -55.99
CA GLN A 4 12.18 -6.70 -54.82
C GLN A 4 11.16 -5.55 -54.70
N HIS A 5 9.93 -5.87 -54.37
CA HIS A 5 8.92 -4.82 -54.32
C HIS A 5 8.28 -4.82 -52.94
N ILE A 6 9.15 -4.79 -51.94
CA ILE A 6 8.76 -4.74 -50.54
C ILE A 6 9.24 -3.43 -49.97
N THR A 7 8.34 -2.68 -49.32
CA THR A 7 8.68 -1.39 -48.74
C THR A 7 9.61 -1.55 -47.52
N ARG A 8 10.39 -0.52 -47.23
CA ARG A 8 11.24 -0.54 -46.06
CA ARG A 8 11.25 -0.55 -46.04
C ARG A 8 10.37 -0.69 -44.80
N MSE A 9 9.21 -0.06 -44.81
CA MSE A 9 8.29 -0.16 -43.67
C MSE A 9 7.92 -1.61 -43.44
O MSE A 9 7.97 -2.10 -42.32
CB MSE A 9 7.03 0.67 -43.89
CG MSE A 9 6.11 0.63 -42.73
SE MSE A 9 4.57 1.84 -42.99
CE MSE A 9 3.59 1.45 -41.33
N ARG A 10 7.57 -2.31 -44.51
CA ARG A 10 7.21 -3.74 -44.38
C ARG A 10 8.39 -4.59 -43.94
N ARG A 11 9.58 -4.33 -44.49
CA ARG A 11 10.77 -5.08 -44.11
C ARG A 11 10.94 -4.96 -42.58
N GLU A 12 10.73 -3.77 -42.08
CA GLU A 12 11.01 -3.57 -40.68
CA GLU A 12 10.92 -3.43 -40.66
C GLU A 12 9.91 -4.19 -39.81
N ILE A 13 8.66 -4.17 -40.26
CA ILE A 13 7.58 -4.87 -39.56
C ILE A 13 7.87 -6.38 -39.51
N ASP A 14 8.39 -6.96 -40.58
N ASP A 14 8.36 -6.92 -40.63
CA ASP A 14 8.68 -8.40 -40.58
CA ASP A 14 8.74 -8.33 -40.76
C ASP A 14 9.92 -8.74 -39.75
C ASP A 14 9.79 -8.66 -39.67
N GLU A 15 10.73 -7.73 -39.43
CA GLU A 15 11.86 -7.92 -38.49
C GLU A 15 11.49 -7.71 -37.02
N ILE A 16 10.28 -7.20 -36.71
CA ILE A 16 9.89 -6.92 -35.32
C ILE A 16 9.98 -8.16 -34.40
N PRO A 17 9.39 -9.29 -34.79
CA PRO A 17 9.53 -10.46 -33.91
C PRO A 17 11.00 -10.87 -33.54
N GLU A 18 11.92 -10.90 -34.52
CA GLU A 18 13.30 -11.28 -34.25
CA GLU A 18 13.29 -11.29 -34.20
C GLU A 18 14.04 -10.20 -33.46
N ALA A 19 13.69 -8.93 -33.68
CA ALA A 19 14.28 -7.82 -32.95
C ALA A 19 13.94 -8.00 -31.47
N VAL A 20 12.67 -8.25 -31.16
CA VAL A 20 12.26 -8.54 -29.78
C VAL A 20 13.00 -9.75 -29.22
N GLN A 21 13.19 -10.78 -30.05
CA GLN A 21 13.94 -11.95 -29.63
C GLN A 21 15.38 -11.59 -29.26
N ARG A 22 16.01 -10.73 -30.05
CA ARG A 22 17.39 -10.31 -29.75
CA ARG A 22 17.39 -10.30 -29.76
C ARG A 22 17.45 -9.52 -28.45
N LEU A 23 16.46 -8.66 -28.23
CA LEU A 23 16.38 -7.87 -27.00
C LEU A 23 16.19 -8.81 -25.79
N LEU A 24 15.28 -9.76 -25.91
CA LEU A 24 15.05 -10.75 -24.84
C LEU A 24 16.33 -11.54 -24.53
N ASP A 25 17.03 -11.97 -25.58
CA ASP A 25 18.27 -12.73 -25.42
C ASP A 25 19.45 -11.85 -24.96
N HIS A 26 19.80 -10.83 -25.74
CA HIS A 26 20.96 -9.97 -25.45
C HIS A 26 20.78 -8.91 -24.39
N GLY A 27 19.54 -8.50 -24.10
CA GLY A 27 19.28 -7.44 -23.11
C GLY A 27 18.91 -7.95 -21.74
N ALA A 28 18.65 -9.25 -21.61
CA ALA A 28 18.22 -9.83 -20.35
C ALA A 28 19.14 -9.50 -19.18
N GLN A 29 20.45 -9.58 -19.40
CA GLN A 29 21.42 -9.35 -18.32
C GLN A 29 21.44 -7.90 -17.80
N ASP A 30 21.53 -6.96 -18.72
CA ASP A 30 21.51 -5.56 -18.37
C ASP A 30 20.19 -5.17 -17.71
N VAL A 31 19.08 -5.70 -18.22
CA VAL A 31 17.81 -5.41 -17.61
C VAL A 31 17.76 -5.94 -16.18
N ALA A 32 18.26 -7.15 -15.95
CA ALA A 32 18.19 -7.76 -14.63
C ALA A 32 19.03 -6.97 -13.62
N ARG A 33 20.19 -6.52 -14.09
CA ARG A 33 21.10 -5.73 -13.26
C ARG A 33 20.48 -4.40 -12.85
N VAL A 34 19.82 -3.70 -13.79
CA VAL A 34 19.18 -2.43 -13.46
C VAL A 34 18.01 -2.68 -12.48
N ALA A 35 17.20 -3.71 -12.76
CA ALA A 35 16.10 -4.08 -11.85
C ALA A 35 16.60 -4.35 -10.44
N ALA A 36 17.78 -4.99 -10.30
CA ALA A 36 18.39 -5.29 -9.00
C ALA A 36 18.74 -3.97 -8.27
N VAL A 37 19.34 -3.04 -9.00
CA VAL A 37 19.65 -1.69 -8.48
C VAL A 37 18.35 -1.01 -8.00
N LEU A 38 17.28 -1.11 -8.79
CA LEU A 38 16.00 -0.48 -8.41
C LEU A 38 15.37 -1.13 -7.18
N ARG A 39 15.48 -2.45 -7.04
CA ARG A 39 14.89 -3.10 -5.88
C ARG A 39 15.66 -2.65 -4.64
N LEU A 40 16.97 -2.46 -4.79
CA LEU A 40 17.81 -2.01 -3.70
C LEU A 40 17.57 -0.53 -3.35
N ARG A 41 17.66 0.35 -4.34
CA ARG A 41 17.43 1.79 -4.12
C ARG A 41 15.97 2.06 -3.71
N ASP A 42 15.03 1.30 -4.26
CA ASP A 42 13.62 1.35 -3.85
C ASP A 42 13.03 2.77 -4.01
N PRO A 43 13.12 3.35 -5.22
CA PRO A 43 12.56 4.71 -5.43
C PRO A 43 11.03 4.75 -5.23
N SER A 44 10.52 5.92 -4.87
CA SER A 44 9.12 6.09 -4.57
C SER A 44 8.34 6.81 -5.67
N PHE A 45 9.02 7.16 -6.75
CA PHE A 45 8.31 7.69 -7.90
CA PHE A 45 8.46 7.97 -7.80
C PHE A 45 9.21 7.69 -9.12
N VAL A 46 8.54 7.88 -10.25
CA VAL A 46 9.19 7.80 -11.55
C VAL A 46 8.97 9.08 -12.35
N ALA A 47 10.00 9.53 -13.07
CA ALA A 47 9.89 10.65 -14.00
C ALA A 47 10.26 10.14 -15.37
N THR A 48 9.56 10.55 -16.41
CA THR A 48 9.91 10.15 -17.77
C THR A 48 10.36 11.38 -18.56
N VAL A 49 11.26 11.14 -19.50
CA VAL A 49 11.84 12.15 -20.36
C VAL A 49 11.87 11.59 -21.80
N ALA A 50 11.15 12.24 -22.71
CA ALA A 50 11.02 11.76 -24.06
C ALA A 50 10.29 12.78 -24.96
N ARG A 51 10.39 12.56 -26.26
CA ARG A 51 9.63 13.34 -27.24
C ARG A 51 9.18 12.43 -28.39
N GLY A 52 8.21 12.91 -29.17
CA GLY A 52 7.72 12.13 -30.30
C GLY A 52 7.16 10.77 -29.94
N SER A 53 7.44 9.78 -30.77
CA SER A 53 6.96 8.44 -30.56
C SER A 53 7.46 7.86 -29.23
N SER A 54 8.69 8.23 -28.84
CA SER A 54 9.25 7.81 -27.55
C SER A 54 8.39 8.24 -26.39
N ASP A 55 7.68 9.35 -26.50
CA ASP A 55 6.80 9.77 -25.41
C ASP A 55 5.53 8.89 -25.31
N HIS A 56 5.10 8.28 -26.42
CA HIS A 56 3.98 7.33 -26.40
C HIS A 56 4.44 6.05 -25.71
N VAL A 57 5.72 5.69 -25.88
CA VAL A 57 6.32 4.61 -25.13
C VAL A 57 6.23 4.94 -23.65
N CYS A 58 6.60 6.16 -23.31
CA CYS A 58 6.56 6.60 -21.90
C CYS A 58 5.13 6.56 -21.32
N THR A 59 4.13 6.95 -22.10
CA THR A 59 2.76 6.83 -21.64
C THR A 59 2.41 5.37 -21.34
N TYR A 60 2.76 4.48 -22.25
CA TYR A 60 2.59 3.03 -22.07
C TYR A 60 3.26 2.57 -20.76
N LEU A 61 4.53 2.93 -20.58
CA LEU A 61 5.26 2.54 -19.40
C LEU A 61 4.77 3.21 -18.10
N SER A 62 4.13 4.37 -18.20
CA SER A 62 3.56 5.03 -17.03
CA SER A 62 3.53 5.06 -17.05
C SER A 62 2.37 4.21 -16.52
N TYR A 63 1.48 3.79 -17.42
CA TYR A 63 0.39 2.88 -17.00
C TYR A 63 0.95 1.60 -16.40
N ALA A 64 1.94 1.01 -17.07
CA ALA A 64 2.54 -0.24 -16.62
C ALA A 64 3.15 -0.08 -15.22
N ALA A 65 3.89 1.00 -14.97
CA ALA A 65 4.51 1.18 -13.63
C ALA A 65 3.47 1.40 -12.52
N GLU A 66 2.46 2.20 -12.85
CA GLU A 66 1.38 2.49 -11.92
C GLU A 66 0.58 1.23 -11.62
N LEU A 67 0.23 0.46 -12.65
CA LEU A 67 -0.55 -0.79 -12.44
C LEU A 67 0.23 -1.94 -11.77
N LEU A 68 1.52 -2.06 -12.08
CA LEU A 68 2.37 -3.13 -11.47
C LEU A 68 2.94 -2.81 -10.10
N LEU A 69 3.43 -1.60 -9.95
CA LEU A 69 4.16 -1.19 -8.77
C LEU A 69 3.49 -0.12 -7.93
N GLY A 70 2.46 0.52 -8.48
CA GLY A 70 1.78 1.61 -7.79
C GLY A 70 2.58 2.92 -7.69
N LEU A 71 3.64 3.04 -8.49
CA LEU A 71 4.49 4.21 -8.44
C LEU A 71 3.93 5.28 -9.35
N PRO A 72 3.75 6.50 -8.82
CA PRO A 72 3.27 7.59 -9.65
C PRO A 72 4.38 8.00 -10.65
N VAL A 73 3.98 8.38 -11.85
CA VAL A 73 4.91 8.68 -12.95
C VAL A 73 4.65 10.09 -13.49
N ALA A 74 5.63 10.94 -13.34
CA ALA A 74 5.55 12.29 -13.83
C ALA A 74 6.28 12.44 -15.16
N SER A 75 5.58 12.95 -16.18
CA SER A 75 6.23 13.28 -17.46
C SER A 75 6.82 14.68 -17.39
N LEU A 76 8.15 14.77 -17.47
CA LEU A 76 8.86 16.01 -17.38
C LEU A 76 9.08 16.70 -18.71
N GLY A 77 8.55 17.92 -18.83
CA GLY A 77 8.74 18.70 -20.04
C GLY A 77 10.20 19.09 -20.13
N PRO A 78 10.92 18.69 -21.21
CA PRO A 78 12.38 18.98 -21.22
C PRO A 78 12.77 20.43 -21.10
N SER A 79 11.86 21.35 -21.43
CA SER A 79 12.15 22.79 -21.28
C SER A 79 12.47 23.17 -19.84
N VAL A 80 11.93 22.40 -18.89
CA VAL A 80 12.19 22.65 -17.46
C VAL A 80 13.70 22.68 -17.20
N ALA A 81 14.43 21.83 -17.90
CA ALA A 81 15.89 21.84 -17.85
C ALA A 81 16.52 22.75 -18.89
N SER A 82 16.14 22.55 -20.14
CA SER A 82 16.84 23.18 -21.29
C SER A 82 16.59 24.67 -21.45
N VAL A 83 15.42 25.14 -21.00
CA VAL A 83 15.10 26.56 -21.05
C VAL A 83 15.26 27.21 -19.67
N TYR A 84 14.63 26.64 -18.66
CA TYR A 84 14.60 27.27 -17.32
C TYR A 84 15.72 26.83 -16.37
N ASP A 85 16.34 25.70 -16.67
CA ASP A 85 17.33 25.06 -15.78
C ASP A 85 16.85 25.09 -14.32
N ALA A 86 15.62 24.65 -14.09
CA ALA A 86 15.05 24.59 -12.77
C ALA A 86 15.70 23.46 -11.97
N ARG A 87 15.77 23.70 -10.66
CA ARG A 87 16.24 22.70 -9.72
C ARG A 87 15.02 21.96 -9.21
N LEU A 88 14.93 20.67 -9.53
CA LEU A 88 13.83 19.82 -9.09
C LEU A 88 14.25 18.95 -7.91
N ARG A 89 13.26 18.50 -7.14
CA ARG A 89 13.47 17.59 -6.02
C ARG A 89 13.22 16.20 -6.55
N LEU A 90 14.31 15.52 -6.94
CA LEU A 90 14.21 14.20 -7.55
C LEU A 90 14.94 13.06 -6.79
N ASP A 91 15.30 13.31 -5.52
CA ASP A 91 15.89 12.28 -4.69
C ASP A 91 14.81 11.18 -4.60
N ARG A 92 15.18 9.92 -4.52
CA ARG A 92 14.16 8.86 -4.45
CA ARG A 92 14.23 8.80 -4.49
C ARG A 92 13.38 8.62 -5.74
N ALA A 93 13.79 9.24 -6.85
CA ALA A 93 13.10 9.05 -8.12
C ALA A 93 13.93 8.20 -9.08
N LEU A 94 13.24 7.41 -9.88
CA LEU A 94 13.80 6.79 -11.09
C LEU A 94 13.49 7.79 -12.19
N CYS A 95 14.47 8.19 -12.98
CA CYS A 95 14.20 8.97 -14.19
C CYS A 95 14.42 8.06 -15.41
N LEU A 96 13.36 7.83 -16.18
CA LEU A 96 13.43 6.96 -17.32
C LEU A 96 13.43 7.81 -18.60
N ALA A 97 14.53 7.79 -19.33
CA ALA A 97 14.66 8.56 -20.58
C ALA A 97 14.53 7.60 -21.76
N VAL A 98 13.70 7.92 -22.74
CA VAL A 98 13.53 7.02 -23.90
C VAL A 98 13.82 7.79 -25.19
N SER A 99 14.77 7.33 -26.00
CA SER A 99 15.12 8.03 -27.23
C SER A 99 15.82 7.09 -28.18
N GLN A 100 15.33 6.99 -29.42
CA GLN A 100 15.94 6.16 -30.49
CA GLN A 100 15.98 6.11 -30.42
C GLN A 100 17.48 6.39 -30.56
N SER A 101 17.87 7.60 -30.94
CA SER A 101 19.28 7.94 -31.16
C SER A 101 20.02 8.46 -29.94
N GLY A 102 19.30 8.99 -28.95
CA GLY A 102 19.96 9.57 -27.77
C GLY A 102 20.75 10.83 -28.05
N LYS A 103 20.42 11.54 -29.12
CA LYS A 103 21.10 12.78 -29.48
C LYS A 103 20.37 14.05 -29.07
N SER A 104 19.05 14.03 -28.98
CA SER A 104 18.29 15.27 -28.68
C SER A 104 18.83 16.08 -27.50
N PRO A 105 19.34 17.30 -27.77
CA PRO A 105 19.85 18.12 -26.69
C PRO A 105 18.88 18.33 -25.53
N ASP A 106 17.59 18.52 -25.82
CA ASP A 106 16.60 18.68 -24.77
C ASP A 106 16.46 17.43 -23.89
N ILE A 107 16.39 16.26 -24.51
CA ILE A 107 16.27 15.00 -23.76
C ILE A 107 17.54 14.76 -22.91
N VAL A 108 18.70 15.06 -23.47
CA VAL A 108 19.97 14.93 -22.78
C VAL A 108 20.02 15.89 -21.59
N ALA A 109 19.58 17.14 -21.80
CA ALA A 109 19.60 18.16 -20.75
C ALA A 109 18.69 17.82 -19.56
N MSE A 110 17.49 17.35 -19.86
CA MSE A 110 16.53 17.01 -18.84
C MSE A 110 17.05 15.79 -18.05
O MSE A 110 16.97 15.77 -16.80
CB MSE A 110 15.17 16.78 -19.47
CG MSE A 110 14.05 16.57 -18.50
SE MSE A 110 13.53 18.13 -17.41
CE MSE A 110 14.63 17.53 -15.96
N THR A 111 17.57 14.82 -18.77
CA THR A 111 18.11 13.62 -18.14
C THR A 111 19.34 13.95 -17.28
N ARG A 112 20.19 14.85 -17.78
CA ARG A 112 21.36 15.28 -17.03
CA ARG A 112 21.37 15.30 -17.03
C ARG A 112 20.96 16.01 -15.73
N ASN A 113 20.00 16.91 -15.85
CA ASN A 113 19.51 17.68 -14.71
C ASN A 113 18.83 16.80 -13.68
N ALA A 114 18.08 15.82 -14.18
CA ALA A 114 17.40 14.88 -13.29
C ALA A 114 18.43 14.19 -12.36
N GLY A 115 19.53 13.70 -12.94
CA GLY A 115 20.64 13.10 -12.18
C GLY A 115 21.27 14.07 -11.20
N ARG A 116 21.56 15.28 -11.67
CA ARG A 116 22.07 16.33 -10.82
C ARG A 116 21.15 16.54 -9.61
N ASP A 117 19.84 16.48 -9.86
CA ASP A 117 18.82 16.72 -8.83
C ASP A 117 18.34 15.49 -8.04
N GLY A 118 19.11 14.40 -8.14
CA GLY A 118 18.94 13.22 -7.29
C GLY A 118 18.41 11.93 -7.86
N ALA A 119 17.94 11.95 -9.09
CA ALA A 119 17.29 10.77 -9.69
C ALA A 119 18.32 9.74 -10.13
N LEU A 120 17.88 8.49 -10.17
CA LEU A 120 18.63 7.37 -10.76
C LEU A 120 18.19 7.39 -12.22
N CYS A 121 19.06 7.82 -13.11
CA CYS A 121 18.70 7.91 -14.54
C CYS A 121 19.02 6.66 -15.33
N VAL A 122 17.99 6.12 -15.99
CA VAL A 122 18.09 4.94 -16.85
C VAL A 122 17.63 5.33 -18.24
N ALA A 123 18.45 5.06 -19.25
CA ALA A 123 18.11 5.38 -20.64
C ALA A 123 17.75 4.11 -21.40
N LEU A 124 16.64 4.18 -22.14
CA LEU A 124 16.20 3.14 -23.08
C LEU A 124 16.50 3.74 -24.48
N THR A 125 17.48 3.18 -25.17
CA THR A 125 17.98 3.76 -26.42
C THR A 125 18.54 2.71 -27.35
N ASN A 126 18.54 3.04 -28.65
CA ASN A 126 19.10 2.18 -29.70
C ASN A 126 20.59 2.48 -29.94
N ASP A 127 21.15 3.46 -29.24
CA ASP A 127 22.57 3.75 -29.32
C ASP A 127 23.18 3.88 -27.94
N ALA A 128 23.83 2.81 -27.48
CA ALA A 128 24.47 2.80 -26.16
C ALA A 128 25.68 3.75 -26.03
N ALA A 129 26.17 4.32 -27.12
CA ALA A 129 27.30 5.25 -27.04
C ALA A 129 26.87 6.69 -27.24
N SER A 130 25.56 6.94 -27.23
CA SER A 130 25.00 8.27 -27.45
C SER A 130 25.24 9.26 -26.33
N PRO A 131 25.06 10.55 -26.61
CA PRO A 131 25.12 11.57 -25.57
C PRO A 131 24.20 11.25 -24.35
N LEU A 132 22.99 10.75 -24.60
CA LEU A 132 22.06 10.38 -23.54
C LEU A 132 22.64 9.27 -22.68
N ALA A 133 23.19 8.23 -23.30
CA ALA A 133 23.83 7.18 -22.55
C ALA A 133 24.84 7.79 -21.59
N GLY A 134 25.58 8.79 -22.09
CA GLY A 134 26.63 9.41 -21.31
C GLY A 134 26.22 10.18 -20.09
N VAL A 135 24.95 10.59 -20.04
CA VAL A 135 24.42 11.32 -18.85
C VAL A 135 23.51 10.44 -17.98
N SER A 136 23.41 9.14 -18.28
CA SER A 136 22.61 8.21 -17.49
C SER A 136 23.45 7.30 -16.61
N ALA A 137 22.87 6.87 -15.48
CA ALA A 137 23.52 5.92 -14.59
C ALA A 137 23.56 4.53 -15.22
N HIS A 138 22.51 4.20 -15.98
CA HIS A 138 22.41 2.94 -16.67
C HIS A 138 21.80 3.14 -18.05
N THR A 139 22.26 2.33 -19.00
CA THR A 139 21.67 2.34 -20.34
C THR A 139 21.21 0.95 -20.70
N ILE A 140 19.96 0.85 -21.15
CA ILE A 140 19.46 -0.39 -21.67
C ILE A 140 19.35 -0.25 -23.19
N ASP A 141 20.19 -1.01 -23.90
CA ASP A 141 20.15 -1.06 -25.35
C ASP A 141 18.88 -1.84 -25.78
N ILE A 142 18.03 -1.18 -26.55
CA ILE A 142 16.76 -1.78 -27.03
C ILE A 142 16.88 -2.80 -28.17
N HIS A 143 18.05 -2.92 -28.76
CA HIS A 143 18.28 -3.90 -29.82
C HIS A 143 17.27 -3.86 -30.97
N ALA A 144 16.92 -2.65 -31.40
CA ALA A 144 16.00 -2.44 -32.51
C ALA A 144 16.77 -2.63 -33.82
N GLY A 145 18.07 -2.40 -33.78
CA GLY A 145 18.91 -2.43 -35.00
C GLY A 145 18.65 -1.16 -35.81
N PRO A 146 19.26 -1.06 -37.00
CA PRO A 146 19.05 0.15 -37.80
C PRO A 146 17.60 0.27 -38.30
N GLU A 147 17.03 1.45 -38.19
CA GLU A 147 15.70 1.69 -38.72
C GLU A 147 15.96 2.37 -40.04
N LEU A 148 15.26 2.00 -41.09
CA LEU A 148 15.32 2.83 -42.30
C LEU A 148 13.94 3.37 -42.66
N SER A 149 12.90 2.95 -41.95
CA SER A 149 11.57 3.43 -42.20
CA SER A 149 11.59 3.48 -42.24
C SER A 149 11.24 4.59 -41.27
N VAL A 150 10.57 5.60 -41.81
CA VAL A 150 10.11 6.72 -40.98
CA VAL A 150 10.06 6.72 -41.04
C VAL A 150 9.09 6.20 -39.97
N ALA A 151 8.43 5.09 -40.26
CA ALA A 151 7.46 4.48 -39.32
C ALA A 151 8.18 4.11 -38.00
N ALA A 152 9.46 3.72 -38.10
CA ALA A 152 10.33 3.38 -36.94
C ALA A 152 9.59 2.47 -35.97
N THR A 153 9.06 1.38 -36.52
CA THR A 153 8.20 0.47 -35.80
C THR A 153 9.01 -0.37 -34.79
N LYS A 154 10.20 -0.77 -35.18
CA LYS A 154 11.04 -1.56 -34.31
C LYS A 154 11.39 -0.80 -33.03
N THR A 155 11.75 0.46 -33.21
CA THR A 155 12.10 1.33 -32.10
C THR A 155 10.94 1.43 -31.11
N PHE A 156 9.72 1.67 -31.61
CA PHE A 156 8.58 1.72 -30.68
C PHE A 156 8.40 0.39 -29.90
N VAL A 157 8.33 -0.71 -30.62
CA VAL A 157 8.08 -2.03 -30.01
C VAL A 157 9.17 -2.41 -29.03
N THR A 158 10.42 -2.35 -29.45
CA THR A 158 11.55 -2.72 -28.58
C THR A 158 11.74 -1.78 -27.38
N SER A 159 11.48 -0.49 -27.57
CA SER A 159 11.54 0.46 -26.44
C SER A 159 10.54 0.03 -25.35
N ALA A 160 9.30 -0.22 -25.77
CA ALA A 160 8.28 -0.64 -24.86
C ALA A 160 8.62 -1.98 -24.19
N VAL A 161 9.12 -2.94 -24.98
CA VAL A 161 9.49 -4.24 -24.44
C VAL A 161 10.61 -4.11 -23.40
N ALA A 162 11.63 -3.32 -23.72
CA ALA A 162 12.73 -3.05 -22.77
C ALA A 162 12.21 -2.52 -21.44
N GLY A 163 11.35 -1.50 -21.51
CA GLY A 163 10.73 -0.93 -20.29
C GLY A 163 9.88 -1.95 -19.54
N LEU A 164 9.10 -2.74 -20.27
CA LEU A 164 8.29 -3.78 -19.64
C LEU A 164 9.12 -4.87 -18.96
N MSE A 165 10.21 -5.28 -19.59
CA MSE A 165 11.18 -6.27 -19.02
C MSE A 165 11.72 -5.73 -17.70
O MSE A 165 11.79 -6.45 -16.71
CB MSE A 165 12.35 -6.52 -19.98
CG MSE A 165 12.00 -7.36 -21.21
SE MSE A 165 13.46 -7.31 -22.52
CE MSE A 165 14.92 -8.26 -21.58
N LEU A 166 12.05 -4.45 -17.67
CA LEU A 166 12.61 -3.83 -16.47
C LEU A 166 11.58 -3.85 -15.37
N LEU A 167 10.36 -3.41 -15.69
CA LEU A 167 9.29 -3.39 -14.72
C LEU A 167 8.92 -4.79 -14.22
N ALA A 168 8.97 -5.78 -15.10
CA ALA A 168 8.63 -7.14 -14.75
C ALA A 168 9.71 -7.73 -13.81
N ASP A 169 10.98 -7.44 -14.07
CA ASP A 169 12.06 -7.94 -13.20
C ASP A 169 11.99 -7.21 -11.86
N TRP A 170 11.72 -5.91 -11.90
CA TRP A 170 11.62 -5.10 -10.68
C TRP A 170 10.46 -5.56 -9.81
N ALA A 171 9.30 -5.83 -10.41
CA ALA A 171 8.13 -6.31 -9.70
C ALA A 171 8.23 -7.83 -9.41
N GLU A 172 9.17 -8.49 -10.06
CA GLU A 172 9.32 -9.94 -9.97
C GLU A 172 8.00 -10.63 -10.36
N ASP A 173 7.48 -10.22 -11.50
CA ASP A 173 6.18 -10.68 -11.97
C ASP A 173 6.36 -11.76 -13.04
N ASP A 174 6.13 -13.00 -12.64
CA ASP A 174 6.31 -14.14 -13.54
C ASP A 174 5.28 -14.24 -14.65
N GLY A 175 4.06 -13.75 -14.46
CA GLY A 175 3.06 -13.77 -15.54
C GLY A 175 3.47 -12.83 -16.67
N LEU A 176 3.89 -11.63 -16.28
CA LEU A 176 4.39 -10.68 -17.28
C LEU A 176 5.68 -11.17 -17.97
N ARG A 177 6.63 -11.73 -17.20
CA ARG A 177 7.88 -12.26 -17.77
C ARG A 177 7.56 -13.36 -18.78
N ALA A 178 6.55 -14.18 -18.49
CA ALA A 178 6.17 -15.29 -19.40
C ALA A 178 5.61 -14.75 -20.68
N ALA A 179 4.72 -13.76 -20.57
CA ALA A 179 4.14 -13.12 -21.75
C ALA A 179 5.22 -12.46 -22.60
N LEU A 180 6.11 -11.72 -21.96
CA LEU A 180 7.24 -11.09 -22.67
C LEU A 180 8.04 -12.15 -23.43
N GLY A 181 8.29 -13.27 -22.77
CA GLY A 181 9.04 -14.38 -23.35
C GLY A 181 8.41 -14.93 -24.62
N ASN A 182 7.09 -14.91 -24.68
CA ASN A 182 6.36 -15.37 -25.87
C ASN A 182 6.07 -14.30 -26.92
N LEU A 183 6.51 -13.07 -26.71
CA LEU A 183 6.20 -12.00 -27.65
C LEU A 183 6.62 -12.21 -29.10
N PRO A 184 7.83 -12.75 -29.35
CA PRO A 184 8.18 -12.99 -30.74
C PRO A 184 7.11 -13.82 -31.50
N GLU A 185 6.57 -14.85 -30.85
CA GLU A 185 5.50 -15.66 -31.44
C GLU A 185 4.24 -14.83 -31.66
N THR A 186 3.80 -14.16 -30.60
CA THR A 186 2.61 -13.32 -30.63
C THR A 186 2.72 -12.27 -31.72
N LEU A 187 3.88 -11.61 -31.80
CA LEU A 187 4.05 -10.50 -32.74
C LEU A 187 4.20 -10.97 -34.16
N ALA A 188 4.75 -12.16 -34.33
CA ALA A 188 4.83 -12.77 -35.66
C ALA A 188 3.40 -12.93 -36.18
N ALA A 189 2.53 -13.53 -35.36
CA ALA A 189 1.12 -13.72 -35.67
C ALA A 189 0.47 -12.38 -35.97
N ALA A 190 0.63 -11.40 -35.03
CA ALA A 190 0.09 -10.07 -35.23
C ALA A 190 0.50 -9.40 -36.56
N SER A 191 1.73 -9.63 -37.02
CA SER A 191 2.20 -8.99 -38.24
C SER A 191 1.52 -9.59 -39.47
N ARG A 192 0.88 -10.74 -39.33
CA ARG A 192 0.19 -11.40 -40.46
C ARG A 192 -1.29 -10.93 -40.60
N ILE A 193 -1.67 -9.89 -39.86
CA ILE A 193 -3.01 -9.33 -39.89
C ILE A 193 -2.90 -7.94 -40.56
N ASP A 194 -3.78 -7.64 -41.50
CA ASP A 194 -3.73 -6.31 -42.12
C ASP A 194 -5.08 -5.63 -42.35
N TRP A 195 -6.12 -6.19 -41.73
CA TRP A 195 -7.42 -5.51 -41.64
C TRP A 195 -7.94 -4.89 -42.93
N PRO A 196 -8.16 -5.73 -43.96
CA PRO A 196 -8.62 -5.24 -45.28
C PRO A 196 -9.90 -4.38 -45.26
N GLU A 197 -10.83 -4.72 -44.39
CA GLU A 197 -12.08 -3.97 -44.22
C GLU A 197 -11.80 -2.54 -43.76
N MSE A 198 -10.79 -2.33 -42.91
CA MSE A 198 -10.42 -0.98 -42.49
CA MSE A 198 -10.45 -0.97 -42.51
C MSE A 198 -9.78 -0.22 -43.65
O MSE A 198 -10.01 0.95 -43.83
CB MSE A 198 -9.43 -1.02 -41.30
CB MSE A 198 -9.50 -0.94 -41.33
CG MSE A 198 -8.82 0.33 -40.96
CG MSE A 198 -10.09 -1.40 -40.08
SE MSE A 198 -10.13 1.55 -40.22
SE MSE A 198 -9.21 -0.41 -38.69
CE MSE A 198 -10.32 0.59 -38.56
CE MSE A 198 -10.05 1.26 -38.93
N ARG A 199 -8.95 -0.90 -44.44
CA ARG A 199 -8.28 -0.26 -45.56
C ARG A 199 -9.33 0.28 -46.56
N VAL A 200 -10.35 -0.53 -46.86
CA VAL A 200 -11.45 -0.06 -47.71
C VAL A 200 -12.16 1.17 -47.10
N ALA A 201 -12.42 1.14 -45.80
CA ALA A 201 -13.12 2.25 -45.11
C ALA A 201 -12.30 3.52 -45.18
N ILE A 202 -11.00 3.39 -44.91
CA ILE A 202 -10.11 4.56 -44.97
C ILE A 202 -9.97 5.06 -46.40
N GLY A 203 -9.86 4.15 -47.37
CA GLY A 203 -9.81 4.56 -48.76
C GLY A 203 -11.03 5.36 -49.16
N ALA A 204 -12.19 4.98 -48.65
CA ALA A 204 -13.45 5.70 -48.92
C ALA A 204 -13.52 7.05 -48.22
N ARG A 205 -12.98 7.13 -47.01
CA ARG A 205 -13.06 8.33 -46.15
C ARG A 205 -11.70 8.46 -45.49
N PRO A 206 -10.75 9.12 -46.18
CA PRO A 206 -9.34 9.08 -45.81
C PRO A 206 -8.82 9.92 -44.63
N SER A 207 -9.37 9.68 -43.45
CA SER A 207 -8.87 10.21 -42.18
C SER A 207 -9.22 9.13 -41.17
N LEU A 208 -8.64 9.22 -39.98
CA LEU A 208 -8.85 8.14 -39.03
C LEU A 208 -8.92 8.62 -37.59
N PHE A 209 -9.89 8.09 -36.83
CA PHE A 209 -9.93 8.29 -35.40
C PHE A 209 -9.53 7.01 -34.68
N THR A 210 -8.57 7.12 -33.79
CA THR A 210 -8.17 5.98 -32.95
C THR A 210 -8.63 6.22 -31.51
N LEU A 211 -9.00 5.14 -30.83
CA LEU A 211 -9.42 5.19 -29.45
C LEU A 211 -8.62 4.20 -28.61
N GLY A 212 -8.49 4.56 -27.34
CA GLY A 212 -7.86 3.69 -26.36
C GLY A 212 -8.52 4.00 -25.01
N ARG A 213 -8.29 3.14 -24.04
CA ARG A 213 -8.80 3.35 -22.70
C ARG A 213 -7.79 2.72 -21.74
N GLY A 214 -7.26 3.49 -20.79
CA GLY A 214 -6.18 2.99 -19.96
C GLY A 214 -4.91 2.76 -20.78
N THR A 215 -4.24 1.64 -20.54
CA THR A 215 -2.92 1.34 -21.16
C THR A 215 -2.93 1.50 -22.68
N SER A 216 -4.01 1.04 -23.33
CA SER A 216 -4.06 1.03 -24.79
C SER A 216 -4.15 2.44 -25.40
N LEU A 217 -4.45 3.44 -24.57
CA LEU A 217 -4.41 4.82 -25.06
C LEU A 217 -3.04 5.17 -25.60
N ALA A 218 -1.98 4.56 -25.06
CA ALA A 218 -0.61 4.85 -25.52
C ALA A 218 -0.41 4.39 -26.96
N VAL A 219 -0.88 3.20 -27.29
CA VAL A 219 -0.77 2.69 -28.68
C VAL A 219 -1.81 3.38 -29.58
N SER A 220 -2.97 3.81 -29.05
CA SER A 220 -3.92 4.60 -29.82
C SER A 220 -3.23 5.92 -30.26
N ASN A 221 -2.47 6.52 -29.36
CA ASN A 221 -1.77 7.79 -29.64
C ASN A 221 -0.67 7.54 -30.70
N GLU A 222 0.07 6.46 -30.51
CA GLU A 222 1.15 6.05 -31.44
C GLU A 222 0.59 5.79 -32.83
N ALA A 223 -0.56 5.11 -32.87
CA ALA A 223 -1.22 4.76 -34.14
C ALA A 223 -1.58 6.02 -34.94
N ALA A 224 -2.19 7.00 -34.28
CA ALA A 224 -2.53 8.26 -34.96
C ALA A 224 -1.26 8.96 -35.48
N LEU A 225 -0.20 8.99 -34.66
CA LEU A 225 1.05 9.59 -35.07
C LEU A 225 1.61 8.96 -36.34
N LYS A 226 1.75 7.63 -36.31
CA LYS A 226 2.38 6.94 -37.42
C LYS A 226 1.52 6.92 -38.71
N PHE A 227 0.21 6.97 -38.54
CA PHE A 227 -0.67 7.08 -39.70
C PHE A 227 -0.40 8.40 -40.41
N LYS A 228 -0.28 9.50 -39.66
CA LYS A 228 0.03 10.82 -40.25
C LYS A 228 1.41 10.82 -40.90
N GLU A 229 2.37 10.25 -40.19
CA GLU A 229 3.75 10.20 -40.60
C GLU A 229 3.92 9.47 -41.92
N THR A 230 3.29 8.30 -42.00
CA THR A 230 3.50 7.41 -43.15
C THR A 230 2.57 7.67 -44.34
N CYS A 231 1.34 8.11 -44.09
CA CYS A 231 0.37 8.29 -45.16
C CYS A 231 0.05 9.73 -45.50
N GLN A 232 0.50 10.66 -44.66
CA GLN A 232 0.21 12.08 -44.85
C GLN A 232 -1.30 12.33 -44.93
N LEU A 233 -2.04 11.62 -44.07
CA LEU A 233 -3.48 11.78 -43.92
C LEU A 233 -3.70 12.06 -42.45
N HIS A 234 -4.80 12.73 -42.14
CA HIS A 234 -5.06 13.15 -40.79
C HIS A 234 -5.55 12.00 -39.92
N ALA A 235 -5.09 11.97 -38.68
CA ALA A 235 -5.59 11.08 -37.66
C ALA A 235 -5.60 11.75 -36.31
N GLU A 236 -6.49 11.31 -35.42
CA GLU A 236 -6.57 11.85 -34.05
CA GLU A 236 -6.49 11.81 -34.05
C GLU A 236 -6.89 10.70 -33.10
N SER A 237 -6.17 10.68 -31.97
CA SER A 237 -6.38 9.69 -30.92
C SER A 237 -7.16 10.26 -29.73
N TYR A 238 -8.09 9.47 -29.19
CA TYR A 238 -8.88 9.90 -28.07
C TYR A 238 -9.06 8.81 -27.07
N SER A 239 -9.22 9.20 -25.80
CA SER A 239 -9.73 8.26 -24.84
C SER A 239 -11.18 7.98 -25.25
N SER A 240 -11.59 6.72 -25.16
CA SER A 240 -12.97 6.31 -25.45
C SER A 240 -13.94 6.94 -24.42
N ALA A 241 -13.42 7.26 -23.23
CA ALA A 241 -14.22 7.93 -22.20
C ALA A 241 -14.39 9.43 -22.49
N GLU A 242 -13.60 9.99 -23.39
CA GLU A 242 -13.71 11.40 -23.72
C GLU A 242 -14.20 11.69 -25.12
N VAL A 243 -14.18 10.71 -26.00
CA VAL A 243 -14.46 10.93 -27.43
C VAL A 243 -15.85 11.52 -27.69
N LEU A 244 -16.83 11.13 -26.88
CA LEU A 244 -18.19 11.66 -27.07
C LEU A 244 -18.43 13.02 -26.40
N HIS A 245 -17.42 13.61 -25.78
CA HIS A 245 -17.54 14.91 -25.11
C HIS A 245 -16.56 15.96 -25.62
N GLY A 246 -15.90 15.71 -26.75
CA GLY A 246 -14.88 16.66 -27.26
C GLY A 246 -15.43 17.76 -28.17
N PRO A 247 -14.56 18.72 -28.58
CA PRO A 247 -14.88 19.87 -29.46
C PRO A 247 -15.63 19.55 -30.75
N VAL A 248 -15.27 18.44 -31.39
CA VAL A 248 -15.90 18.04 -32.64
C VAL A 248 -16.66 16.72 -32.51
N SER A 249 -17.74 16.60 -33.27
CA SER A 249 -18.54 15.38 -33.27
C SER A 249 -17.84 14.35 -34.11
N ILE A 250 -17.36 13.30 -33.44
CA ILE A 250 -16.71 12.16 -34.09
C ILE A 250 -17.64 11.54 -35.14
N VAL A 251 -18.91 11.35 -34.79
CA VAL A 251 -19.88 10.76 -35.73
C VAL A 251 -20.14 11.64 -36.97
N GLU A 252 -20.33 12.94 -36.76
CA GLU A 252 -20.59 13.89 -37.86
C GLU A 252 -19.42 14.00 -38.85
N GLU A 253 -18.20 13.69 -38.39
CA GLU A 253 -17.03 13.74 -39.24
C GLU A 253 -17.07 12.71 -40.36
N GLY A 254 -17.72 11.58 -40.08
CA GLY A 254 -17.86 10.52 -41.07
C GLY A 254 -16.59 9.74 -41.42
N PHE A 255 -15.63 9.68 -40.50
CA PHE A 255 -14.42 8.91 -40.71
C PHE A 255 -14.39 7.63 -39.88
N PRO A 256 -13.63 6.61 -40.34
CA PRO A 256 -13.56 5.36 -39.60
C PRO A 256 -12.94 5.54 -38.20
N VAL A 257 -13.42 4.72 -37.26
CA VAL A 257 -12.97 4.77 -35.88
C VAL A 257 -12.37 3.40 -35.56
N LEU A 258 -11.19 3.40 -34.94
CA LEU A 258 -10.52 2.17 -34.58
C LEU A 258 -10.30 2.13 -33.07
N GLY A 259 -10.97 1.21 -32.38
CA GLY A 259 -10.83 1.05 -30.95
C GLY A 259 -9.77 0.02 -30.56
N PHE A 260 -8.70 0.50 -29.93
CA PHE A 260 -7.63 -0.33 -29.39
C PHE A 260 -8.06 -0.89 -28.04
N ALA A 261 -8.43 -2.16 -28.05
CA ALA A 261 -8.83 -2.88 -26.81
C ALA A 261 -7.84 -4.02 -26.47
N ALA A 262 -7.21 -3.92 -25.30
CA ALA A 262 -6.36 -4.97 -24.77
C ALA A 262 -7.25 -5.87 -23.92
N GLY A 263 -6.79 -7.09 -23.63
CA GLY A 263 -7.49 -8.01 -22.74
C GLY A 263 -7.21 -7.66 -21.29
N ASP A 264 -7.76 -6.53 -20.86
CA ASP A 264 -7.57 -6.01 -19.53
C ASP A 264 -8.90 -5.45 -19.03
N ALA A 265 -8.88 -4.75 -17.91
CA ALA A 265 -10.09 -4.18 -17.30
C ALA A 265 -10.79 -3.12 -18.16
N ALA A 266 -10.06 -2.56 -19.13
CA ALA A 266 -10.60 -1.54 -20.03
C ALA A 266 -11.24 -2.13 -21.28
N GLU A 267 -11.14 -3.44 -21.46
CA GLU A 267 -11.71 -4.05 -22.65
C GLU A 267 -13.21 -3.81 -22.72
N ALA A 268 -13.94 -4.08 -21.63
CA ALA A 268 -15.40 -3.88 -21.66
C ALA A 268 -15.83 -2.41 -21.89
N PRO A 269 -15.32 -1.46 -21.08
CA PRO A 269 -15.71 -0.08 -21.39
C PRO A 269 -15.34 0.44 -22.79
N LEU A 270 -14.21 0.00 -23.35
CA LEU A 270 -13.82 0.38 -24.70
C LEU A 270 -14.86 -0.16 -25.68
N ALA A 271 -15.16 -1.44 -25.56
CA ALA A 271 -16.17 -2.10 -26.39
C ALA A 271 -17.54 -1.38 -26.30
N GLU A 272 -17.95 -1.01 -25.09
CA GLU A 272 -19.19 -0.31 -24.84
C GLU A 272 -19.31 1.02 -25.64
N ILE A 273 -18.27 1.83 -25.57
CA ILE A 273 -18.25 3.10 -26.32
C ILE A 273 -18.17 2.84 -27.82
N ALA A 274 -17.40 1.82 -28.24
CA ALA A 274 -17.27 1.48 -29.65
C ALA A 274 -18.66 1.18 -30.20
N ASP A 275 -19.41 0.37 -29.45
CA ASP A 275 -20.76 0.04 -29.86
C ASP A 275 -21.71 1.26 -29.90
N GLN A 276 -21.60 2.17 -28.92
CA GLN A 276 -22.44 3.36 -28.85
C GLN A 276 -22.22 4.24 -30.08
N ILE A 277 -20.96 4.36 -30.47
CA ILE A 277 -20.55 5.12 -31.64
C ILE A 277 -21.15 4.47 -32.91
N ALA A 278 -21.00 3.13 -33.03
CA ALA A 278 -21.57 2.37 -34.15
C ALA A 278 -23.09 2.49 -34.21
N ALA A 279 -23.74 2.57 -33.05
CA ALA A 279 -25.21 2.73 -32.97
C ALA A 279 -25.69 4.11 -33.50
N LYS A 280 -24.78 5.06 -33.62
CA LYS A 280 -25.11 6.37 -34.23
C LYS A 280 -24.89 6.40 -35.75
N GLY A 281 -24.50 5.25 -36.32
CA GLY A 281 -24.29 5.10 -37.74
C GLY A 281 -22.85 5.22 -38.24
N ALA A 282 -21.93 5.51 -37.33
CA ALA A 282 -20.50 5.61 -37.69
C ALA A 282 -19.88 4.25 -38.02
N THR A 283 -18.78 4.32 -38.75
CA THR A 283 -18.02 3.14 -39.14
C THR A 283 -16.98 2.90 -38.06
N VAL A 284 -17.19 1.87 -37.25
CA VAL A 284 -16.34 1.58 -36.11
C VAL A 284 -15.86 0.13 -36.09
N PHE A 285 -14.57 -0.03 -35.79
CA PHE A 285 -13.89 -1.32 -35.68
C PHE A 285 -13.22 -1.37 -34.31
N ALA A 286 -13.10 -2.55 -33.72
CA ALA A 286 -12.43 -2.65 -32.40
C ALA A 286 -11.74 -3.97 -32.25
N THR A 287 -10.61 -4.00 -31.54
CA THR A 287 -9.77 -5.21 -31.38
C THR A 287 -10.24 -6.06 -30.20
N THR A 288 -11.49 -6.47 -30.23
CA THR A 288 -12.09 -7.24 -29.17
C THR A 288 -13.35 -7.93 -29.66
N GLY A 289 -13.56 -9.12 -29.13
CA GLY A 289 -14.74 -9.92 -29.40
C GLY A 289 -15.95 -9.42 -28.65
N ARG A 290 -15.75 -8.49 -27.73
CA ARG A 290 -16.84 -7.98 -26.89
C ARG A 290 -17.80 -7.02 -27.56
N VAL A 291 -17.43 -6.43 -28.69
CA VAL A 291 -18.33 -5.54 -29.42
C VAL A 291 -19.39 -6.37 -30.14
N THR A 292 -20.62 -5.84 -30.12
CA THR A 292 -21.77 -6.50 -30.71
C THR A 292 -22.34 -5.73 -31.89
N ARG A 293 -21.94 -4.45 -32.03
CA ARG A 293 -22.38 -3.56 -33.11
CA ARG A 293 -22.37 -3.63 -33.16
C ARG A 293 -21.14 -3.16 -33.95
N ALA A 294 -20.12 -2.61 -33.29
CA ALA A 294 -18.88 -2.28 -33.96
C ALA A 294 -18.29 -3.57 -34.54
N ARG A 295 -17.53 -3.47 -35.63
CA ARG A 295 -16.96 -4.63 -36.27
C ARG A 295 -15.77 -5.16 -35.48
N VAL A 296 -15.65 -6.48 -35.34
CA VAL A 296 -14.50 -7.08 -34.63
C VAL A 296 -13.29 -7.13 -35.54
N LEU A 297 -12.17 -6.56 -35.07
CA LEU A 297 -10.93 -6.64 -35.83
C LEU A 297 -10.14 -7.85 -35.36
N GLU A 298 -9.57 -8.54 -36.32
CA GLU A 298 -8.71 -9.68 -36.06
C GLU A 298 -7.55 -9.24 -35.16
N HIS A 299 -7.29 -9.99 -34.08
CA HIS A 299 -6.19 -9.66 -33.16
C HIS A 299 -5.62 -10.85 -32.41
N VAL A 300 -4.41 -10.64 -31.87
CA VAL A 300 -3.73 -11.69 -31.14
C VAL A 300 -3.46 -11.27 -29.69
N ARG A 301 -4.01 -12.02 -28.74
CA ARG A 301 -3.78 -11.76 -27.35
C ARG A 301 -2.41 -12.33 -26.95
N SER A 302 -1.80 -11.72 -25.93
CA SER A 302 -0.40 -11.96 -25.57
C SER A 302 -0.11 -12.80 -24.32
N GLY A 303 -1.11 -13.03 -23.49
CA GLY A 303 -0.92 -13.69 -22.19
C GLY A 303 -0.94 -12.77 -20.99
N HIS A 304 -0.87 -11.46 -21.22
CA HIS A 304 -0.87 -10.48 -20.11
C HIS A 304 -1.42 -9.14 -20.59
N ALA A 305 -2.22 -8.50 -19.74
CA ALA A 305 -2.79 -7.18 -20.01
C ALA A 305 -1.78 -6.19 -20.54
N LEU A 306 -0.58 -6.14 -19.96
CA LEU A 306 0.37 -5.08 -20.32
C LEU A 306 1.14 -5.28 -21.64
N THR A 307 1.23 -6.51 -22.12
CA THR A 307 1.88 -6.79 -23.40
C THR A 307 0.86 -6.78 -24.56
N ASP A 308 -0.43 -6.86 -24.26
CA ASP A 308 -1.46 -6.89 -25.31
C ASP A 308 -1.38 -5.74 -26.30
N PRO A 309 -1.18 -4.49 -25.84
CA PRO A 309 -1.10 -3.39 -26.79
C PRO A 309 -0.02 -3.49 -27.86
N LEU A 310 1.10 -4.15 -27.56
CA LEU A 310 2.16 -4.32 -28.54
C LEU A 310 1.70 -5.19 -29.71
N SER A 311 0.89 -6.21 -29.43
CA SER A 311 0.37 -7.03 -30.51
C SER A 311 -0.56 -6.15 -31.41
N LEU A 312 -1.40 -5.33 -30.79
CA LEU A 312 -2.35 -4.48 -31.52
C LEU A 312 -1.65 -3.48 -32.43
N ILE A 313 -0.60 -2.83 -31.93
CA ILE A 313 0.13 -1.85 -32.72
C ILE A 313 0.85 -2.51 -33.90
N VAL A 314 1.35 -3.73 -33.73
CA VAL A 314 1.99 -4.45 -34.85
C VAL A 314 0.94 -4.71 -35.97
N SER A 315 -0.25 -5.15 -35.58
CA SER A 315 -1.33 -5.35 -36.55
C SER A 315 -1.69 -4.01 -37.25
N PHE A 316 -1.73 -2.94 -36.45
CA PHE A 316 -2.02 -1.63 -37.02
C PHE A 316 -0.96 -1.22 -38.04
N TYR A 317 0.32 -1.39 -37.68
CA TYR A 317 1.43 -1.04 -38.56
C TYR A 317 1.29 -1.76 -39.91
N SER A 318 0.98 -3.04 -39.80
CA SER A 318 0.76 -3.91 -40.94
C SER A 318 -0.42 -3.41 -41.80
N MSE A 319 -1.53 -3.03 -41.17
CA MSE A 319 -2.67 -2.43 -41.91
C MSE A 319 -2.25 -1.16 -42.68
O MSE A 319 -2.51 -1.03 -43.90
CB MSE A 319 -3.83 -2.14 -40.97
CG MSE A 319 -5.11 -1.60 -41.62
SE MSE A 319 -5.03 0.30 -42.02
CE MSE A 319 -5.26 0.97 -40.18
N VAL A 320 -1.53 -0.26 -41.98
CA VAL A 320 -1.09 1.01 -42.59
C VAL A 320 -0.13 0.76 -43.77
N GLU A 321 0.81 -0.15 -43.63
CA GLU A 321 1.73 -0.43 -44.73
C GLU A 321 0.96 -0.97 -45.94
N ALA A 322 0.01 -1.89 -45.70
CA ALA A 322 -0.78 -2.45 -46.79
C ALA A 322 -1.61 -1.35 -47.45
N PHE A 323 -2.21 -0.48 -46.64
CA PHE A 323 -3.02 0.63 -47.12
C PHE A 323 -2.22 1.53 -48.06
N ALA A 324 -1.03 1.89 -47.61
CA ALA A 324 -0.19 2.79 -48.38
C ALA A 324 0.34 2.13 -49.66
N SER A 325 0.87 0.91 -49.54
CA SER A 325 1.49 0.26 -50.70
C SER A 325 0.47 -0.04 -51.82
N GLU A 326 -0.72 -0.47 -51.47
CA GLU A 326 -1.72 -0.75 -52.49
C GLU A 326 -2.28 0.54 -53.13
N ARG A 327 -2.01 1.70 -52.53
CA ARG A 327 -2.41 3.02 -53.09
C ARG A 327 -1.23 3.81 -53.65
N GLY A 328 -0.10 3.14 -53.86
CA GLY A 328 1.10 3.80 -54.38
C GLY A 328 1.69 4.90 -53.52
N ILE A 329 1.57 4.76 -52.21
CA ILE A 329 2.19 5.69 -51.28
C ILE A 329 3.34 4.88 -50.70
N ASP A 330 4.59 5.29 -50.93
CA ASP A 330 5.71 4.63 -50.26
C ASP A 330 5.93 5.54 -49.09
N PRO A 331 5.70 5.04 -47.87
CA PRO A 331 5.92 5.90 -46.70
C PRO A 331 7.30 6.56 -46.66
N ASP A 332 8.29 5.91 -47.27
CA ASP A 332 9.68 6.37 -47.31
C ASP A 332 10.08 6.85 -48.72
N HIS B 5 -26.47 44.50 -28.41
CA HIS B 5 -26.49 43.06 -28.84
C HIS B 5 -25.10 42.38 -28.92
N ILE B 6 -24.42 42.21 -27.78
CA ILE B 6 -23.12 41.50 -27.78
C ILE B 6 -23.42 40.00 -27.60
N THR B 7 -22.54 39.14 -28.10
CA THR B 7 -22.71 37.71 -27.99
C THR B 7 -22.50 37.29 -26.55
N ARG B 8 -23.01 36.11 -26.21
CA ARG B 8 -22.80 35.55 -24.87
C ARG B 8 -21.32 35.32 -24.63
N MSE B 9 -20.57 34.94 -25.68
CA MSE B 9 -19.12 34.75 -25.53
C MSE B 9 -18.45 36.08 -25.19
O MSE B 9 -17.57 36.14 -24.32
CB MSE B 9 -18.49 34.16 -26.82
CG MSE B 9 -17.06 33.73 -26.56
SE MSE B 9 -16.30 32.90 -28.11
CE MSE B 9 -14.43 32.77 -27.53
N ARG B 10 -18.82 37.15 -25.88
CA ARG B 10 -18.24 38.46 -25.59
C ARG B 10 -18.57 38.92 -24.16
N ARG B 11 -19.82 38.72 -23.76
CA ARG B 11 -20.25 39.05 -22.40
C ARG B 11 -19.44 38.26 -21.37
N GLU B 12 -19.22 36.99 -21.68
CA GLU B 12 -18.43 36.13 -20.79
C GLU B 12 -16.99 36.66 -20.60
N ILE B 13 -16.35 37.01 -21.73
CA ILE B 13 -15.01 37.59 -21.71
C ILE B 13 -14.98 38.89 -20.89
N ASP B 14 -16.02 39.70 -21.07
CA ASP B 14 -16.16 40.97 -20.37
C ASP B 14 -16.29 40.75 -18.85
N GLU B 15 -16.83 39.60 -18.45
CA GLU B 15 -16.98 39.26 -17.03
C GLU B 15 -15.72 38.73 -16.38
N ILE B 16 -14.71 38.36 -17.18
CA ILE B 16 -13.48 37.77 -16.65
C ILE B 16 -12.80 38.63 -15.59
N PRO B 17 -12.52 39.90 -15.89
CA PRO B 17 -11.87 40.72 -14.84
C PRO B 17 -12.59 40.72 -13.46
N GLU B 18 -13.92 40.91 -13.40
CA GLU B 18 -14.68 40.94 -12.13
CA GLU B 18 -14.54 40.95 -12.06
C GLU B 18 -14.68 39.57 -11.43
N ALA B 19 -14.78 38.54 -12.23
CA ALA B 19 -14.74 37.12 -11.75
C ALA B 19 -13.39 36.89 -11.06
N VAL B 20 -12.29 37.34 -11.66
CA VAL B 20 -10.98 37.25 -11.03
C VAL B 20 -10.94 38.10 -9.73
N GLN B 21 -11.56 39.28 -9.75
CA GLN B 21 -11.60 40.11 -8.55
C GLN B 21 -12.35 39.44 -7.41
N ARG B 22 -13.44 38.76 -7.71
CA ARG B 22 -14.20 38.07 -6.68
C ARG B 22 -13.43 36.90 -6.13
N LEU B 23 -12.68 36.24 -7.00
CA LEU B 23 -11.80 35.16 -6.53
C LEU B 23 -10.75 35.72 -5.56
N LEU B 24 -10.08 36.79 -5.96
CA LEU B 24 -9.15 37.46 -5.04
C LEU B 24 -9.82 37.88 -3.73
N ASP B 25 -11.03 38.44 -3.82
CA ASP B 25 -11.73 38.95 -2.64
C ASP B 25 -12.26 37.85 -1.74
N HIS B 26 -12.91 36.86 -2.31
CA HIS B 26 -13.62 35.87 -1.50
C HIS B 26 -12.94 34.51 -1.38
N GLY B 27 -11.91 34.29 -2.19
CA GLY B 27 -11.15 33.02 -2.16
C GLY B 27 -9.82 33.10 -1.43
N ALA B 28 -9.35 34.31 -1.10
CA ALA B 28 -8.00 34.49 -0.54
C ALA B 28 -7.80 33.75 0.79
N GLN B 29 -8.81 33.79 1.67
CA GLN B 29 -8.69 33.07 2.94
C GLN B 29 -8.58 31.56 2.75
N ASP B 30 -9.44 30.96 1.92
CA ASP B 30 -9.36 29.54 1.66
C ASP B 30 -8.00 29.17 1.04
N VAL B 31 -7.55 29.95 0.07
CA VAL B 31 -6.28 29.68 -0.55
C VAL B 31 -5.11 29.77 0.46
N ALA B 32 -5.11 30.82 1.27
CA ALA B 32 -4.07 31.00 2.28
C ALA B 32 -4.01 29.86 3.30
N ARG B 33 -5.18 29.34 3.65
CA ARG B 33 -5.28 28.24 4.60
CA ARG B 33 -5.24 28.24 4.61
C ARG B 33 -4.60 26.99 4.01
N VAL B 34 -5.00 26.66 2.79
CA VAL B 34 -4.45 25.45 2.14
C VAL B 34 -2.95 25.61 1.87
N ALA B 35 -2.54 26.81 1.45
CA ALA B 35 -1.12 27.07 1.24
C ALA B 35 -0.30 26.87 2.54
N ALA B 36 -0.85 27.30 3.68
CA ALA B 36 -0.17 27.12 4.99
C ALA B 36 -0.06 25.64 5.29
N VAL B 37 -1.12 24.90 5.04
CA VAL B 37 -1.05 23.41 5.23
C VAL B 37 0.08 22.82 4.37
N LEU B 38 0.10 23.16 3.09
CA LEU B 38 1.12 22.63 2.18
C LEU B 38 2.53 23.06 2.49
N ARG B 39 2.69 24.32 2.86
CA ARG B 39 4.00 24.84 3.19
CA ARG B 39 4.00 24.84 3.19
C ARG B 39 4.66 24.02 4.31
N LEU B 40 3.89 23.67 5.35
CA LEU B 40 4.42 22.87 6.47
C LEU B 40 4.46 21.37 6.16
N ARG B 41 3.49 20.89 5.40
CA ARG B 41 3.47 19.48 4.98
C ARG B 41 4.70 19.12 4.13
N ASP B 42 5.11 20.03 3.28
CA ASP B 42 6.28 19.83 2.42
C ASP B 42 6.21 18.52 1.59
N PRO B 43 5.18 18.42 0.74
CA PRO B 43 5.02 17.25 -0.08
C PRO B 43 6.20 17.08 -1.01
N SER B 44 6.59 15.85 -1.30
CA SER B 44 7.72 15.60 -2.21
C SER B 44 7.31 15.59 -3.69
N PHE B 45 6.02 15.48 -3.99
CA PHE B 45 5.54 15.62 -5.36
C PHE B 45 4.05 15.97 -5.38
N VAL B 46 3.59 16.32 -6.58
CA VAL B 46 2.24 16.73 -6.79
C VAL B 46 1.66 15.82 -7.89
N ALA B 47 0.37 15.48 -7.78
CA ALA B 47 -0.33 14.73 -8.79
C ALA B 47 -1.50 15.62 -9.21
N THR B 48 -1.88 15.54 -10.47
CA THR B 48 -3.02 16.32 -10.96
C THR B 48 -4.06 15.36 -11.56
N VAL B 49 -5.32 15.77 -11.43
CA VAL B 49 -6.44 15.01 -11.90
C VAL B 49 -7.41 15.97 -12.60
N ALA B 50 -7.60 15.80 -13.92
CA ALA B 50 -8.45 16.70 -14.70
C ALA B 50 -8.72 16.09 -16.09
N ARG B 51 -9.68 16.69 -16.80
CA ARG B 51 -10.00 16.34 -18.17
C ARG B 51 -10.33 17.63 -18.93
N GLY B 52 -10.33 17.53 -20.25
CA GLY B 52 -10.70 18.68 -21.05
C GLY B 52 -9.87 19.90 -20.73
N SER B 53 -10.52 21.08 -20.78
CA SER B 53 -9.86 22.37 -20.55
C SER B 53 -9.17 22.41 -19.18
N SER B 54 -9.79 21.79 -18.17
CA SER B 54 -9.17 21.72 -16.83
C SER B 54 -7.81 21.05 -16.86
N ASP B 55 -7.58 20.13 -17.81
CA ASP B 55 -6.25 19.49 -17.91
C ASP B 55 -5.19 20.45 -18.46
N HIS B 56 -5.63 21.43 -19.26
CA HIS B 56 -4.70 22.49 -19.74
C HIS B 56 -4.32 23.41 -18.55
N VAL B 57 -5.29 23.68 -17.69
CA VAL B 57 -5.01 24.38 -16.43
C VAL B 57 -3.99 23.58 -15.64
N CYS B 58 -4.22 22.28 -15.49
CA CYS B 58 -3.19 21.44 -14.83
C CYS B 58 -1.78 21.53 -15.46
N THR B 59 -1.70 21.54 -16.78
CA THR B 59 -0.39 21.70 -17.45
C THR B 59 0.28 23.02 -17.01
N TYR B 60 -0.49 24.08 -17.02
CA TYR B 60 -0.04 25.41 -16.65
C TYR B 60 0.50 25.34 -15.22
N LEU B 61 -0.30 24.79 -14.29
CA LEU B 61 0.06 24.69 -12.88
C LEU B 61 1.26 23.74 -12.63
N SER B 62 1.42 22.74 -13.51
CA SER B 62 2.54 21.80 -13.44
CA SER B 62 2.53 21.80 -13.41
C SER B 62 3.84 22.55 -13.66
N TYR B 63 3.91 23.30 -14.74
CA TYR B 63 5.07 24.18 -15.00
C TYR B 63 5.28 25.15 -13.83
N ALA B 64 4.21 25.78 -13.37
CA ALA B 64 4.32 26.78 -12.28
C ALA B 64 4.91 26.15 -11.01
N ALA B 65 4.38 24.99 -10.62
CA ALA B 65 4.89 24.29 -9.41
C ALA B 65 6.35 23.82 -9.56
N GLU B 66 6.72 23.31 -10.75
CA GLU B 66 8.09 22.90 -10.96
C GLU B 66 9.09 24.05 -10.93
N LEU B 67 8.71 25.18 -11.53
CA LEU B 67 9.55 26.37 -11.61
C LEU B 67 9.61 27.13 -10.28
N LEU B 68 8.49 27.19 -9.55
CA LEU B 68 8.44 27.89 -8.24
C LEU B 68 8.91 27.10 -7.05
N LEU B 69 8.48 25.85 -6.98
CA LEU B 69 8.72 24.99 -5.82
C LEU B 69 9.66 23.81 -6.03
N GLY B 70 9.98 23.54 -7.27
CA GLY B 70 10.86 22.42 -7.63
C GLY B 70 10.28 21.03 -7.44
N LEU B 71 8.96 20.95 -7.37
CA LEU B 71 8.30 19.67 -7.14
C LEU B 71 7.87 19.05 -8.45
N PRO B 72 8.22 17.77 -8.66
CA PRO B 72 7.74 17.15 -9.89
C PRO B 72 6.24 16.90 -9.84
N VAL B 73 5.60 17.04 -10.97
CA VAL B 73 4.14 16.95 -11.08
C VAL B 73 3.71 15.82 -12.02
N ALA B 74 2.92 14.90 -11.49
CA ALA B 74 2.46 13.75 -12.24
C ALA B 74 1.01 13.89 -12.64
N SER B 75 0.72 13.81 -13.93
CA SER B 75 -0.67 13.82 -14.40
C SER B 75 -1.20 12.37 -14.34
N LEU B 76 -2.21 12.13 -13.52
CA LEU B 76 -2.80 10.80 -13.31
C LEU B 76 -3.99 10.50 -14.22
N GLY B 77 -3.84 9.45 -15.03
CA GLY B 77 -4.88 9.02 -15.93
C GLY B 77 -6.02 8.54 -15.09
N PRO B 78 -7.19 9.20 -15.16
CA PRO B 78 -8.28 8.75 -14.23
C PRO B 78 -8.70 7.29 -14.33
N SER B 79 -8.44 6.61 -15.46
CA SER B 79 -8.78 5.18 -15.58
C SER B 79 -7.99 4.34 -14.59
N VAL B 80 -6.84 4.84 -14.16
CA VAL B 80 -6.07 4.11 -13.15
C VAL B 80 -6.91 3.78 -11.91
N ALA B 81 -7.82 4.69 -11.56
CA ALA B 81 -8.80 4.48 -10.49
C ALA B 81 -10.14 3.90 -10.99
N SER B 82 -10.72 4.55 -12.00
CA SER B 82 -12.06 4.22 -12.44
C SER B 82 -12.22 2.88 -13.16
N VAL B 83 -11.14 2.42 -13.78
CA VAL B 83 -11.14 1.17 -14.54
C VAL B 83 -10.35 0.09 -13.80
N TYR B 84 -9.11 0.39 -13.42
CA TYR B 84 -8.23 -0.60 -12.79
C TYR B 84 -8.29 -0.67 -11.28
N ASP B 85 -8.77 0.40 -10.65
CA ASP B 85 -8.80 0.58 -9.20
C ASP B 85 -7.44 0.19 -8.59
N ALA B 86 -6.38 0.70 -9.22
CA ALA B 86 -5.02 0.41 -8.80
C ALA B 86 -4.68 1.10 -7.49
N ARG B 87 -3.87 0.43 -6.68
CA ARG B 87 -3.36 1.02 -5.45
CA ARG B 87 -3.38 1.07 -5.46
C ARG B 87 -2.06 1.77 -5.80
N LEU B 88 -2.06 3.08 -5.60
CA LEU B 88 -0.90 3.90 -5.86
C LEU B 88 -0.21 4.26 -4.54
N ARG B 89 1.05 4.66 -4.66
CA ARG B 89 1.86 5.10 -3.53
C ARG B 89 1.93 6.62 -3.54
N LEU B 90 0.98 7.26 -2.86
CA LEU B 90 0.92 8.74 -2.87
C LEU B 90 1.15 9.36 -1.48
N ASP B 91 1.83 8.62 -0.61
CA ASP B 91 2.12 9.12 0.74
C ASP B 91 2.75 10.52 0.66
N ARG B 92 2.20 11.42 1.46
CA ARG B 92 2.66 12.82 1.55
C ARG B 92 2.43 13.69 0.31
N ALA B 93 1.90 13.14 -0.79
CA ALA B 93 1.70 13.94 -2.02
C ALA B 93 0.59 14.97 -1.89
N LEU B 94 0.63 15.97 -2.75
CA LEU B 94 -0.50 16.89 -2.96
C LEU B 94 -1.22 16.30 -4.19
N CYS B 95 -2.53 16.15 -4.13
CA CYS B 95 -3.27 15.76 -5.34
C CYS B 95 -4.18 16.94 -5.66
N LEU B 96 -3.96 17.57 -6.81
CA LEU B 96 -4.75 18.70 -7.21
CA LEU B 96 -4.74 18.71 -7.21
C LEU B 96 -5.73 18.26 -8.28
N ALA B 97 -7.03 18.39 -8.00
CA ALA B 97 -8.13 18.04 -8.89
C ALA B 97 -8.78 19.34 -9.35
N VAL B 98 -9.00 19.46 -10.66
CA VAL B 98 -9.55 20.68 -11.27
C VAL B 98 -10.75 20.29 -12.13
N SER B 99 -11.90 20.84 -11.79
CA SER B 99 -13.15 20.54 -12.49
C SER B 99 -14.20 21.61 -12.22
N GLN B 100 -14.75 22.20 -13.27
CA GLN B 100 -15.80 23.24 -13.11
CA GLN B 100 -15.77 23.22 -13.13
C GLN B 100 -16.96 22.72 -12.26
N SER B 101 -17.57 21.62 -12.66
CA SER B 101 -18.77 21.10 -11.99
CA SER B 101 -18.76 21.14 -11.93
C SER B 101 -18.49 20.12 -10.85
N GLY B 102 -17.34 19.46 -10.92
CA GLY B 102 -16.97 18.48 -9.92
C GLY B 102 -17.87 17.23 -9.93
N LYS B 103 -18.52 16.94 -11.04
CA LYS B 103 -19.43 15.79 -11.12
C LYS B 103 -18.88 14.58 -11.87
N SER B 104 -17.93 14.79 -12.77
CA SER B 104 -17.36 13.70 -13.60
C SER B 104 -17.00 12.48 -12.73
N PRO B 105 -17.65 11.32 -12.95
CA PRO B 105 -17.31 10.16 -12.13
C PRO B 105 -15.84 9.75 -12.16
N ASP B 106 -15.16 9.90 -13.30
CA ASP B 106 -13.73 9.54 -13.40
C ASP B 106 -12.86 10.48 -12.54
N ILE B 107 -13.15 11.77 -12.58
CA ILE B 107 -12.37 12.77 -11.82
C ILE B 107 -12.62 12.51 -10.32
N VAL B 108 -13.88 12.30 -9.98
CA VAL B 108 -14.22 12.01 -8.59
C VAL B 108 -13.52 10.71 -8.10
N ALA B 109 -13.51 9.69 -8.93
CA ALA B 109 -12.92 8.40 -8.58
C ALA B 109 -11.41 8.48 -8.39
N MSE B 110 -10.73 9.15 -9.31
CA MSE B 110 -9.29 9.28 -9.21
C MSE B 110 -8.94 10.12 -7.96
O MSE B 110 -7.98 9.83 -7.27
CB MSE B 110 -8.74 9.89 -10.50
CG MSE B 110 -7.28 9.96 -10.65
SE MSE B 110 -6.34 8.17 -10.76
CE MSE B 110 -6.02 8.07 -8.87
N THR B 111 -9.69 11.16 -7.70
CA THR B 111 -9.41 11.98 -6.52
C THR B 111 -9.67 11.21 -5.20
N ARG B 112 -10.79 10.47 -5.16
CA ARG B 112 -11.14 9.65 -4.02
CA ARG B 112 -11.14 9.64 -4.01
C ARG B 112 -10.02 8.63 -3.76
N ASN B 113 -9.62 7.92 -4.81
CA ASN B 113 -8.52 6.95 -4.67
C ASN B 113 -7.18 7.61 -4.31
N ALA B 114 -6.93 8.80 -4.83
CA ALA B 114 -5.66 9.49 -4.50
C ALA B 114 -5.60 9.71 -2.98
N GLY B 115 -6.73 10.11 -2.39
CA GLY B 115 -6.81 10.32 -0.95
C GLY B 115 -6.63 9.03 -0.18
N ARG B 116 -7.32 8.00 -0.64
CA ARG B 116 -7.24 6.67 -0.08
C ARG B 116 -5.79 6.20 0.02
N ASP B 117 -5.01 6.60 -0.99
CA ASP B 117 -3.63 6.21 -1.14
C ASP B 117 -2.59 7.20 -0.66
N GLY B 118 -3.03 8.13 0.18
CA GLY B 118 -2.10 8.99 0.92
C GLY B 118 -1.98 10.45 0.55
N ALA B 119 -2.52 10.83 -0.59
CA ALA B 119 -2.43 12.22 -1.04
C ALA B 119 -3.38 13.14 -0.27
N LEU B 120 -2.94 14.39 -0.10
CA LEU B 120 -3.83 15.42 0.40
C LEU B 120 -4.49 16.02 -0.83
N CYS B 121 -5.81 15.84 -0.91
CA CYS B 121 -6.56 16.21 -2.10
C CYS B 121 -7.17 17.59 -1.98
N VAL B 122 -6.86 18.42 -2.95
CA VAL B 122 -7.35 19.78 -3.01
C VAL B 122 -8.09 19.98 -4.35
N ALA B 123 -9.36 20.38 -4.29
CA ALA B 123 -10.16 20.56 -5.45
C ALA B 123 -10.26 22.02 -5.79
N LEU B 124 -9.98 22.35 -7.04
CA LEU B 124 -10.23 23.68 -7.59
C LEU B 124 -11.53 23.49 -8.44
N THR B 125 -12.66 24.02 -7.94
CA THR B 125 -13.96 23.79 -8.58
C THR B 125 -14.90 24.99 -8.45
N ASN B 126 -15.89 25.07 -9.34
CA ASN B 126 -16.86 26.13 -9.26
C ASN B 126 -18.07 25.75 -8.41
N ASP B 127 -18.13 24.51 -7.95
CA ASP B 127 -19.23 24.08 -7.11
C ASP B 127 -18.69 23.42 -5.85
N ALA B 128 -18.65 24.20 -4.76
CA ALA B 128 -18.14 23.71 -3.51
C ALA B 128 -18.98 22.62 -2.84
N ALA B 129 -20.16 22.35 -3.38
CA ALA B 129 -21.07 21.33 -2.83
C ALA B 129 -21.08 20.10 -3.76
N SER B 130 -20.15 20.06 -4.71
CA SER B 130 -20.11 18.98 -5.71
C SER B 130 -19.56 17.66 -5.14
N PRO B 131 -19.80 16.54 -5.84
CA PRO B 131 -19.18 15.28 -5.40
C PRO B 131 -17.67 15.35 -5.27
N LEU B 132 -17.01 16.08 -6.18
CA LEU B 132 -15.56 16.22 -6.10
C LEU B 132 -15.15 16.86 -4.78
N ALA B 133 -15.79 17.97 -4.41
CA ALA B 133 -15.56 18.60 -3.09
C ALA B 133 -15.67 17.55 -1.96
N GLY B 134 -16.65 16.66 -2.08
CA GLY B 134 -16.95 15.63 -1.08
C GLY B 134 -15.90 14.57 -0.86
N VAL B 135 -15.02 14.37 -1.84
CA VAL B 135 -13.91 13.42 -1.72
C VAL B 135 -12.55 14.15 -1.57
N SER B 136 -12.58 15.47 -1.38
CA SER B 136 -11.34 16.27 -1.24
C SER B 136 -11.20 16.74 0.21
N ALA B 137 -9.97 16.85 0.69
CA ALA B 137 -9.67 17.35 2.01
C ALA B 137 -9.93 18.85 2.11
N HIS B 138 -9.64 19.54 1.01
CA HIS B 138 -9.87 20.96 0.88
C HIS B 138 -10.46 21.30 -0.48
N THR B 139 -11.34 22.29 -0.51
CA THR B 139 -11.94 22.78 -1.76
C THR B 139 -11.74 24.27 -1.86
N ILE B 140 -11.21 24.73 -2.99
CA ILE B 140 -11.04 26.13 -3.29
C ILE B 140 -12.05 26.46 -4.39
N ASP B 141 -13.08 27.23 -4.01
CA ASP B 141 -14.11 27.72 -4.94
C ASP B 141 -13.41 28.74 -5.86
N ILE B 142 -13.46 28.50 -7.17
CA ILE B 142 -12.79 29.35 -8.14
C ILE B 142 -13.55 30.65 -8.47
N HIS B 143 -14.81 30.72 -8.05
CA HIS B 143 -15.63 31.91 -8.29
C HIS B 143 -15.70 32.31 -9.78
N ALA B 144 -15.79 31.31 -10.64
CA ALA B 144 -16.00 31.53 -12.06
C ALA B 144 -17.45 32.00 -12.32
N GLY B 145 -18.40 31.44 -11.59
CA GLY B 145 -19.79 31.70 -11.86
C GLY B 145 -20.25 30.88 -13.07
N PRO B 146 -21.51 31.06 -13.48
CA PRO B 146 -22.12 30.33 -14.57
C PRO B 146 -21.37 30.51 -15.89
N GLU B 147 -21.25 29.43 -16.64
CA GLU B 147 -20.66 29.52 -17.98
C GLU B 147 -21.72 30.11 -18.92
N LEU B 148 -21.35 31.12 -19.67
CA LEU B 148 -22.26 31.76 -20.61
C LEU B 148 -22.10 31.25 -22.02
N SER B 149 -20.94 30.67 -22.27
CA SER B 149 -20.61 30.20 -23.57
C SER B 149 -19.88 28.86 -23.53
N VAL B 150 -19.91 28.17 -24.66
CA VAL B 150 -19.16 26.93 -24.84
C VAL B 150 -17.65 27.17 -24.69
N ALA B 151 -17.19 28.40 -24.89
CA ALA B 151 -15.75 28.71 -24.66
C ALA B 151 -15.33 28.56 -23.20
N ALA B 152 -16.30 28.71 -22.28
CA ALA B 152 -16.10 28.56 -20.83
C ALA B 152 -14.81 29.25 -20.37
N THR B 153 -14.72 30.51 -20.76
CA THR B 153 -13.55 31.33 -20.58
C THR B 153 -13.24 31.71 -19.14
N LYS B 154 -14.25 32.02 -18.34
CA LYS B 154 -14.03 32.36 -16.92
C LYS B 154 -13.51 31.13 -16.16
N THR B 155 -14.04 29.96 -16.49
CA THR B 155 -13.64 28.71 -15.86
C THR B 155 -12.14 28.53 -16.03
N PHE B 156 -11.65 28.63 -17.28
CA PHE B 156 -10.22 28.49 -17.48
C PHE B 156 -9.40 29.52 -16.68
N VAL B 157 -9.70 30.80 -16.84
CA VAL B 157 -8.93 31.88 -16.16
C VAL B 157 -8.94 31.74 -14.63
N THR B 158 -10.13 31.61 -14.06
CA THR B 158 -10.29 31.51 -12.59
C THR B 158 -9.64 30.26 -12.01
N SER B 159 -9.73 29.10 -12.70
CA SER B 159 -9.07 27.85 -12.25
C SER B 159 -7.59 28.05 -12.16
N ALA B 160 -7.01 28.62 -13.21
CA ALA B 160 -5.58 28.90 -13.19
C ALA B 160 -5.21 29.91 -12.12
N VAL B 161 -5.96 31.01 -12.04
CA VAL B 161 -5.69 32.02 -11.02
C VAL B 161 -5.72 31.40 -9.61
N ALA B 162 -6.71 30.58 -9.33
CA ALA B 162 -6.82 29.92 -8.03
C ALA B 162 -5.59 29.07 -7.77
N GLY B 163 -5.16 28.29 -8.77
CA GLY B 163 -3.94 27.47 -8.62
C GLY B 163 -2.72 28.31 -8.38
N LEU B 164 -2.59 29.38 -9.15
CA LEU B 164 -1.43 30.27 -9.00
C LEU B 164 -1.41 30.98 -7.65
N MSE B 165 -2.56 31.41 -7.14
CA MSE B 165 -2.64 31.98 -5.79
C MSE B 165 -2.14 30.98 -4.76
O MSE B 165 -1.36 31.32 -3.87
CB MSE B 165 -4.07 32.40 -5.44
CG MSE B 165 -4.58 33.59 -6.21
SE MSE B 165 -6.56 33.75 -6.01
CE MSE B 165 -6.63 34.33 -4.13
N LEU B 166 -2.58 29.74 -4.90
CA LEU B 166 -2.16 28.70 -3.96
C LEU B 166 -0.63 28.53 -3.98
N LEU B 167 -0.06 28.42 -5.18
CA LEU B 167 1.38 28.28 -5.35
C LEU B 167 2.14 29.51 -4.85
N ALA B 168 1.58 30.71 -5.09
CA ALA B 168 2.25 31.95 -4.66
C ALA B 168 2.28 32.05 -3.13
N ASP B 169 1.20 31.66 -2.48
CA ASP B 169 1.16 31.72 -1.01
C ASP B 169 2.07 30.63 -0.44
N TRP B 170 2.03 29.43 -1.01
CA TRP B 170 2.92 28.35 -0.55
C TRP B 170 4.40 28.78 -0.62
N ALA B 171 4.79 29.34 -1.77
CA ALA B 171 6.15 29.82 -2.00
C ALA B 171 6.49 31.16 -1.33
N GLU B 172 5.46 31.85 -0.84
CA GLU B 172 5.56 33.20 -0.25
C GLU B 172 6.22 34.15 -1.24
N ASP B 173 5.73 34.13 -2.49
CA ASP B 173 6.32 34.86 -3.60
C ASP B 173 5.61 36.19 -3.80
N ASP B 174 6.28 37.26 -3.34
CA ASP B 174 5.70 38.58 -3.37
C ASP B 174 5.40 39.11 -4.78
N GLY B 175 6.32 38.85 -5.70
CA GLY B 175 6.18 39.31 -7.07
C GLY B 175 5.00 38.63 -7.77
N LEU B 176 4.87 37.33 -7.59
CA LEU B 176 3.72 36.62 -8.16
C LEU B 176 2.41 37.11 -7.49
N ARG B 177 2.38 37.24 -6.16
CA ARG B 177 1.19 37.77 -5.46
C ARG B 177 0.78 39.17 -5.98
N ALA B 178 1.77 40.03 -6.20
CA ALA B 178 1.55 41.39 -6.72
C ALA B 178 0.85 41.31 -8.10
N ALA B 179 1.41 40.47 -8.98
CA ALA B 179 0.87 40.30 -10.33
C ALA B 179 -0.52 39.75 -10.28
N LEU B 180 -0.75 38.73 -9.44
CA LEU B 180 -2.07 38.16 -9.33
C LEU B 180 -3.08 39.23 -8.90
N GLY B 181 -2.67 40.04 -7.92
CA GLY B 181 -3.50 41.09 -7.37
C GLY B 181 -3.95 42.13 -8.38
N ASN B 182 -3.10 42.37 -9.38
CA ASN B 182 -3.41 43.33 -10.47
C ASN B 182 -4.06 42.67 -11.69
N LEU B 183 -4.33 41.38 -11.61
CA LEU B 183 -4.91 40.69 -12.76
C LEU B 183 -6.18 41.31 -13.33
N PRO B 184 -7.18 41.71 -12.51
CA PRO B 184 -8.40 42.31 -13.09
C PRO B 184 -8.12 43.48 -14.07
N GLU B 185 -7.19 44.37 -13.71
CA GLU B 185 -6.76 45.48 -14.55
C GLU B 185 -6.06 44.98 -15.83
N THR B 186 -5.08 44.07 -15.65
CA THR B 186 -4.34 43.48 -16.77
C THR B 186 -5.29 42.78 -17.78
N LEU B 187 -6.21 41.99 -17.27
CA LEU B 187 -7.12 41.22 -18.11
C LEU B 187 -8.17 42.11 -18.78
N ALA B 188 -8.57 43.19 -18.10
CA ALA B 188 -9.50 44.14 -18.74
C ALA B 188 -8.81 44.72 -19.99
N ALA B 189 -7.55 45.10 -19.84
CA ALA B 189 -6.75 45.64 -20.94
C ALA B 189 -6.62 44.59 -22.07
N ALA B 190 -6.30 43.35 -21.67
CA ALA B 190 -6.11 42.27 -22.61
C ALA B 190 -7.38 41.96 -23.42
N SER B 191 -8.55 42.16 -22.80
CA SER B 191 -9.83 41.85 -23.42
C SER B 191 -10.22 42.84 -24.47
N ARG B 192 -9.52 43.97 -24.52
CA ARG B 192 -9.81 45.01 -25.51
CA ARG B 192 -9.79 45.03 -25.51
C ARG B 192 -9.01 44.81 -26.79
N ILE B 193 -8.24 43.73 -26.87
CA ILE B 193 -7.44 43.41 -28.04
C ILE B 193 -8.15 42.29 -28.78
N ASP B 194 -8.25 42.37 -30.11
CA ASP B 194 -8.84 41.28 -30.87
C ASP B 194 -8.11 40.87 -32.16
N TRP B 195 -6.88 41.33 -32.34
CA TRP B 195 -5.99 40.86 -33.41
C TRP B 195 -6.63 40.78 -34.81
N PRO B 196 -7.05 41.93 -35.33
CA PRO B 196 -7.70 41.96 -36.66
C PRO B 196 -6.91 41.33 -37.82
N GLU B 197 -5.59 41.53 -37.85
CA GLU B 197 -4.80 40.91 -38.90
C GLU B 197 -4.82 39.38 -38.85
N MSE B 198 -4.85 38.83 -37.64
CA MSE B 198 -4.94 37.40 -37.46
CA MSE B 198 -4.96 37.38 -37.44
CA MSE B 198 -4.94 37.38 -37.49
C MSE B 198 -6.30 36.89 -37.99
O MSE B 198 -6.40 35.87 -38.66
CB MSE B 198 -4.68 37.14 -35.97
CB MSE B 198 -4.89 37.05 -35.94
CB MSE B 198 -4.71 36.92 -36.04
CG MSE B 198 -4.94 35.83 -35.41
CG MSE B 198 -5.01 35.58 -35.56
CG MSE B 198 -5.01 35.43 -35.79
SE MSE B 198 -3.53 35.59 -34.08
SE MSE B 198 -3.29 34.72 -35.24
SE MSE B 198 -3.76 34.18 -36.64
CE MSE B 198 -2.41 34.49 -35.22
CE MSE B 198 -2.66 35.93 -33.87
CE MSE B 198 -2.37 34.17 -35.29
N ARG B 199 -7.37 37.62 -37.69
CA ARG B 199 -8.70 37.22 -38.15
CA ARG B 199 -8.70 37.22 -38.15
C ARG B 199 -8.75 37.19 -39.69
N VAL B 200 -8.07 38.11 -40.33
CA VAL B 200 -8.04 38.11 -41.80
C VAL B 200 -7.31 36.87 -42.31
N ALA B 201 -6.18 36.54 -41.67
CA ALA B 201 -5.39 35.35 -42.03
C ALA B 201 -6.17 34.04 -41.84
N ILE B 202 -6.87 33.94 -40.73
CA ILE B 202 -7.64 32.77 -40.46
C ILE B 202 -8.85 32.71 -41.37
N GLY B 203 -9.48 33.84 -41.65
CA GLY B 203 -10.63 33.85 -42.59
C GLY B 203 -10.21 33.30 -43.97
N ALA B 204 -9.00 33.67 -44.36
CA ALA B 204 -8.42 33.29 -45.65
C ALA B 204 -8.10 31.78 -45.70
N ARG B 205 -7.59 31.25 -44.59
CA ARG B 205 -7.12 29.88 -44.52
C ARG B 205 -7.60 29.36 -43.14
N PRO B 206 -8.84 28.90 -43.07
CA PRO B 206 -9.50 28.64 -41.82
C PRO B 206 -9.12 27.38 -41.03
N SER B 207 -7.85 27.31 -40.65
CA SER B 207 -7.40 26.33 -39.65
C SER B 207 -6.32 27.11 -38.90
N LEU B 208 -5.93 26.64 -37.72
CA LEU B 208 -4.99 27.40 -36.91
C LEU B 208 -3.99 26.49 -36.23
N PHE B 209 -2.72 26.90 -36.23
CA PHE B 209 -1.67 26.23 -35.45
C PHE B 209 -1.23 27.15 -34.33
N THR B 210 -1.21 26.65 -33.11
CA THR B 210 -0.78 27.47 -32.00
C THR B 210 0.51 26.86 -31.50
N LEU B 211 1.39 27.72 -30.99
CA LEU B 211 2.65 27.27 -30.42
C LEU B 211 2.86 27.82 -29.04
N GLY B 212 3.57 27.07 -28.21
CA GLY B 212 4.02 27.52 -26.92
C GLY B 212 5.36 26.87 -26.64
N ARG B 213 6.00 27.33 -25.59
CA ARG B 213 7.32 26.81 -25.19
C ARG B 213 7.42 26.93 -23.68
N GLY B 214 7.55 25.82 -22.97
CA GLY B 214 7.53 25.88 -21.53
C GLY B 214 6.12 26.21 -21.03
N THR B 215 6.02 27.08 -20.03
CA THR B 215 4.75 27.37 -19.42
C THR B 215 3.65 27.75 -20.39
N SER B 216 3.99 28.56 -21.41
CA SER B 216 2.98 29.03 -22.37
CA SER B 216 2.97 29.02 -22.35
C SER B 216 2.36 27.92 -23.23
N LEU B 217 2.97 26.74 -23.28
CA LEU B 217 2.36 25.61 -23.99
C LEU B 217 0.94 25.25 -23.45
N ALA B 218 0.70 25.50 -22.16
CA ALA B 218 -0.62 25.26 -21.55
C ALA B 218 -1.66 26.10 -22.23
N VAL B 219 -1.37 27.39 -22.39
CA VAL B 219 -2.35 28.26 -23.04
C VAL B 219 -2.44 28.00 -24.53
N SER B 220 -1.32 27.65 -25.16
CA SER B 220 -1.34 27.22 -26.57
C SER B 220 -2.30 26.03 -26.77
N ASN B 221 -2.24 25.05 -25.86
CA ASN B 221 -3.08 23.88 -25.91
C ASN B 221 -4.56 24.31 -25.75
N GLU B 222 -4.82 25.16 -24.74
CA GLU B 222 -6.16 25.72 -24.47
C GLU B 222 -6.70 26.48 -25.68
N ALA B 223 -5.83 27.25 -26.31
CA ALA B 223 -6.25 28.05 -27.44
C ALA B 223 -6.78 27.15 -28.57
N ALA B 224 -6.02 26.11 -28.90
CA ALA B 224 -6.43 25.21 -29.97
C ALA B 224 -7.75 24.54 -29.63
N LEU B 225 -7.86 24.10 -28.38
CA LEU B 225 -9.11 23.48 -27.94
C LEU B 225 -10.33 24.40 -28.15
N LYS B 226 -10.23 25.60 -27.60
CA LYS B 226 -11.36 26.51 -27.66
C LYS B 226 -11.65 27.07 -29.07
N PHE B 227 -10.63 27.18 -29.92
CA PHE B 227 -10.88 27.52 -31.34
C PHE B 227 -11.77 26.44 -31.98
N LYS B 228 -11.39 25.18 -31.76
CA LYS B 228 -12.18 24.04 -32.26
C LYS B 228 -13.61 24.02 -31.71
N GLU B 229 -13.74 24.19 -30.40
CA GLU B 229 -15.04 24.16 -29.75
CA GLU B 229 -15.04 24.18 -29.73
C GLU B 229 -15.96 25.29 -30.22
N THR B 230 -15.43 26.50 -30.32
CA THR B 230 -16.26 27.64 -30.65
C THR B 230 -16.54 27.80 -32.14
N CYS B 231 -15.54 27.54 -32.97
CA CYS B 231 -15.67 27.75 -34.41
C CYS B 231 -15.89 26.51 -35.25
N GLN B 232 -15.69 25.31 -34.70
CA GLN B 232 -15.86 24.09 -35.46
C GLN B 232 -14.91 24.06 -36.68
N LEU B 233 -13.69 24.56 -36.47
CA LEU B 233 -12.61 24.60 -37.45
C LEU B 233 -11.41 23.94 -36.77
N HIS B 234 -10.53 23.35 -37.56
CA HIS B 234 -9.40 22.61 -37.02
C HIS B 234 -8.33 23.49 -36.44
N ALA B 235 -7.74 23.01 -35.35
CA ALA B 235 -6.60 23.67 -34.74
C ALA B 235 -5.73 22.61 -34.10
N GLU B 236 -4.43 22.91 -33.99
CA GLU B 236 -3.51 22.02 -33.29
CA GLU B 236 -3.44 22.01 -33.40
C GLU B 236 -2.41 22.86 -32.66
N SER B 237 -2.02 22.43 -31.46
CA SER B 237 -1.05 23.10 -30.62
C SER B 237 0.21 22.28 -30.58
N TYR B 238 1.35 22.95 -30.74
CA TYR B 238 2.64 22.33 -30.70
C TYR B 238 3.60 23.09 -29.83
N SER B 239 4.57 22.37 -29.28
CA SER B 239 5.72 23.03 -28.70
C SER B 239 6.48 23.62 -29.87
N SER B 240 6.95 24.86 -29.73
CA SER B 240 7.83 25.46 -30.74
C SER B 240 9.07 24.61 -30.98
N ALA B 241 9.56 23.89 -29.98
CA ALA B 241 10.75 23.03 -30.13
C ALA B 241 10.46 21.75 -30.92
N GLU B 242 9.21 21.47 -31.21
CA GLU B 242 8.82 20.25 -31.93
C GLU B 242 8.09 20.45 -33.25
N VAL B 243 7.61 21.67 -33.50
CA VAL B 243 6.77 21.95 -34.65
C VAL B 243 7.49 21.67 -35.96
N LEU B 244 8.79 21.94 -36.03
CA LEU B 244 9.54 21.68 -37.28
C LEU B 244 9.92 20.20 -37.50
N HIS B 245 9.54 19.30 -36.58
CA HIS B 245 9.92 17.89 -36.62
C HIS B 245 8.76 16.92 -36.60
N GLY B 246 7.53 17.43 -36.75
CA GLY B 246 6.34 16.58 -36.65
C GLY B 246 6.04 15.87 -37.95
N PRO B 247 5.03 14.98 -37.95
CA PRO B 247 4.68 14.17 -39.12
C PRO B 247 4.13 14.95 -40.32
N VAL B 248 3.66 16.17 -40.09
CA VAL B 248 3.11 17.00 -41.16
C VAL B 248 3.75 18.39 -41.15
N SER B 249 4.11 18.84 -42.35
CA SER B 249 4.77 20.13 -42.54
C SER B 249 3.82 21.26 -42.28
N ILE B 250 4.11 22.02 -41.23
CA ILE B 250 3.29 23.16 -40.84
C ILE B 250 3.29 24.27 -41.92
N VAL B 251 4.45 24.51 -42.51
CA VAL B 251 4.55 25.51 -43.57
C VAL B 251 3.74 25.08 -44.78
N GLU B 252 3.82 23.78 -45.12
CA GLU B 252 3.14 23.24 -46.29
C GLU B 252 1.60 23.23 -46.17
N GLU B 253 1.10 23.22 -44.94
CA GLU B 253 -0.34 23.27 -44.67
C GLU B 253 -0.93 24.63 -45.04
N GLY B 254 -0.13 25.68 -44.87
CA GLY B 254 -0.53 27.04 -45.28
C GLY B 254 -1.53 27.73 -44.36
N PHE B 255 -1.53 27.35 -43.09
CA PHE B 255 -2.46 27.91 -42.15
C PHE B 255 -1.72 28.86 -41.20
N PRO B 256 -2.43 29.84 -40.65
CA PRO B 256 -1.76 30.78 -39.78
C PRO B 256 -1.24 30.11 -38.54
N VAL B 257 -0.17 30.68 -38.00
CA VAL B 257 0.50 30.16 -36.81
C VAL B 257 0.50 31.28 -35.77
N LEU B 258 0.10 30.91 -34.54
CA LEU B 258 0.06 31.87 -33.42
C LEU B 258 0.99 31.41 -32.30
N GLY B 259 2.09 32.12 -32.12
CA GLY B 259 3.02 31.81 -31.06
C GLY B 259 2.74 32.52 -29.77
N PHE B 260 2.45 31.74 -28.74
CA PHE B 260 2.21 32.26 -27.40
C PHE B 260 3.55 32.37 -26.66
N ALA B 261 3.95 33.61 -26.37
CA ALA B 261 5.18 33.89 -25.63
C ALA B 261 4.89 34.72 -24.40
N ALA B 262 5.26 34.21 -23.24
CA ALA B 262 5.26 34.93 -21.95
C ALA B 262 6.61 35.63 -21.84
N GLY B 263 6.72 36.53 -20.87
CA GLY B 263 7.94 37.25 -20.57
C GLY B 263 8.85 36.45 -19.67
N ASP B 264 9.25 35.27 -20.15
CA ASP B 264 10.09 34.34 -19.40
C ASP B 264 11.26 33.90 -20.27
N ALA B 265 11.99 32.90 -19.79
CA ALA B 265 13.17 32.39 -20.51
C ALA B 265 12.85 31.72 -21.84
N ALA B 266 11.59 31.33 -22.04
CA ALA B 266 11.13 30.72 -23.30
C ALA B 266 10.75 31.73 -24.39
N GLU B 267 10.74 33.02 -24.06
CA GLU B 267 10.35 34.05 -25.03
C GLU B 267 11.29 34.08 -26.24
N ALA B 268 12.58 34.06 -26.00
CA ALA B 268 13.57 34.13 -27.08
C ALA B 268 13.50 32.90 -27.99
N PRO B 269 13.55 31.68 -27.42
CA PRO B 269 13.42 30.51 -28.32
C PRO B 269 12.09 30.42 -29.09
N LEU B 270 11.00 30.90 -28.51
CA LEU B 270 9.72 30.92 -29.20
C LEU B 270 9.78 31.88 -30.38
N ALA B 271 10.32 33.07 -30.14
CA ALA B 271 10.45 34.09 -31.17
C ALA B 271 11.35 33.62 -32.32
N GLU B 272 12.46 32.94 -31.99
CA GLU B 272 13.38 32.38 -33.00
C GLU B 272 12.66 31.36 -33.90
N ILE B 273 11.93 30.41 -33.32
CA ILE B 273 11.20 29.43 -34.12
C ILE B 273 10.09 30.10 -34.94
N ALA B 274 9.40 31.07 -34.33
CA ALA B 274 8.35 31.85 -35.02
C ALA B 274 8.92 32.52 -36.30
N ASP B 275 10.09 33.12 -36.16
CA ASP B 275 10.76 33.76 -37.30
C ASP B 275 11.22 32.76 -38.36
N GLN B 276 11.72 31.59 -37.93
CA GLN B 276 12.14 30.55 -38.85
C GLN B 276 11.00 30.07 -39.74
N ILE B 277 9.86 29.84 -39.12
CA ILE B 277 8.65 29.44 -39.82
C ILE B 277 8.19 30.54 -40.77
N ALA B 278 8.20 31.78 -40.29
CA ALA B 278 7.81 32.94 -41.10
C ALA B 278 8.75 33.07 -42.28
N ALA B 279 10.05 32.88 -42.05
CA ALA B 279 11.05 32.98 -43.12
C ALA B 279 10.78 31.98 -44.23
N LYS B 280 10.07 30.90 -43.93
CA LYS B 280 9.66 29.91 -44.96
C LYS B 280 8.34 30.23 -45.68
N GLY B 281 7.72 31.37 -45.39
CA GLY B 281 6.54 31.82 -46.12
C GLY B 281 5.21 31.67 -45.43
N ALA B 282 5.21 31.02 -44.27
CA ALA B 282 4.01 30.85 -43.48
C ALA B 282 3.67 32.18 -42.87
N THR B 283 2.38 32.36 -42.61
CA THR B 283 1.84 33.53 -41.94
C THR B 283 1.88 33.24 -40.44
N VAL B 284 2.74 33.97 -39.76
CA VAL B 284 3.02 33.77 -38.35
C VAL B 284 2.87 35.11 -37.58
N PHE B 285 2.28 34.99 -36.40
CA PHE B 285 2.02 36.05 -35.46
C PHE B 285 2.52 35.50 -34.12
N ALA B 286 3.10 36.36 -33.28
CA ALA B 286 3.58 35.94 -31.95
C ALA B 286 3.40 37.06 -30.93
N THR B 287 3.15 36.68 -29.67
CA THR B 287 2.93 37.64 -28.60
C THR B 287 4.23 38.08 -27.96
N THR B 288 5.07 38.69 -28.78
CA THR B 288 6.37 39.13 -28.32
C THR B 288 6.86 40.17 -29.31
N GLY B 289 7.50 41.21 -28.77
CA GLY B 289 8.09 42.23 -29.61
C GLY B 289 9.46 41.80 -30.11
N ARG B 290 9.89 40.58 -29.79
CA ARG B 290 11.23 40.09 -30.16
C ARG B 290 11.30 39.41 -31.53
N VAL B 291 10.17 39.22 -32.22
CA VAL B 291 10.17 38.60 -33.55
C VAL B 291 10.45 39.70 -34.56
N THR B 292 11.27 39.38 -35.56
CA THR B 292 11.62 40.34 -36.61
C THR B 292 11.08 39.94 -38.00
N ARG B 293 10.48 38.76 -38.11
CA ARG B 293 9.94 38.23 -39.39
C ARG B 293 8.46 37.92 -39.22
N ALA B 294 8.14 37.14 -38.19
CA ALA B 294 6.78 36.91 -37.81
C ALA B 294 6.24 38.29 -37.36
N ARG B 295 4.93 38.43 -37.41
CA ARG B 295 4.28 39.64 -36.99
C ARG B 295 4.12 39.71 -35.47
N VAL B 296 4.28 40.91 -34.92
CA VAL B 296 4.11 41.15 -33.50
C VAL B 296 2.63 41.30 -33.19
N LEU B 297 2.12 40.53 -32.24
CA LEU B 297 0.75 40.67 -31.79
C LEU B 297 0.73 41.58 -30.59
N GLU B 298 -0.16 42.56 -30.60
CA GLU B 298 -0.37 43.44 -29.45
C GLU B 298 -0.74 42.53 -28.26
N HIS B 299 -0.13 42.78 -27.11
CA HIS B 299 -0.38 41.98 -25.93
C HIS B 299 -0.07 42.79 -24.69
N VAL B 300 -0.64 42.39 -23.57
CA VAL B 300 -0.45 43.08 -22.29
C VAL B 300 0.36 42.17 -21.37
N ARG B 301 1.51 42.65 -20.86
CA ARG B 301 2.31 41.90 -19.86
C ARG B 301 1.71 42.13 -18.47
N SER B 302 1.93 41.19 -17.55
CA SER B 302 1.20 41.16 -16.27
C SER B 302 1.95 41.51 -14.98
N GLY B 303 3.27 41.60 -15.05
CA GLY B 303 4.07 41.83 -13.83
C GLY B 303 4.80 40.57 -13.36
N HIS B 304 4.43 39.40 -13.89
CA HIS B 304 5.13 38.17 -13.56
C HIS B 304 5.02 37.20 -14.73
N ALA B 305 6.14 36.49 -14.99
CA ALA B 305 6.22 35.48 -16.06
C ALA B 305 5.06 34.49 -15.99
N LEU B 306 4.72 34.06 -14.79
CA LEU B 306 3.74 33.01 -14.61
C LEU B 306 2.31 33.46 -14.83
N THR B 307 2.03 34.77 -14.73
CA THR B 307 0.68 35.28 -15.00
C THR B 307 0.49 35.78 -16.44
N ASP B 308 1.60 35.99 -17.15
CA ASP B 308 1.57 36.46 -18.53
C ASP B 308 0.65 35.63 -19.43
N PRO B 309 0.70 34.28 -19.36
CA PRO B 309 -0.17 33.51 -20.24
C PRO B 309 -1.67 33.80 -20.08
N LEU B 310 -2.12 34.18 -18.89
CA LEU B 310 -3.56 34.49 -18.71
C LEU B 310 -3.98 35.72 -19.52
N SER B 311 -3.08 36.69 -19.61
CA SER B 311 -3.31 37.88 -20.46
C SER B 311 -3.42 37.46 -21.93
N LEU B 312 -2.50 36.60 -22.36
CA LEU B 312 -2.48 36.17 -23.75
C LEU B 312 -3.77 35.40 -24.12
N ILE B 313 -4.23 34.51 -23.23
CA ILE B 313 -5.42 33.72 -23.55
C ILE B 313 -6.68 34.58 -23.59
N VAL B 314 -6.74 35.64 -22.77
CA VAL B 314 -7.89 36.54 -22.80
C VAL B 314 -7.93 37.29 -24.17
N SER B 315 -6.78 37.74 -24.63
CA SER B 315 -6.69 38.41 -25.95
C SER B 315 -7.10 37.42 -27.07
N PHE B 316 -6.70 36.16 -26.92
CA PHE B 316 -7.04 35.12 -27.85
C PHE B 316 -8.54 34.86 -27.89
N TYR B 317 -9.16 34.68 -26.71
CA TYR B 317 -10.61 34.55 -26.63
C TYR B 317 -11.33 35.72 -27.33
N SER B 318 -10.86 36.93 -27.11
CA SER B 318 -11.42 38.12 -27.75
C SER B 318 -11.29 38.06 -29.28
N MSE B 319 -10.13 37.63 -29.78
CA MSE B 319 -9.91 37.46 -31.22
C MSE B 319 -10.89 36.44 -31.79
O MSE B 319 -11.55 36.71 -32.78
CB MSE B 319 -8.46 37.04 -31.50
CG MSE B 319 -8.12 36.87 -32.97
SE MSE B 319 -8.70 35.18 -33.74
CE MSE B 319 -7.43 33.96 -32.82
N VAL B 320 -11.00 35.28 -31.15
CA VAL B 320 -11.93 34.23 -31.59
C VAL B 320 -13.38 34.70 -31.59
N GLU B 321 -13.79 35.41 -30.55
CA GLU B 321 -15.17 35.91 -30.52
C GLU B 321 -15.45 36.87 -31.68
N ALA B 322 -14.52 37.76 -31.96
CA ALA B 322 -14.64 38.70 -33.07
C ALA B 322 -14.66 38.00 -34.41
N PHE B 323 -13.78 37.02 -34.56
CA PHE B 323 -13.70 36.18 -35.73
C PHE B 323 -15.02 35.45 -36.01
N ALA B 324 -15.60 34.83 -34.98
CA ALA B 324 -16.83 34.07 -35.14
C ALA B 324 -18.02 34.95 -35.41
N SER B 325 -18.19 36.02 -34.65
CA SER B 325 -19.34 36.91 -34.84
CA SER B 325 -19.33 36.93 -34.84
C SER B 325 -19.37 37.54 -36.23
N GLU B 326 -18.20 37.97 -36.73
CA GLU B 326 -18.06 38.53 -38.08
C GLU B 326 -18.46 37.56 -39.17
N ARG B 327 -18.17 36.29 -38.97
CA ARG B 327 -18.46 35.27 -39.97
C ARG B 327 -19.80 34.57 -39.81
N GLY B 328 -20.62 35.02 -38.87
CA GLY B 328 -21.93 34.40 -38.64
C GLY B 328 -21.89 33.08 -37.88
N ILE B 329 -20.75 32.76 -37.27
CA ILE B 329 -20.67 31.57 -36.43
C ILE B 329 -21.15 31.95 -35.03
N ASP B 330 -22.15 31.24 -34.55
CA ASP B 330 -22.63 31.42 -33.18
C ASP B 330 -22.13 30.23 -32.41
N PRO B 331 -21.14 30.43 -31.54
CA PRO B 331 -20.74 29.28 -30.77
C PRO B 331 -21.87 28.73 -29.89
N ASP B 332 -22.76 29.64 -29.47
CA ASP B 332 -23.82 29.35 -28.48
C ASP B 332 -25.24 29.54 -29.00
N ILE C 6 2.66 -34.27 -7.60
CA ILE C 6 2.26 -33.73 -6.26
C ILE C 6 3.11 -32.51 -5.86
N THR C 7 2.52 -31.67 -5.02
CA THR C 7 3.14 -30.41 -4.62
C THR C 7 4.28 -30.65 -3.64
N ARG C 8 5.09 -29.63 -3.43
CA ARG C 8 6.16 -29.73 -2.45
C ARG C 8 5.54 -29.87 -1.05
N MSE C 9 4.41 -29.23 -0.80
CA MSE C 9 3.76 -29.34 0.51
C MSE C 9 3.27 -30.78 0.77
O MSE C 9 3.40 -31.30 1.89
CB MSE C 9 2.59 -28.37 0.64
CG MSE C 9 2.05 -28.29 2.08
SE MSE C 9 0.66 -26.97 2.23
CE MSE C 9 -0.04 -27.43 4.04
N ARG C 10 2.68 -31.39 -0.26
CA ARG C 10 2.18 -32.75 -0.15
C ARG C 10 3.34 -33.73 0.09
N ARG C 11 4.43 -33.54 -0.65
CA ARG C 11 5.61 -34.38 -0.47
C ARG C 11 6.11 -34.29 0.99
N GLU C 12 6.14 -33.05 1.51
CA GLU C 12 6.59 -32.81 2.86
C GLU C 12 5.69 -33.53 3.89
N ILE C 13 4.37 -33.43 3.71
CA ILE C 13 3.46 -34.10 4.62
C ILE C 13 3.69 -35.63 4.58
N ASP C 14 3.91 -36.17 3.39
CA ASP C 14 4.19 -37.59 3.16
C ASP C 14 5.45 -38.05 3.88
N GLU C 15 6.40 -37.14 4.04
CA GLU C 15 7.66 -37.39 4.73
C GLU C 15 7.58 -37.25 6.25
N ILE C 16 6.46 -36.81 6.81
CA ILE C 16 6.37 -36.60 8.27
C ILE C 16 6.62 -37.89 9.07
N PRO C 17 5.93 -38.99 8.71
CA PRO C 17 6.11 -40.26 9.44
C PRO C 17 7.58 -40.70 9.49
N GLU C 18 8.29 -40.64 8.36
CA GLU C 18 9.69 -41.09 8.35
C GLU C 18 10.60 -40.13 9.15
N ALA C 19 10.25 -38.85 9.15
CA ALA C 19 10.95 -37.84 9.98
C ALA C 19 10.77 -38.12 11.45
N VAL C 20 9.56 -38.45 11.87
CA VAL C 20 9.32 -38.83 13.25
C VAL C 20 10.10 -40.11 13.59
N GLN C 21 10.10 -41.06 12.67
CA GLN C 21 10.82 -42.28 12.90
C GLN C 21 12.33 -42.06 13.00
N ARG C 22 12.90 -41.16 12.17
CA ARG C 22 14.32 -40.82 12.29
C ARG C 22 14.65 -40.25 13.67
N LEU C 23 13.79 -39.34 14.13
CA LEU C 23 13.95 -38.72 15.43
C LEU C 23 13.93 -39.81 16.54
N LEU C 24 12.96 -40.71 16.47
CA LEU C 24 12.85 -41.78 17.44
C LEU C 24 14.06 -42.71 17.42
N ASP C 25 14.55 -43.02 16.22
CA ASP C 25 15.62 -43.98 16.04
C ASP C 25 17.00 -43.39 16.34
N HIS C 26 17.22 -42.17 15.84
CA HIS C 26 18.52 -41.55 15.88
C HIS C 26 18.72 -40.40 16.85
N GLY C 27 17.63 -39.89 17.39
CA GLY C 27 17.70 -38.85 18.39
C GLY C 27 17.39 -39.32 19.81
N ALA C 28 17.02 -40.61 19.95
CA ALA C 28 16.66 -41.17 21.26
C ALA C 28 17.79 -41.07 22.31
N GLN C 29 19.03 -41.40 21.92
CA GLN C 29 20.16 -41.31 22.83
C GLN C 29 20.38 -39.90 23.39
N ASP C 30 20.38 -38.87 22.51
CA ASP C 30 20.59 -37.51 22.99
C ASP C 30 19.45 -37.10 23.94
N VAL C 31 18.23 -37.43 23.56
CA VAL C 31 17.06 -37.11 24.39
C VAL C 31 17.17 -37.80 25.79
N ALA C 32 17.54 -39.08 25.81
CA ALA C 32 17.57 -39.84 27.05
C ALA C 32 18.70 -39.28 27.98
N ARG C 33 19.78 -38.81 27.37
CA ARG C 33 20.90 -38.25 28.14
C ARG C 33 20.45 -36.99 28.87
N VAL C 34 19.76 -36.12 28.15
CA VAL C 34 19.30 -34.85 28.72
C VAL C 34 18.21 -35.14 29.78
N ALA C 35 17.31 -36.07 29.48
CA ALA C 35 16.28 -36.48 30.40
C ALA C 35 16.86 -37.02 31.73
N ALA C 36 17.96 -37.78 31.67
CA ALA C 36 18.60 -38.29 32.88
C ALA C 36 19.16 -37.14 33.72
N VAL C 37 19.83 -36.17 33.07
CA VAL C 37 20.32 -34.96 33.77
C VAL C 37 19.17 -34.23 34.48
N LEU C 38 18.07 -34.01 33.75
CA LEU C 38 16.88 -33.31 34.31
C LEU C 38 16.20 -34.09 35.42
N ARG C 39 16.09 -35.41 35.26
CA ARG C 39 15.46 -36.24 36.28
CA ARG C 39 15.48 -36.28 36.27
C ARG C 39 16.14 -36.10 37.64
N LEU C 40 17.47 -36.14 37.67
CA LEU C 40 18.21 -35.98 38.91
C LEU C 40 18.27 -34.53 39.37
N ARG C 41 18.45 -33.58 38.45
CA ARG C 41 18.48 -32.16 38.83
CA ARG C 41 18.47 -32.14 38.79
C ARG C 41 17.15 -31.69 39.40
N ASP C 42 16.07 -32.26 38.89
CA ASP C 42 14.73 -31.95 39.36
C ASP C 42 14.43 -30.45 39.45
N PRO C 43 14.58 -29.71 38.35
CA PRO C 43 14.30 -28.29 38.37
C PRO C 43 12.85 -28.07 38.74
N SER C 44 12.59 -26.95 39.37
CA SER C 44 11.23 -26.65 39.81
C SER C 44 10.48 -25.67 38.89
N PHE C 45 11.16 -25.22 37.82
CA PHE C 45 10.63 -24.21 36.94
C PHE C 45 11.21 -24.39 35.54
N VAL C 46 10.44 -24.06 34.50
CA VAL C 46 10.87 -24.16 33.11
C VAL C 46 10.64 -22.82 32.42
N ALA C 47 11.56 -22.38 31.57
CA ALA C 47 11.43 -21.14 30.81
C ALA C 47 11.58 -21.52 29.35
N THR C 48 10.74 -21.01 28.46
CA THR C 48 10.87 -21.30 27.04
C THR C 48 11.30 -20.06 26.29
N VAL C 49 12.03 -20.28 25.20
CA VAL C 49 12.55 -19.22 24.34
C VAL C 49 12.28 -19.63 22.87
N ALA C 50 11.43 -18.87 22.18
CA ALA C 50 11.06 -19.24 20.81
C ALA C 50 10.32 -18.10 20.14
N ARG C 51 10.20 -18.20 18.82
CA ARG C 51 9.45 -17.26 18.01
CA ARG C 51 9.45 -17.26 18.00
C ARG C 51 8.73 -18.03 16.92
N GLY C 52 7.75 -17.38 16.30
CA GLY C 52 7.01 -17.98 15.18
C GLY C 52 6.40 -19.32 15.51
N SER C 53 6.44 -20.23 14.54
CA SER C 53 5.89 -21.58 14.73
C SER C 53 6.51 -22.32 15.93
N SER C 54 7.79 -22.10 16.19
CA SER C 54 8.45 -22.74 17.33
C SER C 54 7.83 -22.31 18.66
N ASP C 55 7.25 -21.12 18.71
CA ASP C 55 6.60 -20.72 19.93
C ASP C 55 5.28 -21.48 20.15
N HIS C 56 4.61 -21.89 19.10
CA HIS C 56 3.43 -22.78 19.24
C HIS C 56 3.86 -24.15 19.76
N VAL C 57 5.06 -24.60 19.36
CA VAL C 57 5.62 -25.84 19.90
C VAL C 57 5.81 -25.62 21.41
N CYS C 58 6.38 -24.48 21.78
CA CYS C 58 6.57 -24.17 23.21
C CYS C 58 5.25 -24.15 24.00
N THR C 59 4.21 -23.58 23.40
CA THR C 59 2.88 -23.62 24.06
C THR C 59 2.46 -25.05 24.30
N TYR C 60 2.62 -25.88 23.29
CA TYR C 60 2.31 -27.29 23.37
C TYR C 60 3.11 -27.89 24.52
N LEU C 61 4.42 -27.67 24.53
CA LEU C 61 5.27 -28.29 25.57
C LEU C 61 5.00 -27.74 26.97
N SER C 62 4.53 -26.50 27.03
CA SER C 62 4.13 -25.84 28.28
CA SER C 62 4.15 -25.86 28.31
C SER C 62 3.00 -26.60 28.98
N TYR C 63 1.92 -26.87 28.23
CA TYR C 63 0.81 -27.70 28.73
C TYR C 63 1.31 -29.10 29.10
N ALA C 64 2.12 -29.72 28.22
CA ALA C 64 2.70 -31.06 28.46
C ALA C 64 3.47 -31.13 29.80
N ALA C 65 4.39 -30.18 30.00
CA ALA C 65 5.20 -30.13 31.22
C ALA C 65 4.36 -29.84 32.46
N GLU C 66 3.35 -28.98 32.35
CA GLU C 66 2.48 -28.69 33.50
C GLU C 66 1.61 -29.91 33.86
N LEU C 67 1.01 -30.52 32.85
CA LEU C 67 0.14 -31.70 33.07
C LEU C 67 0.91 -32.98 33.47
N LEU C 68 2.05 -33.23 32.84
CA LEU C 68 2.82 -34.44 33.14
C LEU C 68 3.71 -34.32 34.38
N LEU C 69 4.38 -33.18 34.53
CA LEU C 69 5.35 -33.01 35.59
C LEU C 69 4.96 -32.01 36.71
N GLY C 70 3.92 -31.23 36.49
CA GLY C 70 3.50 -30.23 37.48
C GLY C 70 4.44 -29.02 37.56
N LEU C 71 5.29 -28.82 36.54
CA LEU C 71 6.22 -27.70 36.55
C LEU C 71 5.63 -26.48 35.88
N PRO C 72 5.62 -25.32 36.57
CA PRO C 72 5.17 -24.11 35.85
C PRO C 72 6.15 -23.74 34.72
N VAL C 73 5.60 -23.20 33.63
CA VAL C 73 6.41 -22.87 32.44
C VAL C 73 6.24 -21.37 32.04
N ALA C 74 7.33 -20.62 32.04
CA ALA C 74 7.36 -19.19 31.63
C ALA C 74 7.91 -19.02 30.23
N SER C 75 7.16 -18.33 29.37
CA SER C 75 7.61 -17.98 28.04
C SER C 75 8.35 -16.64 28.19
N LEU C 76 9.65 -16.63 27.97
CA LEU C 76 10.49 -15.44 28.14
C LEU C 76 10.56 -14.60 26.85
N GLY C 77 10.11 -13.35 26.94
CA GLY C 77 10.26 -12.44 25.79
C GLY C 77 11.76 -12.27 25.53
N PRO C 78 12.23 -12.68 24.34
CA PRO C 78 13.70 -12.60 24.12
C PRO C 78 14.36 -11.20 24.30
N SER C 79 13.58 -10.12 24.15
CA SER C 79 14.09 -8.77 24.35
C SER C 79 14.65 -8.52 25.75
N VAL C 80 14.14 -9.27 26.73
CA VAL C 80 14.64 -9.19 28.09
C VAL C 80 16.16 -9.33 28.12
N ALA C 81 16.68 -10.20 27.24
CA ALA C 81 18.13 -10.37 27.06
C ALA C 81 18.67 -9.49 25.93
N SER C 82 18.06 -9.55 24.74
CA SER C 82 18.63 -8.89 23.57
C SER C 82 18.58 -7.38 23.54
N VAL C 83 17.61 -6.80 24.26
CA VAL C 83 17.43 -5.35 24.31
C VAL C 83 17.89 -4.83 25.66
N TYR C 84 17.33 -5.40 26.73
CA TYR C 84 17.56 -4.89 28.09
C TYR C 84 18.75 -5.54 28.84
N ASP C 85 19.21 -6.68 28.35
CA ASP C 85 20.28 -7.47 28.96
C ASP C 85 20.03 -7.56 30.47
N ALA C 86 18.79 -7.89 30.82
CA ALA C 86 18.39 -7.98 32.22
C ALA C 86 18.95 -9.24 32.88
N ARG C 87 19.18 -9.13 34.18
CA ARG C 87 19.65 -10.28 34.95
CA ARG C 87 19.65 -10.26 34.97
C ARG C 87 18.41 -10.94 35.54
N LEU C 88 18.24 -12.23 35.26
CA LEU C 88 17.10 -13.00 35.75
C LEU C 88 17.54 -14.03 36.78
N ARG C 89 16.63 -14.40 37.66
CA ARG C 89 16.91 -15.41 38.70
C ARG C 89 16.48 -16.76 38.12
N LEU C 90 17.38 -17.38 37.37
CA LEU C 90 17.08 -18.66 36.73
C LEU C 90 17.85 -19.87 37.31
N ASP C 91 18.42 -19.70 38.51
CA ASP C 91 19.14 -20.79 39.17
CA ASP C 91 19.12 -20.79 39.18
C ASP C 91 18.18 -21.98 39.30
N ARG C 92 18.64 -23.18 39.02
N ARG C 92 18.69 -23.14 38.95
CA ARG C 92 17.75 -24.36 39.13
CA ARG C 92 17.94 -24.40 39.00
C ARG C 92 16.50 -24.33 38.20
C ARG C 92 16.98 -24.64 37.80
N ALA C 93 16.60 -23.59 37.08
CA ALA C 93 15.56 -23.68 36.03
C ALA C 93 16.07 -24.43 34.79
N LEU C 94 15.15 -25.05 34.08
CA LEU C 94 15.40 -25.55 32.73
C LEU C 94 15.00 -24.42 31.77
N CYS C 95 15.88 -24.07 30.84
CA CYS C 95 15.56 -23.14 29.77
C CYS C 95 15.52 -23.95 28.46
N LEU C 96 14.35 -24.05 27.87
CA LEU C 96 14.16 -24.81 26.64
C LEU C 96 14.03 -23.84 25.46
N ALA C 97 15.02 -23.81 24.59
CA ALA C 97 15.00 -22.96 23.40
C ALA C 97 14.59 -23.84 22.20
N VAL C 98 13.63 -23.37 21.39
CA VAL C 98 13.20 -24.12 20.19
C VAL C 98 13.40 -23.22 18.96
N SER C 99 14.19 -23.65 17.98
CA SER C 99 14.49 -22.83 16.75
C SER C 99 14.94 -23.78 15.64
N GLN C 100 14.30 -23.71 14.50
CA GLN C 100 14.66 -24.58 13.36
C GLN C 100 16.12 -24.42 12.95
N SER C 101 16.52 -23.19 12.58
CA SER C 101 17.92 -22.95 12.14
C SER C 101 18.89 -22.54 13.23
N GLY C 102 18.38 -22.14 14.40
CA GLY C 102 19.21 -21.73 15.53
C GLY C 102 20.04 -20.49 15.30
N LYS C 103 19.64 -19.65 14.35
CA LYS C 103 20.37 -18.43 14.00
C LYS C 103 19.85 -17.13 14.63
N SER C 104 18.55 -17.06 14.88
CA SER C 104 17.89 -15.87 15.43
C SER C 104 18.67 -15.23 16.56
N PRO C 105 19.15 -13.99 16.35
CA PRO C 105 19.92 -13.33 17.41
C PRO C 105 19.18 -13.22 18.74
N ASP C 106 17.87 -12.94 18.69
CA ASP C 106 17.00 -12.86 19.89
C ASP C 106 17.02 -14.18 20.67
N ILE C 107 16.82 -15.27 19.95
CA ILE C 107 16.74 -16.61 20.59
C ILE C 107 18.13 -16.98 21.14
N VAL C 108 19.18 -16.77 20.37
CA VAL C 108 20.55 -17.01 20.86
C VAL C 108 20.84 -16.17 22.11
N ALA C 109 20.43 -14.90 22.11
CA ALA C 109 20.74 -13.99 23.21
C ALA C 109 20.08 -14.40 24.49
N MSE C 110 18.79 -14.74 24.42
CA MSE C 110 18.04 -15.13 25.58
CA MSE C 110 18.08 -15.13 25.61
C MSE C 110 18.59 -16.46 26.11
O MSE C 110 18.73 -16.65 27.32
CB MSE C 110 16.57 -15.23 25.20
CB MSE C 110 16.57 -15.18 25.42
CG MSE C 110 15.59 -15.42 26.37
CG MSE C 110 15.84 -15.68 26.71
SE MSE C 110 15.41 -13.91 27.59
SE MSE C 110 16.39 -14.79 28.40
CE MSE C 110 16.89 -14.31 28.90
CE MSE C 110 15.57 -13.09 28.00
N THR C 111 18.89 -17.38 25.21
CA THR C 111 19.39 -18.69 25.65
C THR C 111 20.76 -18.52 26.36
N ARG C 112 21.63 -17.72 25.75
CA ARG C 112 22.94 -17.42 26.31
CA ARG C 112 22.95 -17.40 26.30
C ARG C 112 22.80 -16.78 27.69
N ASN C 113 21.92 -15.78 27.80
CA ASN C 113 21.69 -15.09 29.08
C ASN C 113 21.08 -16.01 30.14
N ALA C 114 20.20 -16.90 29.73
CA ALA C 114 19.58 -17.88 30.64
C ALA C 114 20.61 -18.76 31.29
N GLY C 115 21.60 -19.21 30.52
CA GLY C 115 22.70 -20.00 31.03
C GLY C 115 23.59 -19.20 31.98
N ARG C 116 23.95 -17.99 31.56
CA ARG C 116 24.67 -17.05 32.42
C ARG C 116 23.99 -16.87 33.77
N ASP C 117 22.66 -16.84 33.76
CA ASP C 117 21.82 -16.58 34.94
C ASP C 117 21.32 -17.82 35.68
N GLY C 118 21.93 -18.97 35.37
CA GLY C 118 21.82 -20.18 36.17
C GLY C 118 21.01 -21.32 35.62
N ALA C 119 20.38 -21.14 34.46
CA ALA C 119 19.53 -22.17 33.87
C ALA C 119 20.36 -23.25 33.19
N LEU C 120 19.77 -24.45 33.12
CA LEU C 120 20.27 -25.54 32.29
C LEU C 120 19.59 -25.36 30.93
N CYS C 121 20.37 -25.01 29.92
CA CYS C 121 19.83 -24.69 28.61
C CYS C 121 19.87 -25.86 27.66
N VAL C 122 18.73 -26.12 27.06
CA VAL C 122 18.52 -27.24 26.16
C VAL C 122 17.89 -26.68 24.86
N ALA C 123 18.59 -26.82 23.74
CA ALA C 123 18.08 -26.39 22.44
C ALA C 123 17.47 -27.54 21.64
N LEU C 124 16.24 -27.33 21.18
CA LEU C 124 15.60 -28.24 20.22
C LEU C 124 15.75 -27.52 18.86
N THR C 125 16.58 -28.07 17.99
CA THR C 125 16.87 -27.41 16.71
C THR C 125 17.09 -28.42 15.60
N ASN C 126 16.94 -27.95 14.37
CA ASN C 126 17.20 -28.72 13.15
C ASN C 126 18.61 -28.45 12.59
N ASP C 127 19.41 -27.67 13.31
CA ASP C 127 20.80 -27.43 12.93
C ASP C 127 21.64 -27.49 14.19
N ALA C 128 22.25 -28.66 14.44
CA ALA C 128 23.05 -28.88 15.65
C ALA C 128 24.39 -28.14 15.62
N ALA C 129 24.73 -27.54 14.48
CA ALA C 129 25.95 -26.74 14.37
C ALA C 129 25.67 -25.24 14.48
N SER C 130 24.44 -24.87 14.84
CA SER C 130 24.00 -23.48 14.83
C SER C 130 24.54 -22.65 15.98
N PRO C 131 24.44 -21.32 15.88
CA PRO C 131 24.80 -20.47 17.02
C PRO C 131 24.05 -20.82 18.30
N LEU C 132 22.78 -21.20 18.17
CA LEU C 132 21.99 -21.57 19.34
C LEU C 132 22.58 -22.81 20.04
N ALA C 133 22.91 -23.82 19.25
CA ALA C 133 23.58 -25.01 19.80
C ALA C 133 24.80 -24.56 20.58
N GLY C 134 25.55 -23.62 20.02
CA GLY C 134 26.75 -23.10 20.66
C GLY C 134 26.58 -22.43 22.02
N VAL C 135 25.40 -21.89 22.34
CA VAL C 135 25.22 -21.28 23.63
C VAL C 135 24.36 -22.16 24.54
N SER C 136 24.12 -23.40 24.14
CA SER C 136 23.30 -24.30 24.93
C SER C 136 24.15 -25.39 25.58
N ALA C 137 23.82 -25.76 26.81
CA ALA C 137 24.48 -26.85 27.51
C ALA C 137 24.20 -28.18 26.78
N HIS C 138 22.98 -28.35 26.24
CA HIS C 138 22.60 -29.56 25.50
C HIS C 138 21.82 -29.19 24.28
N THR C 139 22.07 -29.92 23.20
CA THR C 139 21.35 -29.73 21.94
C THR C 139 20.69 -31.05 21.57
N ILE C 140 19.38 -30.99 21.31
CA ILE C 140 18.60 -32.14 20.87
C ILE C 140 18.19 -31.82 19.42
N ASP C 141 18.86 -32.49 18.49
CA ASP C 141 18.58 -32.38 17.06
C ASP C 141 17.20 -33.02 16.83
N ILE C 142 16.36 -32.32 16.07
CA ILE C 142 14.99 -32.78 15.83
C ILE C 142 14.89 -33.72 14.63
N HIS C 143 15.99 -33.82 13.86
CA HIS C 143 16.06 -34.75 12.73
C HIS C 143 14.96 -34.57 11.68
N ALA C 144 14.54 -33.32 11.46
CA ALA C 144 13.44 -33.02 10.55
C ALA C 144 13.86 -33.11 9.09
N GLY C 145 15.15 -32.87 8.83
CA GLY C 145 15.63 -32.74 7.46
C GLY C 145 15.22 -31.40 6.86
N PRO C 146 15.55 -31.19 5.60
CA PRO C 146 15.22 -29.91 4.99
C PRO C 146 13.73 -29.63 4.88
N GLU C 147 13.38 -28.35 5.08
CA GLU C 147 12.02 -27.89 4.88
C GLU C 147 11.74 -27.86 3.40
N LEU C 148 10.70 -28.57 2.97
CA LEU C 148 10.38 -28.61 1.55
C LEU C 148 9.33 -27.58 1.18
N SER C 149 8.61 -27.09 2.19
CA SER C 149 7.53 -26.16 1.94
C SER C 149 7.50 -25.04 2.95
N VAL C 150 6.91 -23.92 2.56
CA VAL C 150 6.65 -22.83 3.50
C VAL C 150 5.77 -23.27 4.68
N ALA C 151 5.02 -24.36 4.51
CA ALA C 151 4.23 -24.95 5.61
C ALA C 151 5.14 -25.44 6.76
N ALA C 152 6.37 -25.81 6.42
CA ALA C 152 7.41 -26.30 7.37
C ALA C 152 6.82 -27.30 8.38
N THR C 153 6.08 -28.26 7.84
CA THR C 153 5.37 -29.23 8.62
C THR C 153 6.21 -30.20 9.44
N LYS C 154 7.31 -30.71 8.89
CA LYS C 154 8.13 -31.64 9.63
C LYS C 154 8.77 -30.91 10.80
N THR C 155 9.13 -29.65 10.56
CA THR C 155 9.76 -28.89 11.63
C THR C 155 8.87 -28.77 12.88
N PHE C 156 7.59 -28.42 12.68
CA PHE C 156 6.65 -28.33 13.78
C PHE C 156 6.50 -29.70 14.45
N VAL C 157 6.24 -30.73 13.65
CA VAL C 157 5.93 -32.05 14.20
C VAL C 157 7.11 -32.63 14.99
N THR C 158 8.30 -32.62 14.40
CA THR C 158 9.49 -33.17 15.07
C THR C 158 9.95 -32.32 16.28
N SER C 159 9.83 -31.00 16.20
CA SER C 159 10.11 -30.18 17.38
C SER C 159 9.24 -30.59 18.57
N ALA C 160 7.93 -30.77 18.33
CA ALA C 160 7.01 -31.15 19.41
C ALA C 160 7.32 -32.58 19.88
N VAL C 161 7.59 -33.47 18.94
CA VAL C 161 7.90 -34.84 19.33
C VAL C 161 9.16 -34.90 20.21
N ALA C 162 10.22 -34.20 19.81
CA ALA C 162 11.46 -34.11 20.58
C ALA C 162 11.20 -33.66 22.02
N GLY C 163 10.44 -32.58 22.20
CA GLY C 163 10.09 -32.13 23.55
C GLY C 163 9.27 -33.15 24.33
N LEU C 164 8.30 -33.77 23.67
CA LEU C 164 7.49 -34.81 24.32
C LEU C 164 8.32 -36.04 24.71
N MSE C 165 9.30 -36.44 23.88
CA MSE C 165 10.25 -37.55 24.19
C MSE C 165 11.06 -37.19 25.42
O MSE C 165 11.25 -38.01 26.33
CB MSE C 165 11.18 -37.84 23.01
CG MSE C 165 10.47 -38.43 21.80
SE MSE C 165 11.77 -38.47 20.31
CE MSE C 165 13.12 -39.74 21.05
N LEU C 166 11.50 -35.95 25.48
CA LEU C 166 12.27 -35.48 26.63
C LEU C 166 11.41 -35.53 27.90
N LEU C 167 10.17 -35.02 27.82
CA LEU C 167 9.27 -35.01 28.98
C LEU C 167 8.92 -36.44 29.40
N ALA C 168 8.71 -37.31 28.42
CA ALA C 168 8.33 -38.70 28.70
C ALA C 168 9.47 -39.47 29.41
N ASP C 169 10.69 -39.29 28.93
CA ASP C 169 11.84 -39.95 29.56
C ASP C 169 12.13 -39.38 30.96
N TRP C 170 12.00 -38.07 31.10
CA TRP C 170 12.20 -37.42 32.40
C TRP C 170 11.18 -37.99 33.41
N ALA C 171 9.91 -38.08 32.99
CA ALA C 171 8.83 -38.65 33.81
C ALA C 171 8.84 -40.18 33.89
N GLU C 172 9.66 -40.82 33.05
CA GLU C 172 9.69 -42.28 32.90
C GLU C 172 8.27 -42.83 32.66
N ASP C 173 7.56 -42.17 31.75
CA ASP C 173 6.15 -42.47 31.47
C ASP C 173 6.03 -43.44 30.30
N ASP C 174 5.75 -44.70 30.63
CA ASP C 174 5.70 -45.71 29.60
C ASP C 174 4.54 -45.59 28.63
N GLY C 175 3.39 -45.13 29.11
CA GLY C 175 2.21 -44.92 28.25
C GLY C 175 2.48 -43.85 27.19
N LEU C 176 3.03 -42.72 27.62
CA LEU C 176 3.41 -41.64 26.69
C LEU C 176 4.53 -42.12 25.74
N ARG C 177 5.54 -42.83 26.24
CA ARG C 177 6.59 -43.34 25.34
C ARG C 177 6.05 -44.31 24.27
N ALA C 178 5.07 -45.14 24.67
CA ALA C 178 4.41 -46.07 23.77
C ALA C 178 3.67 -45.31 22.68
N ALA C 179 2.93 -44.26 23.04
CA ALA C 179 2.21 -43.45 22.05
C ALA C 179 3.21 -42.77 21.10
N LEU C 180 4.31 -42.25 21.64
CA LEU C 180 5.37 -41.63 20.83
C LEU C 180 5.95 -42.63 19.83
N GLY C 181 6.25 -43.85 20.30
CA GLY C 181 6.80 -44.92 19.47
C GLY C 181 5.92 -45.29 18.29
N ASN C 182 4.61 -45.15 18.49
CA ASN C 182 3.61 -45.47 17.45
C ASN C 182 3.25 -44.29 16.55
N LEU C 183 3.80 -43.09 16.81
CA LEU C 183 3.42 -41.91 16.01
C LEU C 183 3.63 -41.98 14.51
N PRO C 184 4.73 -42.59 14.04
CA PRO C 184 4.90 -42.67 12.59
C PRO C 184 3.69 -43.28 11.87
N GLU C 185 3.13 -44.33 12.45
CA GLU C 185 1.95 -44.99 11.89
C GLU C 185 0.67 -44.16 12.10
N THR C 186 0.52 -43.59 13.29
CA THR C 186 -0.61 -42.71 13.60
C THR C 186 -0.62 -41.52 12.64
N LEU C 187 0.55 -40.90 12.46
CA LEU C 187 0.64 -39.73 11.58
C LEU C 187 0.48 -40.09 10.10
N ALA C 188 0.97 -41.25 9.68
CA ALA C 188 0.72 -41.71 8.31
C ALA C 188 -0.79 -41.78 8.04
N ALA C 189 -1.56 -42.36 8.96
CA ALA C 189 -3.03 -42.43 8.86
C ALA C 189 -3.68 -41.04 8.87
N ALA C 190 -3.22 -40.18 9.77
CA ALA C 190 -3.73 -38.82 9.86
C ALA C 190 -3.51 -38.08 8.55
N SER C 191 -2.39 -38.36 7.87
CA SER C 191 -2.09 -37.67 6.62
C SER C 191 -2.93 -38.09 5.42
N ARG C 192 -3.67 -39.17 5.55
CA ARG C 192 -4.53 -39.63 4.45
CA ARG C 192 -4.56 -39.68 4.49
C ARG C 192 -5.96 -39.09 4.58
N ILE C 193 -6.17 -38.20 5.54
CA ILE C 193 -7.47 -37.50 5.78
C ILE C 193 -7.30 -36.08 5.26
N ASP C 194 -8.25 -35.58 4.48
CA ASP C 194 -8.17 -34.19 4.00
C ASP C 194 -9.46 -33.35 4.13
N TRP C 195 -10.41 -33.84 4.92
CA TRP C 195 -11.63 -33.08 5.30
C TRP C 195 -12.31 -32.34 4.14
N PRO C 196 -12.82 -33.11 3.17
CA PRO C 196 -13.42 -32.49 1.98
C PRO C 196 -14.57 -31.51 2.26
N GLU C 197 -15.39 -31.77 3.27
CA GLU C 197 -16.53 -30.87 3.57
C GLU C 197 -16.07 -29.54 4.17
N MSE C 198 -14.97 -29.56 4.91
CA MSE C 198 -14.38 -28.32 5.41
CA MSE C 198 -14.32 -28.33 5.40
C MSE C 198 -13.84 -27.50 4.22
O MSE C 198 -13.98 -26.27 4.20
CB MSE C 198 -13.25 -28.61 6.41
CB MSE C 198 -13.08 -28.68 6.22
CG MSE C 198 -12.40 -27.40 6.77
CG MSE C 198 -13.29 -28.86 7.69
SE MSE C 198 -13.41 -25.87 7.50
SE MSE C 198 -12.80 -27.26 8.67
CE MSE C 198 -13.66 -26.44 9.33
CE MSE C 198 -14.20 -26.02 8.18
N ARG C 199 -13.23 -28.18 3.25
CA ARG C 199 -12.68 -27.50 2.10
C ARG C 199 -13.77 -26.79 1.29
N VAL C 200 -14.93 -27.43 1.15
CA VAL C 200 -16.09 -26.78 0.50
C VAL C 200 -16.47 -25.46 1.24
N ALA C 201 -16.58 -25.57 2.57
CA ALA C 201 -16.93 -24.44 3.44
C ALA C 201 -15.97 -23.27 3.30
N ILE C 202 -14.68 -23.56 3.36
CA ILE C 202 -13.66 -22.52 3.19
C ILE C 202 -13.71 -21.98 1.77
N GLY C 203 -13.93 -22.84 0.77
CA GLY C 203 -14.08 -22.34 -0.61
C GLY C 203 -15.17 -21.28 -0.74
N ALA C 204 -16.32 -21.53 -0.11
CA ALA C 204 -17.42 -20.60 -0.13
C ALA C 204 -17.12 -19.32 0.66
N ARG C 205 -16.39 -19.44 1.77
CA ARG C 205 -16.12 -18.32 2.70
C ARG C 205 -14.66 -18.45 3.14
N PRO C 206 -13.73 -17.90 2.34
CA PRO C 206 -12.30 -18.13 2.47
C PRO C 206 -11.52 -17.37 3.57
N SER C 207 -11.90 -17.66 4.81
CA SER C 207 -11.13 -17.29 6.00
C SER C 207 -11.47 -18.41 6.97
N LEU C 208 -10.66 -18.55 8.01
CA LEU C 208 -10.83 -19.65 8.94
C LEU C 208 -10.70 -19.21 10.40
N PHE C 209 -11.57 -19.75 11.25
CA PHE C 209 -11.38 -19.61 12.67
C PHE C 209 -11.01 -20.98 13.19
N THR C 210 -9.96 -21.05 14.01
CA THR C 210 -9.61 -22.34 14.63
C THR C 210 -9.82 -22.19 16.15
N LEU C 211 -10.21 -23.28 16.81
CA LEU C 211 -10.36 -23.30 18.24
C LEU C 211 -9.60 -24.47 18.86
N GLY C 212 -9.18 -24.27 20.10
CA GLY C 212 -8.62 -25.32 20.91
C GLY C 212 -8.95 -25.01 22.36
N ARG C 213 -8.71 -26.00 23.23
CA ARG C 213 -8.95 -25.85 24.66
C ARG C 213 -7.89 -26.66 25.36
N GLY C 214 -7.10 -26.05 26.24
CA GLY C 214 -6.01 -26.78 26.85
C GLY C 214 -4.89 -27.04 25.85
N THR C 215 -4.30 -28.22 25.91
CA THR C 215 -3.16 -28.56 25.07
C THR C 215 -3.40 -28.29 23.57
N SER C 216 -4.61 -28.60 23.09
CA SER C 216 -4.96 -28.44 21.66
CA SER C 216 -4.98 -28.42 21.66
C SER C 216 -4.92 -26.99 21.17
N LEU C 217 -4.94 -26.02 22.09
CA LEU C 217 -4.84 -24.63 21.69
C LEU C 217 -3.50 -24.38 20.98
N ALA C 218 -2.45 -25.13 21.34
CA ALA C 218 -1.17 -24.95 20.63
C ALA C 218 -1.28 -25.30 19.14
N VAL C 219 -1.94 -26.43 18.83
CA VAL C 219 -2.12 -26.80 17.40
C VAL C 219 -3.14 -25.88 16.71
N SER C 220 -4.15 -25.41 17.44
CA SER C 220 -5.09 -24.41 16.90
C SER C 220 -4.33 -23.15 16.43
N ASN C 221 -3.38 -22.72 17.26
CA ASN C 221 -2.55 -21.56 16.97
C ASN C 221 -1.66 -21.82 15.75
N GLU C 222 -1.03 -22.99 15.71
CA GLU C 222 -0.17 -23.40 14.58
C GLU C 222 -1.02 -23.50 13.31
N ALA C 223 -2.22 -24.04 13.45
CA ALA C 223 -3.09 -24.17 12.30
C ALA C 223 -3.40 -22.80 11.66
N ALA C 224 -3.78 -21.83 12.47
CA ALA C 224 -4.10 -20.47 11.94
C ALA C 224 -2.87 -19.86 11.28
N LEU C 225 -1.70 -20.04 11.90
CA LEU C 225 -0.47 -19.53 11.33
C LEU C 225 -0.16 -20.10 9.96
N LYS C 226 -0.18 -21.42 9.86
CA LYS C 226 0.15 -22.08 8.59
C LYS C 226 -0.89 -21.91 7.47
N PHE C 227 -2.15 -21.73 7.84
CA PHE C 227 -3.19 -21.42 6.85
C PHE C 227 -2.86 -20.06 6.20
N LYS C 228 -2.54 -19.08 7.04
CA LYS C 228 -2.12 -17.76 6.54
C LYS C 228 -0.87 -17.89 5.66
N GLU C 229 0.14 -18.58 6.15
CA GLU C 229 1.40 -18.71 5.41
C GLU C 229 1.23 -19.38 4.03
N THR C 230 0.52 -20.49 4.03
CA THR C 230 0.39 -21.30 2.82
C THR C 230 -0.65 -20.75 1.80
N CYS C 231 -1.77 -20.26 2.31
CA CYS C 231 -2.88 -19.80 1.46
C CYS C 231 -3.02 -18.31 1.29
N GLN C 232 -2.37 -17.52 2.15
CA GLN C 232 -2.41 -16.07 2.07
C GLN C 232 -3.84 -15.59 2.20
N LEU C 233 -4.56 -16.25 3.12
CA LEU C 233 -5.91 -15.94 3.50
C LEU C 233 -5.93 -15.80 5.01
N HIS C 234 -6.89 -15.03 5.53
CA HIS C 234 -6.95 -14.77 6.95
C HIS C 234 -7.41 -15.97 7.79
N ALA C 235 -6.77 -16.11 8.95
CA ALA C 235 -7.17 -17.10 9.96
C ALA C 235 -6.88 -16.58 11.36
N GLU C 236 -7.69 -16.96 12.34
CA GLU C 236 -7.40 -16.61 13.72
CA GLU C 236 -7.48 -16.57 13.73
C GLU C 236 -7.77 -17.76 14.62
N SER C 237 -6.93 -17.95 15.64
CA SER C 237 -7.08 -19.04 16.60
C SER C 237 -7.55 -18.49 17.94
N TYR C 238 -8.54 -19.16 18.52
CA TYR C 238 -9.09 -18.83 19.85
C TYR C 238 -9.22 -20.00 20.80
N SER C 239 -9.14 -19.73 22.09
CA SER C 239 -9.57 -20.71 23.08
C SER C 239 -11.08 -20.83 22.89
N SER C 240 -11.62 -22.06 22.93
CA SER C 240 -13.06 -22.27 22.86
C SER C 240 -13.76 -21.55 24.03
N ALA C 241 -13.03 -21.38 25.14
CA ALA C 241 -13.59 -20.69 26.33
C ALA C 241 -13.68 -19.17 26.18
N GLU C 242 -13.00 -18.61 25.17
CA GLU C 242 -12.96 -17.17 24.93
C GLU C 242 -13.61 -16.71 23.62
N VAL C 243 -13.87 -17.64 22.71
CA VAL C 243 -14.29 -17.28 21.36
C VAL C 243 -15.62 -16.52 21.33
N LEU C 244 -16.50 -16.78 22.29
CA LEU C 244 -17.81 -16.11 22.34
C LEU C 244 -17.76 -14.79 23.10
N HIS C 245 -16.58 -14.40 23.58
CA HIS C 245 -16.44 -13.19 24.40
C HIS C 245 -15.47 -12.12 23.83
N GLY C 246 -14.92 -12.33 22.65
CA GLY C 246 -13.94 -11.38 22.09
C GLY C 246 -14.56 -10.15 21.45
N PRO C 247 -13.70 -9.23 20.97
CA PRO C 247 -14.20 -7.98 20.39
C PRO C 247 -15.13 -8.14 19.19
N VAL C 248 -14.96 -9.22 18.41
CA VAL C 248 -15.78 -9.47 17.22
C VAL C 248 -16.61 -10.76 17.32
N SER C 249 -17.81 -10.69 16.76
CA SER C 249 -18.74 -11.83 16.78
C SER C 249 -18.30 -12.76 15.68
N ILE C 250 -17.81 -13.93 16.06
CA ILE C 250 -17.29 -14.85 15.05
C ILE C 250 -18.43 -15.41 14.21
N VAL C 251 -19.60 -15.57 14.83
CA VAL C 251 -20.80 -16.01 14.10
C VAL C 251 -21.12 -15.01 12.99
N GLU C 252 -21.22 -13.72 13.34
N GLU C 252 -21.21 -13.73 13.31
CA GLU C 252 -21.52 -12.66 12.38
CA GLU C 252 -21.58 -12.75 12.31
C GLU C 252 -20.50 -12.58 11.23
C GLU C 252 -20.49 -12.55 11.22
N GLU C 253 -19.24 -12.95 11.51
CA GLU C 253 -18.19 -12.90 10.48
C GLU C 253 -18.45 -13.88 9.34
N GLY C 254 -19.15 -14.97 9.63
CA GLY C 254 -19.56 -15.92 8.60
C GLY C 254 -18.50 -16.83 8.02
N PHE C 255 -17.46 -17.12 8.79
CA PHE C 255 -16.40 -18.01 8.34
C PHE C 255 -16.42 -19.35 9.08
N PRO C 256 -15.99 -20.42 8.40
CA PRO C 256 -16.00 -21.75 8.99
C PRO C 256 -15.14 -21.78 10.25
N VAL C 257 -15.55 -22.60 11.21
CA VAL C 257 -14.89 -22.73 12.50
C VAL C 257 -14.42 -24.21 12.62
N LEU C 258 -13.15 -24.41 13.01
CA LEU C 258 -12.57 -25.75 13.10
C LEU C 258 -12.09 -25.94 14.52
N GLY C 259 -12.77 -26.83 15.25
CA GLY C 259 -12.44 -27.14 16.62
C GLY C 259 -11.49 -28.32 16.75
N PHE C 260 -10.29 -28.02 17.26
CA PHE C 260 -9.27 -29.01 17.55
C PHE C 260 -9.51 -29.63 18.92
N ALA C 261 -9.97 -30.88 18.90
CA ALA C 261 -10.27 -31.66 20.12
C ALA C 261 -9.40 -32.91 20.18
N ALA C 262 -8.57 -33.00 21.22
CA ALA C 262 -7.85 -34.19 21.57
C ALA C 262 -8.74 -35.08 22.44
N GLY C 263 -8.32 -36.31 22.62
CA GLY C 263 -8.99 -37.26 23.50
C GLY C 263 -8.52 -37.07 24.92
N ASP C 264 -8.75 -35.88 25.47
CA ASP C 264 -8.29 -35.53 26.81
C ASP C 264 -9.48 -34.91 27.55
N ALA C 265 -9.23 -34.34 28.71
CA ALA C 265 -10.31 -33.73 29.52
C ALA C 265 -11.00 -32.53 28.86
N ALA C 266 -10.35 -31.96 27.87
CA ALA C 266 -10.85 -30.78 27.13
C ALA C 266 -11.83 -31.14 26.01
N GLU C 267 -11.88 -32.41 25.63
CA GLU C 267 -12.74 -32.86 24.52
C GLU C 267 -14.22 -32.44 24.66
N ALA C 268 -14.80 -32.70 25.82
CA ALA C 268 -16.21 -32.39 26.05
C ALA C 268 -16.48 -30.88 26.01
N PRO C 269 -15.73 -30.07 26.80
CA PRO C 269 -15.95 -28.61 26.71
C PRO C 269 -15.66 -28.01 25.32
N LEU C 270 -14.72 -28.58 24.57
CA LEU C 270 -14.49 -28.11 23.20
C LEU C 270 -15.75 -28.36 22.33
N ALA C 271 -16.26 -29.59 22.41
CA ALA C 271 -17.45 -30.03 21.69
C ALA C 271 -18.69 -29.21 22.08
N GLU C 272 -18.80 -28.92 23.38
CA GLU C 272 -19.90 -28.15 23.90
C GLU C 272 -19.95 -26.76 23.23
N ILE C 273 -18.80 -26.07 23.18
CA ILE C 273 -18.72 -24.74 22.54
C ILE C 273 -18.91 -24.82 21.00
N ALA C 274 -18.33 -25.84 20.37
CA ALA C 274 -18.50 -26.07 18.92
C ALA C 274 -19.98 -26.14 18.61
N ASP C 275 -20.70 -26.92 19.40
CA ASP C 275 -22.15 -27.06 19.24
C ASP C 275 -22.94 -25.80 19.50
N GLN C 276 -22.53 -25.00 20.49
CA GLN C 276 -23.20 -23.73 20.80
C GLN C 276 -23.06 -22.78 19.62
N ILE C 277 -21.88 -22.79 19.00
CA ILE C 277 -21.60 -21.95 17.83
C ILE C 277 -22.46 -22.44 16.65
N ALA C 278 -22.50 -23.75 16.44
CA ALA C 278 -23.34 -24.34 15.39
C ALA C 278 -24.83 -23.96 15.57
N ALA C 279 -25.26 -23.94 16.84
CA ALA C 279 -26.63 -23.61 17.19
C ALA C 279 -27.00 -22.19 16.80
N LYS C 280 -26.02 -21.30 16.66
CA LYS C 280 -26.27 -19.92 16.28
CA LYS C 280 -26.24 -19.90 16.29
C LYS C 280 -26.31 -19.75 14.77
N GLY C 281 -26.18 -20.87 14.04
CA GLY C 281 -26.23 -20.86 12.56
C GLY C 281 -24.89 -20.79 11.84
N ALA C 282 -23.79 -20.83 12.59
CA ALA C 282 -22.45 -20.80 12.00
C ALA C 282 -22.04 -22.18 11.45
N THR C 283 -21.09 -22.18 10.53
CA THR C 283 -20.55 -23.39 9.97
C THR C 283 -19.37 -23.86 10.86
N VAL C 284 -19.56 -24.98 11.53
CA VAL C 284 -18.58 -25.47 12.48
C VAL C 284 -18.31 -26.97 12.31
N PHE C 285 -17.04 -27.34 12.46
CA PHE C 285 -16.55 -28.70 12.38
C PHE C 285 -15.65 -28.93 13.58
N ALA C 286 -15.59 -30.15 14.09
CA ALA C 286 -14.69 -30.46 15.25
C ALA C 286 -14.15 -31.88 15.19
N THR C 287 -12.93 -32.08 15.68
CA THR C 287 -12.29 -33.39 15.61
C THR C 287 -12.65 -34.28 16.81
N THR C 288 -13.94 -34.53 16.98
CA THR C 288 -14.45 -35.32 18.09
C THR C 288 -15.84 -35.80 17.72
N GLY C 289 -16.19 -36.99 18.19
CA GLY C 289 -17.52 -37.52 17.94
C GLY C 289 -18.57 -37.06 18.95
N ARG C 290 -18.15 -36.26 19.92
CA ARG C 290 -19.06 -35.77 20.95
C ARG C 290 -19.94 -34.61 20.48
N VAL C 291 -19.60 -34.01 19.33
CA VAL C 291 -20.45 -32.93 18.80
C VAL C 291 -21.74 -33.55 18.28
N THR C 292 -22.87 -32.87 18.49
CA THR C 292 -24.17 -33.33 18.05
C THR C 292 -24.80 -32.37 17.06
N ARG C 293 -24.25 -31.18 16.92
CA ARG C 293 -24.77 -30.15 16.03
C ARG C 293 -23.70 -29.77 15.04
N ALA C 294 -22.52 -29.41 15.55
CA ALA C 294 -21.36 -29.17 14.70
C ALA C 294 -21.03 -30.48 13.98
N ARG C 295 -20.44 -30.39 12.80
CA ARG C 295 -20.04 -31.60 12.05
C ARG C 295 -18.76 -32.25 12.55
N VAL C 296 -18.74 -33.58 12.51
CA VAL C 296 -17.59 -34.33 12.94
C VAL C 296 -16.54 -34.41 11.83
N LEU C 297 -15.30 -34.10 12.17
CA LEU C 297 -14.14 -34.25 11.30
C LEU C 297 -13.48 -35.61 11.61
N GLU C 298 -13.26 -36.42 10.57
CA GLU C 298 -12.58 -37.69 10.70
C GLU C 298 -11.19 -37.42 11.32
N HIS C 299 -10.78 -38.25 12.25
CA HIS C 299 -9.49 -38.06 12.93
C HIS C 299 -8.93 -39.37 13.45
N VAL C 300 -7.67 -39.36 13.80
CA VAL C 300 -6.99 -40.54 14.34
C VAL C 300 -6.48 -40.24 15.75
N ARG C 301 -6.86 -41.07 16.71
CA ARG C 301 -6.36 -40.93 18.09
C ARG C 301 -5.01 -41.61 18.19
N SER C 302 -4.16 -41.15 19.11
CA SER C 302 -2.78 -41.62 19.19
C SER C 302 -2.42 -42.55 20.36
N GLY C 303 -3.30 -42.76 21.33
CA GLY C 303 -2.94 -43.56 22.49
C GLY C 303 -2.55 -42.76 23.74
N HIS C 304 -2.44 -41.44 23.63
CA HIS C 304 -2.16 -40.61 24.79
C HIS C 304 -2.74 -39.20 24.53
N ALA C 305 -3.34 -38.58 25.53
CA ALA C 305 -3.83 -37.20 25.41
C ALA C 305 -2.78 -36.25 24.83
N LEU C 306 -1.53 -36.36 25.29
CA LEU C 306 -0.50 -35.42 24.89
C LEU C 306 0.02 -35.53 23.46
N THR C 307 -0.16 -36.68 22.83
CA THR C 307 0.23 -36.86 21.43
C THR C 307 -0.91 -36.64 20.44
N ASP C 308 -2.16 -36.70 20.92
CA ASP C 308 -3.31 -36.53 20.04
C ASP C 308 -3.26 -35.28 19.16
N PRO C 309 -2.84 -34.12 19.71
CA PRO C 309 -2.84 -32.91 18.87
C PRO C 309 -1.95 -33.02 17.62
N LEU C 310 -0.87 -33.80 17.68
CA LEU C 310 -0.02 -33.98 16.53
C LEU C 310 -0.74 -34.66 15.37
N SER C 311 -1.61 -35.62 15.70
CA SER C 311 -2.40 -36.31 14.67
C SER C 311 -3.33 -35.29 14.00
N LEU C 312 -3.92 -34.43 14.83
CA LEU C 312 -4.87 -33.46 14.30
C LEU C 312 -4.19 -32.46 13.37
N ILE C 313 -3.03 -31.97 13.78
CA ILE C 313 -2.34 -30.98 12.94
C ILE C 313 -1.93 -31.56 11.60
N VAL C 314 -1.55 -32.84 11.58
CA VAL C 314 -1.13 -33.49 10.32
C VAL C 314 -2.33 -33.59 9.36
N SER C 315 -3.49 -33.97 9.86
CA SER C 315 -4.73 -33.99 9.03
C SER C 315 -5.06 -32.56 8.56
N PHE C 316 -4.86 -31.57 9.43
CA PHE C 316 -5.06 -30.18 9.05
C PHE C 316 -4.13 -29.75 7.89
N TYR C 317 -2.83 -30.04 8.02
CA TYR C 317 -1.89 -29.77 6.96
C TYR C 317 -2.36 -30.43 5.65
N SER C 318 -2.84 -31.67 5.76
CA SER C 318 -3.36 -32.42 4.61
C SER C 318 -4.57 -31.71 3.95
N MSE C 319 -5.50 -31.24 4.76
CA MSE C 319 -6.67 -30.51 4.29
C MSE C 319 -6.24 -29.24 3.56
O MSE C 319 -6.70 -28.98 2.44
CB MSE C 319 -7.61 -30.20 5.48
CG MSE C 319 -8.87 -29.41 5.15
SE MSE C 319 -8.66 -27.51 4.88
CE MSE C 319 -8.39 -26.93 6.75
N VAL C 320 -5.33 -28.48 4.14
CA VAL C 320 -4.85 -27.23 3.55
C VAL C 320 -4.14 -27.46 2.20
N GLU C 321 -3.33 -28.49 2.13
CA GLU C 321 -2.63 -28.79 0.89
C GLU C 321 -3.66 -29.11 -0.20
N ALA C 322 -4.68 -29.91 0.13
CA ALA C 322 -5.74 -30.29 -0.80
C ALA C 322 -6.56 -29.05 -1.21
N PHE C 323 -6.85 -28.19 -0.25
CA PHE C 323 -7.60 -26.96 -0.51
C PHE C 323 -6.86 -26.03 -1.48
N ALA C 324 -5.59 -25.78 -1.19
CA ALA C 324 -4.76 -24.91 -1.99
C ALA C 324 -4.55 -25.47 -3.40
N SER C 325 -4.23 -26.76 -3.51
CA SER C 325 -3.99 -27.36 -4.80
C SER C 325 -5.26 -27.34 -5.69
N GLU C 326 -6.45 -27.56 -5.12
CA GLU C 326 -7.70 -27.54 -5.87
CA GLU C 326 -7.65 -27.56 -5.93
C GLU C 326 -8.12 -26.13 -6.25
N ARG C 327 -7.62 -25.13 -5.53
CA ARG C 327 -7.91 -23.71 -5.81
C ARG C 327 -6.84 -23.14 -6.75
N GLY C 328 -5.92 -23.98 -7.24
CA GLY C 328 -4.83 -23.51 -8.09
C GLY C 328 -3.74 -22.75 -7.35
N ILE C 329 -3.82 -22.69 -6.02
CA ILE C 329 -2.83 -22.04 -5.16
C ILE C 329 -1.66 -22.99 -4.89
N ASP C 330 -0.46 -22.60 -5.30
CA ASP C 330 0.72 -23.37 -4.92
CA ASP C 330 0.76 -23.33 -4.97
C ASP C 330 1.38 -22.57 -3.81
N PRO C 331 1.29 -23.10 -2.57
CA PRO C 331 1.87 -22.38 -1.42
C PRO C 331 3.33 -21.97 -1.62
N ASP C 332 4.03 -22.76 -2.43
CA ASP C 332 5.45 -22.60 -2.68
C ASP C 332 5.73 -22.10 -4.09
N MSE D 2 -28.71 21.16 25.37
CA MSE D 2 -28.86 20.22 26.53
C MSE D 2 -28.31 18.80 26.30
O MSE D 2 -27.90 18.12 27.26
CB MSE D 2 -30.32 20.14 26.93
CG MSE D 2 -30.79 21.42 27.57
SE MSE D 2 -32.58 21.23 28.26
CE MSE D 2 -33.58 21.21 26.55
N THR D 3 -28.30 18.32 25.06
CA THR D 3 -27.71 17.02 24.78
C THR D 3 -26.19 17.22 24.92
N GLN D 4 -25.54 16.31 25.62
CA GLN D 4 -24.11 16.33 25.84
C GLN D 4 -23.52 15.45 24.75
N HIS D 5 -22.78 16.06 23.84
CA HIS D 5 -22.22 15.32 22.71
C HIS D 5 -20.81 14.81 23.03
N ILE D 6 -20.67 14.22 24.19
CA ILE D 6 -19.42 13.64 24.59
CA ILE D 6 -19.44 13.64 24.66
C ILE D 6 -19.75 12.16 24.74
N THR D 7 -18.95 11.32 24.09
CA THR D 7 -19.18 9.89 24.14
C THR D 7 -18.82 9.34 25.51
N ARG D 8 -19.43 8.22 25.87
CA ARG D 8 -19.05 7.53 27.10
C ARG D 8 -17.56 7.20 27.09
N MSE D 9 -17.05 6.85 25.93
CA MSE D 9 -15.61 6.61 25.80
C MSE D 9 -14.78 7.83 26.17
O MSE D 9 -13.86 7.72 26.96
CB MSE D 9 -15.23 6.12 24.41
CG MSE D 9 -13.76 5.75 24.34
SE MSE D 9 -13.36 4.93 22.59
CE MSE D 9 -11.44 4.54 22.79
N ARG D 10 -15.10 8.99 25.64
CA ARG D 10 -14.34 10.21 25.97
C ARG D 10 -14.54 10.58 27.44
N ARG D 11 -15.75 10.42 27.97
CA ARG D 11 -16.01 10.70 29.39
C ARG D 11 -15.05 9.89 30.26
N GLU D 12 -14.94 8.60 29.93
CA GLU D 12 -14.13 7.66 30.69
C GLU D 12 -12.66 8.06 30.59
N ILE D 13 -12.20 8.37 29.38
CA ILE D 13 -10.82 8.86 29.17
C ILE D 13 -10.51 10.11 30.04
N ASP D 14 -11.45 11.07 30.05
CA ASP D 14 -11.34 12.28 30.85
C ASP D 14 -11.24 11.96 32.35
N GLU D 15 -11.80 10.83 32.77
CA GLU D 15 -11.77 10.39 34.18
C GLU D 15 -10.51 9.60 34.59
N ILE D 16 -9.66 9.24 33.62
CA ILE D 16 -8.49 8.43 33.92
C ILE D 16 -7.58 9.10 34.93
N PRO D 17 -7.26 10.40 34.74
CA PRO D 17 -6.37 11.00 35.76
C PRO D 17 -6.89 10.94 37.19
N GLU D 18 -8.17 11.24 37.39
CA GLU D 18 -8.74 11.19 38.75
C GLU D 18 -8.87 9.76 39.28
N ALA D 19 -9.09 8.78 38.41
CA ALA D 19 -9.15 7.37 38.84
C ALA D 19 -7.79 6.91 39.34
N VAL D 20 -6.72 7.30 38.63
CA VAL D 20 -5.39 6.98 39.06
C VAL D 20 -5.06 7.71 40.39
N GLN D 21 -5.57 8.94 40.54
CA GLN D 21 -5.35 9.67 41.79
C GLN D 21 -6.04 8.96 42.96
N ARG D 22 -7.24 8.45 42.72
CA ARG D 22 -7.99 7.70 43.74
CA ARG D 22 -7.97 7.71 43.77
C ARG D 22 -7.19 6.45 44.17
N LEU D 23 -6.66 5.73 43.17
CA LEU D 23 -5.88 4.53 43.44
C LEU D 23 -4.61 4.88 44.24
N LEU D 24 -3.94 5.96 43.87
CA LEU D 24 -2.72 6.38 44.56
C LEU D 24 -3.05 6.82 45.98
N ASP D 25 -4.17 7.55 46.12
CA ASP D 25 -4.59 8.06 47.44
C ASP D 25 -5.05 6.94 48.35
N HIS D 26 -6.06 6.20 47.88
CA HIS D 26 -6.75 5.20 48.69
C HIS D 26 -6.22 3.78 48.62
N GLY D 27 -5.34 3.50 47.65
CA GLY D 27 -4.81 2.16 47.46
C GLY D 27 -3.41 1.92 47.99
N ALA D 28 -2.71 3.01 48.32
CA ALA D 28 -1.30 2.95 48.72
C ALA D 28 -1.05 2.07 49.93
N GLN D 29 -1.91 2.20 50.94
CA GLN D 29 -1.79 1.42 52.18
C GLN D 29 -1.88 -0.07 51.92
N ASP D 30 -2.87 -0.50 51.13
CA ASP D 30 -2.99 -1.93 50.83
C ASP D 30 -1.84 -2.42 49.99
N VAL D 31 -1.44 -1.63 49.00
CA VAL D 31 -0.33 -2.02 48.15
C VAL D 31 0.95 -2.18 48.98
N ALA D 32 1.18 -1.22 49.86
CA ALA D 32 2.37 -1.23 50.72
C ALA D 32 2.38 -2.46 51.65
N ARG D 33 1.22 -2.82 52.21
CA ARG D 33 1.10 -4.05 53.05
C ARG D 33 1.49 -5.31 52.29
N VAL D 34 0.94 -5.49 51.10
CA VAL D 34 1.20 -6.67 50.28
C VAL D 34 2.68 -6.72 49.86
N ALA D 35 3.23 -5.57 49.49
CA ALA D 35 4.64 -5.45 49.13
C ALA D 35 5.59 -5.85 50.26
N ALA D 36 5.23 -5.44 51.48
CA ALA D 36 6.01 -5.82 52.68
C ALA D 36 5.97 -7.34 52.88
N VAL D 37 4.80 -7.95 52.71
CA VAL D 37 4.66 -9.40 52.78
C VAL D 37 5.55 -10.08 51.73
N LEU D 38 5.52 -9.54 50.51
CA LEU D 38 6.26 -10.12 49.41
C LEU D 38 7.75 -10.03 49.63
N ARG D 39 8.24 -8.90 50.16
CA ARG D 39 9.68 -8.77 50.47
C ARG D 39 10.15 -9.84 51.43
N LEU D 40 9.32 -10.18 52.41
CA LEU D 40 9.65 -11.17 53.42
C LEU D 40 9.52 -12.60 52.89
N ARG D 41 8.40 -12.88 52.25
CA ARG D 41 8.13 -14.18 51.63
C ARG D 41 9.19 -14.52 50.58
N ASP D 42 9.56 -13.54 49.75
CA ASP D 42 10.66 -13.70 48.81
C ASP D 42 10.41 -14.77 47.74
N PRO D 43 9.28 -14.65 47.06
CA PRO D 43 9.01 -15.66 46.02
C PRO D 43 10.10 -15.66 44.95
N SER D 44 10.33 -16.81 44.33
CA SER D 44 11.38 -16.91 43.32
C SER D 44 10.87 -16.77 41.90
N PHE D 45 9.54 -16.79 41.74
CA PHE D 45 8.95 -16.55 40.42
C PHE D 45 7.52 -16.08 40.59
N VAL D 46 6.92 -15.70 39.48
CA VAL D 46 5.58 -15.15 39.48
C VAL D 46 4.77 -15.91 38.43
N ALA D 47 3.50 -16.13 38.74
CA ALA D 47 2.57 -16.81 37.84
C ALA D 47 1.37 -15.85 37.65
N THR D 48 0.97 -15.58 36.43
CA THR D 48 -0.17 -14.69 36.23
C THR D 48 -1.39 -15.43 35.72
N VAL D 49 -2.57 -14.92 36.11
CA VAL D 49 -3.85 -15.52 35.72
C VAL D 49 -4.76 -14.37 35.25
N ALA D 50 -5.10 -14.36 33.97
CA ALA D 50 -5.92 -13.29 33.37
C ALA D 50 -6.44 -13.72 32.00
N ARG D 51 -7.39 -12.96 31.47
CA ARG D 51 -7.94 -13.20 30.16
C ARG D 51 -8.24 -11.82 29.60
N GLY D 52 -8.38 -11.74 28.28
CA GLY D 52 -8.76 -10.48 27.65
C GLY D 52 -7.80 -9.35 27.91
N SER D 53 -8.32 -8.15 28.10
CA SER D 53 -7.46 -6.95 28.30
C SER D 53 -6.60 -7.11 29.55
N SER D 54 -7.15 -7.78 30.57
CA SER D 54 -6.40 -8.05 31.82
C SER D 54 -5.11 -8.83 31.51
N ASP D 55 -5.12 -9.67 30.47
CA ASP D 55 -3.89 -10.41 30.13
C ASP D 55 -2.83 -9.50 29.52
N HIS D 56 -3.26 -8.45 28.85
CA HIS D 56 -2.31 -7.44 28.35
C HIS D 56 -1.67 -6.69 29.53
N VAL D 57 -2.45 -6.44 30.56
CA VAL D 57 -1.93 -5.90 31.80
C VAL D 57 -0.86 -6.87 32.37
N CYS D 58 -1.19 -8.16 32.42
CA CYS D 58 -0.20 -9.15 32.89
C CYS D 58 1.10 -9.17 32.07
N THR D 59 0.98 -9.03 30.75
CA THR D 59 2.16 -8.93 29.90
C THR D 59 3.02 -7.73 30.30
N TYR D 60 2.38 -6.58 30.47
CA TYR D 60 3.04 -5.37 30.95
C TYR D 60 3.77 -5.64 32.29
N LEU D 61 3.07 -6.23 33.25
CA LEU D 61 3.64 -6.54 34.55
C LEU D 61 4.74 -7.61 34.51
N SER D 62 4.69 -8.49 33.51
CA SER D 62 5.70 -9.55 33.34
CA SER D 62 5.70 -9.54 33.39
C SER D 62 7.03 -8.89 33.03
N TYR D 63 7.01 -7.99 32.05
CA TYR D 63 8.24 -7.23 31.71
C TYR D 63 8.75 -6.46 32.91
N ALA D 64 7.85 -5.77 33.60
CA ALA D 64 8.21 -4.92 34.75
C ALA D 64 8.87 -5.73 35.86
N ALA D 65 8.25 -6.86 36.19
CA ALA D 65 8.77 -7.76 37.23
C ALA D 65 10.15 -8.32 36.85
N GLU D 66 10.29 -8.74 35.59
CA GLU D 66 11.56 -9.26 35.13
C GLU D 66 12.64 -8.19 35.12
N LEU D 67 12.32 -7.00 34.61
CA LEU D 67 13.30 -5.90 34.56
C LEU D 67 13.63 -5.31 35.92
N LEU D 68 12.67 -5.26 36.83
CA LEU D 68 12.90 -4.70 38.16
C LEU D 68 13.45 -5.63 39.20
N LEU D 69 12.91 -6.84 39.23
CA LEU D 69 13.24 -7.80 40.26
C LEU D 69 13.98 -9.03 39.76
N GLY D 70 14.08 -9.18 38.45
CA GLY D 70 14.73 -10.34 37.86
C GLY D 70 13.92 -11.62 37.98
N LEU D 71 12.63 -11.51 38.36
CA LEU D 71 11.83 -12.70 38.61
C LEU D 71 11.14 -13.19 37.35
N PRO D 72 11.34 -14.46 36.97
CA PRO D 72 10.66 -14.93 35.76
C PRO D 72 9.15 -15.03 36.03
N VAL D 73 8.36 -14.72 34.99
CA VAL D 73 6.91 -14.69 35.08
C VAL D 73 6.26 -15.66 34.08
N ALA D 74 5.50 -16.59 34.62
CA ALA D 74 4.83 -17.59 33.84
C ALA D 74 3.34 -17.22 33.73
N SER D 75 2.82 -17.22 32.52
CA SER D 75 1.37 -17.04 32.28
C SER D 75 0.68 -18.43 32.32
N LEU D 76 -0.18 -18.65 33.30
CA LEU D 76 -0.88 -19.95 33.45
C LEU D 76 -2.19 -19.98 32.71
N GLY D 77 -2.31 -20.92 31.77
CA GLY D 77 -3.54 -21.14 31.05
C GLY D 77 -4.57 -21.64 32.04
N PRO D 78 -5.67 -20.89 32.23
CA PRO D 78 -6.62 -21.31 33.27
C PRO D 78 -7.15 -22.71 33.13
N SER D 79 -7.15 -23.28 31.91
CA SER D 79 -7.63 -24.66 31.74
C SER D 79 -6.82 -25.65 32.57
N VAL D 80 -5.56 -25.32 32.82
CA VAL D 80 -4.72 -26.21 33.61
C VAL D 80 -5.44 -26.55 34.94
N ALA D 81 -6.16 -25.58 35.50
CA ALA D 81 -7.01 -25.82 36.69
C ALA D 81 -8.45 -26.26 36.36
N SER D 82 -9.13 -25.48 35.51
CA SER D 82 -10.57 -25.63 35.29
C SER D 82 -10.96 -26.86 34.45
N VAL D 83 -10.04 -27.35 33.61
CA VAL D 83 -10.27 -28.56 32.82
C VAL D 83 -9.49 -29.77 33.36
N TYR D 84 -8.19 -29.60 33.56
CA TYR D 84 -7.32 -30.70 33.98
C TYR D 84 -7.12 -30.89 35.49
N ASP D 85 -7.49 -29.87 36.28
CA ASP D 85 -7.22 -29.88 37.73
C ASP D 85 -5.82 -30.41 38.03
N ALA D 86 -4.82 -29.93 37.29
CA ALA D 86 -3.45 -30.38 37.49
C ALA D 86 -2.85 -29.88 38.80
N ARG D 87 -1.90 -30.64 39.33
CA ARG D 87 -1.19 -30.23 40.55
C ARG D 87 0.15 -29.65 40.16
N LEU D 88 0.33 -28.37 40.44
CA LEU D 88 1.51 -27.65 40.05
C LEU D 88 2.42 -27.41 41.26
N ARG D 89 3.72 -27.30 40.99
CA ARG D 89 4.67 -26.92 42.01
C ARG D 89 4.75 -25.41 42.10
N LEU D 90 3.94 -24.79 42.96
CA LEU D 90 3.95 -23.33 43.04
C LEU D 90 4.36 -22.79 44.40
N ASP D 91 5.12 -23.60 45.14
CA ASP D 91 5.54 -23.22 46.49
C ASP D 91 6.38 -21.95 46.56
N ARG D 92 7.17 -21.67 45.56
CA ARG D 92 7.99 -20.47 45.67
C ARG D 92 7.40 -19.29 44.87
N ALA D 93 6.08 -19.27 44.66
CA ALA D 93 5.52 -18.31 43.74
C ALA D 93 4.55 -17.29 44.30
N LEU D 94 4.57 -16.13 43.64
CA LEU D 94 3.52 -15.14 43.71
C LEU D 94 2.57 -15.52 42.56
N CYS D 95 1.29 -15.65 42.87
CA CYS D 95 0.28 -15.82 41.82
C CYS D 95 -0.50 -14.50 41.73
N LEU D 96 -0.37 -13.79 40.62
CA LEU D 96 -1.03 -12.52 40.45
C LEU D 96 -2.20 -12.72 39.48
N ALA D 97 -3.41 -12.54 39.99
CA ALA D 97 -4.61 -12.68 39.20
C ALA D 97 -5.17 -11.29 38.91
N VAL D 98 -5.48 -11.03 37.65
CA VAL D 98 -6.01 -9.72 37.26
C VAL D 98 -7.38 -9.92 36.58
N SER D 99 -8.42 -9.27 37.13
CA SER D 99 -9.78 -9.40 36.60
C SER D 99 -10.63 -8.23 37.09
N GLN D 100 -11.31 -7.54 36.19
CA GLN D 100 -12.12 -6.36 36.55
C GLN D 100 -13.20 -6.76 37.54
N SER D 101 -14.03 -7.73 37.14
CA SER D 101 -15.18 -8.13 37.95
C SER D 101 -14.88 -9.25 38.93
N GLY D 102 -13.84 -10.02 38.64
CA GLY D 102 -13.45 -11.13 39.48
C GLY D 102 -14.48 -12.26 39.57
N LYS D 103 -15.29 -12.40 38.53
CA LYS D 103 -16.34 -13.42 38.46
C LYS D 103 -16.00 -14.65 37.60
N SER D 104 -15.13 -14.48 36.59
CA SER D 104 -14.78 -15.57 35.65
C SER D 104 -14.41 -16.87 36.36
N PRO D 105 -15.24 -17.91 36.20
CA PRO D 105 -14.94 -19.20 36.86
C PRO D 105 -13.54 -19.74 36.57
N ASP D 106 -13.07 -19.56 35.33
CA ASP D 106 -11.74 -20.06 34.97
C ASP D 106 -10.66 -19.33 35.73
N ILE D 107 -10.78 -18.01 35.82
CA ILE D 107 -9.80 -17.22 36.55
C ILE D 107 -9.86 -17.56 38.04
N VAL D 108 -11.07 -17.70 38.56
CA VAL D 108 -11.23 -18.09 39.98
C VAL D 108 -10.65 -19.49 40.25
N ALA D 109 -10.89 -20.43 39.33
CA ALA D 109 -10.41 -21.79 39.48
C ALA D 109 -8.90 -21.88 39.49
N MSE D 110 -8.23 -21.16 38.56
CA MSE D 110 -6.77 -21.24 38.51
CA MSE D 110 -6.78 -21.18 38.46
C MSE D 110 -6.15 -20.52 39.70
O MSE D 110 -5.14 -20.99 40.23
CB MSE D 110 -6.14 -20.77 37.19
CB MSE D 110 -6.32 -20.48 37.17
CG MSE D 110 -4.59 -20.74 37.25
CG MSE D 110 -4.85 -20.62 36.81
SE MSE D 110 -3.67 -22.37 37.96
SE MSE D 110 -4.26 -22.45 36.37
CE MSE D 110 -3.22 -23.22 36.27
CE MSE D 110 -3.70 -23.09 38.18
N THR D 111 -6.74 -19.44 40.16
CA THR D 111 -6.21 -18.77 41.36
C THR D 111 -6.38 -19.65 42.60
N ARG D 112 -7.54 -20.30 42.70
CA ARG D 112 -7.86 -21.20 43.81
CA ARG D 112 -7.86 -21.22 43.80
C ARG D 112 -6.85 -22.35 43.83
N ASN D 113 -6.67 -22.99 42.68
CA ASN D 113 -5.70 -24.06 42.56
C ASN D 113 -4.26 -23.60 42.83
N ALA D 114 -3.89 -22.41 42.37
CA ALA D 114 -2.54 -21.90 42.59
C ALA D 114 -2.27 -21.80 44.11
N GLY D 115 -3.26 -21.31 44.86
CA GLY D 115 -3.17 -21.24 46.31
C GLY D 115 -3.00 -22.61 46.94
N ARG D 116 -3.84 -23.54 46.50
CA ARG D 116 -3.82 -24.93 46.96
C ARG D 116 -2.42 -25.46 46.78
N ASP D 117 -1.80 -25.07 45.65
CA ASP D 117 -0.52 -25.63 45.26
C ASP D 117 0.71 -24.85 45.71
N GLY D 118 0.47 -23.88 46.60
CA GLY D 118 1.53 -23.20 47.33
C GLY D 118 1.79 -21.75 47.02
N ALA D 119 1.11 -21.19 46.03
CA ALA D 119 1.37 -19.80 45.68
C ALA D 119 0.73 -18.80 46.66
N LEU D 120 1.35 -17.62 46.78
CA LEU D 120 0.75 -16.51 47.51
C LEU D 120 -0.11 -15.82 46.44
N CYS D 121 -1.43 -15.86 46.61
CA CYS D 121 -2.35 -15.32 45.61
C CYS D 121 -2.77 -13.91 45.93
N VAL D 122 -2.54 -13.00 44.97
CA VAL D 122 -2.87 -11.59 45.08
C VAL D 122 -3.74 -11.23 43.87
N ALA D 123 -4.91 -10.63 44.12
CA ALA D 123 -5.83 -10.25 43.06
C ALA D 123 -5.85 -8.73 42.84
N LEU D 124 -5.79 -8.31 41.58
CA LEU D 124 -5.97 -6.91 41.21
C LEU D 124 -7.34 -6.91 40.57
N THR D 125 -8.29 -6.25 41.22
CA THR D 125 -9.66 -6.26 40.74
C THR D 125 -10.38 -4.98 41.10
N ASN D 126 -11.49 -4.72 40.42
CA ASN D 126 -12.36 -3.54 40.70
C ASN D 126 -13.54 -3.93 41.64
N ASP D 127 -13.55 -5.15 42.12
CA ASP D 127 -14.57 -5.62 43.05
C ASP D 127 -13.88 -6.47 44.12
N ALA D 128 -13.64 -5.84 45.27
CA ALA D 128 -12.98 -6.49 46.39
C ALA D 128 -13.85 -7.53 47.11
N ALA D 129 -15.13 -7.65 46.74
CA ALA D 129 -16.05 -8.64 47.31
C ALA D 129 -16.40 -9.76 46.33
N SER D 130 -15.65 -9.85 45.23
CA SER D 130 -15.89 -10.83 44.16
C SER D 130 -15.42 -12.24 44.52
N PRO D 131 -15.91 -13.24 43.77
CA PRO D 131 -15.43 -14.62 43.95
C PRO D 131 -13.88 -14.73 43.90
N LEU D 132 -13.26 -14.01 42.97
CA LEU D 132 -11.79 -14.03 42.86
C LEU D 132 -11.14 -13.56 44.16
N ALA D 133 -11.66 -12.46 44.73
CA ALA D 133 -11.13 -11.96 46.00
C ALA D 133 -11.25 -13.02 47.09
N GLY D 134 -12.35 -13.75 47.07
CA GLY D 134 -12.61 -14.85 48.02
C GLY D 134 -11.63 -16.02 48.00
N VAL D 135 -10.90 -16.20 46.90
CA VAL D 135 -9.89 -17.27 46.77
C VAL D 135 -8.47 -16.69 46.76
N SER D 136 -8.33 -15.41 47.08
CA SER D 136 -7.03 -14.76 47.12
C SER D 136 -6.63 -14.42 48.57
N ALA D 137 -5.35 -14.51 48.86
CA ALA D 137 -4.81 -14.13 50.16
C ALA D 137 -4.85 -12.62 50.32
N HIS D 138 -4.63 -11.89 49.23
CA HIS D 138 -4.65 -10.42 49.24
C HIS D 138 -5.40 -9.92 48.01
N THR D 139 -6.17 -8.83 48.20
CA THR D 139 -6.88 -8.19 47.11
C THR D 139 -6.51 -6.71 47.12
N ILE D 140 -6.12 -6.22 45.94
CA ILE D 140 -5.82 -4.81 45.70
C ILE D 140 -6.92 -4.26 44.78
N ASP D 141 -7.75 -3.39 45.36
CA ASP D 141 -8.82 -2.74 44.67
C ASP D 141 -8.14 -1.74 43.76
N ILE D 142 -8.48 -1.77 42.48
CA ILE D 142 -7.84 -0.87 41.53
C ILE D 142 -8.49 0.52 41.48
N HIS D 143 -9.63 0.67 42.12
CA HIS D 143 -10.31 1.97 42.21
C HIS D 143 -10.57 2.56 40.82
N ALA D 144 -11.00 1.73 39.88
CA ALA D 144 -11.25 2.18 38.50
C ALA D 144 -12.58 2.90 38.47
N GLY D 145 -13.47 2.45 39.34
CA GLY D 145 -14.85 2.94 39.34
C GLY D 145 -15.52 2.01 38.36
N PRO D 146 -16.80 2.28 38.02
CA PRO D 146 -17.50 1.40 37.05
C PRO D 146 -17.13 1.72 35.58
N GLU D 147 -17.24 0.70 34.71
CA GLU D 147 -16.90 0.75 33.26
C GLU D 147 -18.08 1.24 32.40
N LEU D 148 -18.06 2.48 31.97
CA LEU D 148 -19.20 3.02 31.18
C LEU D 148 -18.96 2.89 29.67
N SER D 149 -17.83 2.30 29.30
CA SER D 149 -17.53 2.08 27.90
C SER D 149 -16.89 0.71 27.67
N VAL D 150 -17.14 0.17 26.47
CA VAL D 150 -16.50 -1.05 26.03
C VAL D 150 -14.97 -0.82 25.90
N ALA D 151 -14.54 0.42 25.73
CA ALA D 151 -13.10 0.72 25.67
C ALA D 151 -12.44 0.29 26.98
N ALA D 152 -13.18 0.39 28.09
CA ALA D 152 -12.73 -0.08 29.41
C ALA D 152 -11.32 0.43 29.74
N THR D 153 -11.11 1.71 29.50
CA THR D 153 -9.79 2.34 29.59
C THR D 153 -9.32 2.53 31.02
N LYS D 154 -10.24 2.85 31.94
CA LYS D 154 -9.84 3.03 33.33
C LYS D 154 -9.39 1.71 33.92
N THR D 155 -10.09 0.63 33.57
CA THR D 155 -9.73 -0.70 34.04
C THR D 155 -8.29 -1.06 33.62
N PHE D 156 -7.96 -0.89 32.34
CA PHE D 156 -6.60 -1.18 31.89
C PHE D 156 -5.55 -0.36 32.66
N VAL D 157 -5.73 0.95 32.68
CA VAL D 157 -4.73 1.83 33.29
C VAL D 157 -4.57 1.59 34.78
N THR D 158 -5.68 1.54 35.53
CA THR D 158 -5.62 1.35 36.98
C THR D 158 -5.09 -0.03 37.37
N SER D 159 -5.42 -1.05 36.58
CA SER D 159 -4.89 -2.42 36.82
C SER D 159 -3.37 -2.39 36.69
N ALA D 160 -2.87 -1.77 35.61
CA ALA D 160 -1.43 -1.68 35.41
C ALA D 160 -0.77 -0.82 36.49
N VAL D 161 -1.37 0.32 36.84
CA VAL D 161 -0.84 1.17 37.89
C VAL D 161 -0.76 0.44 39.24
N ALA D 162 -1.82 -0.28 39.60
CA ALA D 162 -1.85 -1.08 40.83
C ALA D 162 -0.69 -2.07 40.86
N GLY D 163 -0.43 -2.71 39.72
CA GLY D 163 0.63 -3.70 39.61
C GLY D 163 1.98 -3.04 39.70
N LEU D 164 2.15 -1.90 39.04
CA LEU D 164 3.44 -1.19 39.08
C LEU D 164 3.73 -0.62 40.48
N MSE D 165 2.69 -0.21 41.20
CA MSE D 165 2.83 0.26 42.57
C MSE D 165 3.36 -0.87 43.43
O MSE D 165 4.27 -0.69 44.25
CB MSE D 165 1.49 0.73 43.15
CG MSE D 165 1.02 2.03 42.58
SE MSE D 165 -0.83 2.48 43.03
CE MSE D 165 -0.63 2.72 44.97
N LEU D 166 2.75 -2.03 43.25
CA LEU D 166 3.17 -3.21 44.01
C LEU D 166 4.65 -3.52 43.75
N LEU D 167 5.03 -3.59 42.47
CA LEU D 167 6.41 -3.90 42.10
C LEU D 167 7.37 -2.81 42.58
N ALA D 168 6.95 -1.54 42.50
CA ALA D 168 7.81 -0.44 42.92
C ALA D 168 8.07 -0.49 44.41
N ASP D 169 7.02 -0.80 45.18
CA ASP D 169 7.18 -0.93 46.63
C ASP D 169 8.02 -2.16 46.96
N TRP D 170 7.72 -3.30 46.34
CA TRP D 170 8.51 -4.53 46.53
C TRP D 170 10.01 -4.28 46.25
N ALA D 171 10.27 -3.63 45.12
CA ALA D 171 11.63 -3.32 44.69
C ALA D 171 12.25 -2.17 45.45
N GLU D 172 11.42 -1.40 46.14
CA GLU D 172 11.81 -0.20 46.86
C GLU D 172 12.46 0.79 45.89
N ASP D 173 11.81 0.98 44.74
CA ASP D 173 12.34 1.84 43.65
C ASP D 173 11.69 3.21 43.74
N ASP D 174 12.43 4.19 44.28
CA ASP D 174 11.90 5.53 44.48
C ASP D 174 11.65 6.25 43.17
N GLY D 175 12.45 5.98 42.14
CA GLY D 175 12.24 6.63 40.85
C GLY D 175 10.92 6.22 40.22
N LEU D 176 10.62 4.91 40.27
CA LEU D 176 9.36 4.39 39.74
C LEU D 176 8.20 4.89 40.59
N ARG D 177 8.38 4.89 41.92
CA ARG D 177 7.35 5.42 42.81
C ARG D 177 7.03 6.89 42.51
N ALA D 178 8.07 7.68 42.24
CA ALA D 178 7.86 9.12 41.98
C ALA D 178 7.10 9.30 40.66
N ALA D 179 7.42 8.49 39.64
CA ALA D 179 6.72 8.56 38.36
C ALA D 179 5.26 8.14 38.50
N LEU D 180 4.99 7.06 39.23
CA LEU D 180 3.62 6.65 39.46
C LEU D 180 2.81 7.77 40.10
N GLY D 181 3.40 8.42 41.09
CA GLY D 181 2.75 9.50 41.83
C GLY D 181 2.38 10.70 40.96
N ASN D 182 3.15 10.92 39.90
CA ASN D 182 2.91 11.99 38.93
C ASN D 182 2.04 11.58 37.73
N LEU D 183 1.54 10.34 37.73
CA LEU D 183 0.75 9.87 36.60
C LEU D 183 -0.52 10.65 36.30
N PRO D 184 -1.29 11.07 37.33
CA PRO D 184 -2.48 11.82 36.99
C PRO D 184 -2.20 12.98 36.02
N GLU D 185 -1.16 13.76 36.29
CA GLU D 185 -0.80 14.91 35.43
C GLU D 185 -0.22 14.44 34.08
N THR D 186 0.59 13.41 34.11
CA THR D 186 1.17 12.82 32.89
C THR D 186 0.04 12.35 31.95
N LEU D 187 -0.89 11.57 32.49
CA LEU D 187 -1.99 11.01 31.72
C LEU D 187 -3.04 12.04 31.26
N ALA D 188 -3.23 13.07 32.06
CA ALA D 188 -4.10 14.17 31.66
C ALA D 188 -3.55 14.79 30.37
N ALA D 189 -2.25 15.09 30.35
CA ALA D 189 -1.58 15.62 29.15
C ALA D 189 -1.65 14.64 27.97
N ALA D 190 -1.36 13.36 28.25
CA ALA D 190 -1.40 12.33 27.24
C ALA D 190 -2.79 12.25 26.60
N SER D 191 -3.83 12.47 27.40
CA SER D 191 -5.20 12.39 26.89
C SER D 191 -5.58 13.57 26.01
N ARG D 192 -4.78 14.64 26.00
CA ARG D 192 -5.09 15.78 25.11
C ARG D 192 -4.33 15.72 23.80
N ILE D 193 -3.65 14.61 23.55
CA ILE D 193 -3.06 14.31 22.25
C ILE D 193 -4.03 13.34 21.57
N ASP D 194 -4.29 13.51 20.28
CA ASP D 194 -5.14 12.59 19.53
C ASP D 194 -4.64 12.27 18.12
N TRP D 195 -3.37 12.55 17.85
CA TRP D 195 -2.73 12.08 16.62
C TRP D 195 -3.52 12.28 15.33
N PRO D 196 -3.69 13.56 14.93
CA PRO D 196 -4.49 13.84 13.74
C PRO D 196 -4.01 13.14 12.46
N GLU D 197 -2.70 13.03 12.26
CA GLU D 197 -2.19 12.43 11.00
C GLU D 197 -2.50 10.92 10.95
N MSE D 198 -2.47 10.30 12.13
CA MSE D 198 -2.82 8.91 12.32
CA MSE D 198 -2.80 8.89 12.25
C MSE D 198 -4.27 8.71 11.94
O MSE D 198 -4.61 7.79 11.24
CB MSE D 198 -2.61 8.52 13.78
CB MSE D 198 -2.46 8.30 13.64
CG MSE D 198 -2.79 7.05 14.13
CG MSE D 198 -2.86 6.82 13.82
SE MSE D 198 -1.31 5.92 13.62
SE MSE D 198 -2.27 5.52 12.44
CE MSE D 198 -1.67 5.70 11.73
CE MSE D 198 -0.41 5.51 12.89
N ARG D 199 -5.13 9.59 12.46
CA ARG D 199 -6.56 9.49 12.18
CA ARG D 199 -6.57 9.48 12.16
C ARG D 199 -6.84 9.62 10.68
N VAL D 200 -6.10 10.49 10.00
CA VAL D 200 -6.25 10.60 8.53
C VAL D 200 -5.91 9.27 7.84
N ALA D 201 -4.75 8.69 8.17
CA ALA D 201 -4.31 7.42 7.58
C ALA D 201 -5.32 6.26 7.83
N ILE D 202 -5.84 6.15 9.06
CA ILE D 202 -6.82 5.11 9.34
C ILE D 202 -8.13 5.37 8.59
N GLY D 203 -8.56 6.63 8.51
CA GLY D 203 -9.78 6.97 7.78
C GLY D 203 -9.66 6.57 6.32
N ALA D 204 -8.46 6.74 5.77
CA ALA D 204 -8.19 6.35 4.38
C ALA D 204 -8.25 4.83 4.15
N ARG D 205 -7.65 4.08 5.07
CA ARG D 205 -7.59 2.61 5.03
C ARG D 205 -7.88 2.08 6.43
N PRO D 206 -9.18 1.90 6.75
CA PRO D 206 -9.65 1.59 8.11
C PRO D 206 -9.33 0.21 8.62
N SER D 207 -8.11 0.11 9.11
CA SER D 207 -7.57 -1.07 9.69
C SER D 207 -6.27 -0.53 10.33
N LEU D 208 -5.60 -1.34 11.13
CA LEU D 208 -4.43 -0.86 11.86
C LEU D 208 -3.47 -2.00 12.21
N PHE D 209 -2.17 -1.74 12.05
CA PHE D 209 -1.14 -2.59 12.63
C PHE D 209 -0.46 -1.81 13.76
N THR D 210 -0.32 -2.44 14.92
CA THR D 210 0.38 -1.83 16.01
C THR D 210 1.64 -2.67 16.28
N LEU D 211 2.72 -1.99 16.65
CA LEU D 211 3.99 -2.62 17.00
C LEU D 211 4.47 -2.19 18.38
N GLY D 212 5.21 -3.08 19.03
CA GLY D 212 5.89 -2.79 20.26
C GLY D 212 7.17 -3.61 20.32
N ARG D 213 8.01 -3.32 21.29
CA ARG D 213 9.24 -4.03 21.46
C ARG D 213 9.58 -4.00 22.92
N GLY D 214 9.74 -5.17 23.53
CA GLY D 214 9.90 -5.19 24.97
C GLY D 214 8.60 -4.79 25.67
N THR D 215 8.72 -3.99 26.72
CA THR D 215 7.60 -3.64 27.60
C THR D 215 6.41 -3.07 26.81
N SER D 216 6.70 -2.23 25.81
CA SER D 216 5.63 -1.57 25.03
CA SER D 216 5.65 -1.57 25.01
C SER D 216 4.79 -2.53 24.20
N LEU D 217 5.25 -3.76 24.02
CA LEU D 217 4.47 -4.77 23.32
C LEU D 217 3.14 -5.00 24.02
N ALA D 218 3.10 -4.89 25.36
CA ALA D 218 1.86 -5.10 26.11
C ALA D 218 0.81 -4.05 25.68
N VAL D 219 1.21 -2.78 25.61
CA VAL D 219 0.27 -1.72 25.17
C VAL D 219 -0.03 -1.81 23.66
N SER D 220 0.91 -2.27 22.83
CA SER D 220 0.64 -2.51 21.42
C SER D 220 -0.48 -3.58 21.29
N ASN D 221 -0.45 -4.62 22.14
CA ASN D 221 -1.47 -5.70 22.12
C ASN D 221 -2.83 -5.16 22.57
N GLU D 222 -2.81 -4.38 23.64
CA GLU D 222 -3.99 -3.71 24.17
C GLU D 222 -4.62 -2.76 23.13
N ALA D 223 -3.79 -1.99 22.44
CA ALA D 223 -4.22 -1.04 21.43
C ALA D 223 -4.97 -1.75 20.31
N ALA D 224 -4.41 -2.84 19.81
CA ALA D 224 -5.08 -3.63 18.77
C ALA D 224 -6.41 -4.17 19.26
N LEU D 225 -6.42 -4.73 20.47
CA LEU D 225 -7.67 -5.26 21.03
C LEU D 225 -8.75 -4.21 21.13
N LYS D 226 -8.41 -3.06 21.69
CA LYS D 226 -9.42 -2.02 21.92
C LYS D 226 -9.83 -1.31 20.63
N PHE D 227 -8.97 -1.27 19.61
CA PHE D 227 -9.37 -0.71 18.31
C PHE D 227 -10.45 -1.62 17.72
N LYS D 228 -10.26 -2.94 17.80
CA LYS D 228 -11.29 -3.90 17.37
C LYS D 228 -12.59 -3.75 18.15
N GLU D 229 -12.48 -3.68 19.46
CA GLU D 229 -13.64 -3.61 20.31
C GLU D 229 -14.46 -2.37 20.03
N THR D 230 -13.78 -1.24 19.99
CA THR D 230 -14.44 0.07 19.87
C THR D 230 -14.92 0.44 18.46
N CYS D 231 -14.12 0.08 17.45
CA CYS D 231 -14.39 0.48 16.06
C CYS D 231 -14.93 -0.62 15.15
N GLN D 232 -14.84 -1.88 15.60
CA GLN D 232 -15.30 -3.03 14.83
C GLN D 232 -14.56 -3.06 13.48
N LEU D 233 -13.27 -2.77 13.55
CA LEU D 233 -12.39 -2.82 12.40
C LEU D 233 -11.22 -3.67 12.80
N HIS D 234 -10.51 -4.20 11.81
CA HIS D 234 -9.44 -5.13 12.09
C HIS D 234 -8.14 -4.47 12.50
N ALA D 235 -7.46 -5.09 13.46
CA ALA D 235 -6.13 -4.66 13.89
C ALA D 235 -5.35 -5.88 14.34
N GLU D 236 -4.04 -5.79 14.21
CA GLU D 236 -3.15 -6.84 14.68
CA GLU D 236 -3.16 -6.84 14.71
C GLU D 236 -1.91 -6.18 15.28
N SER D 237 -1.44 -6.72 16.40
CA SER D 237 -0.26 -6.24 17.11
C SER D 237 0.91 -7.19 16.88
N TYR D 238 2.08 -6.63 16.59
CA TYR D 238 3.29 -7.40 16.43
C TYR D 238 4.46 -6.84 17.19
N SER D 239 5.40 -7.72 17.54
CA SER D 239 6.69 -7.26 17.99
C SER D 239 7.36 -6.67 16.76
N SER D 240 8.03 -5.53 16.91
CA SER D 240 8.78 -4.96 15.79
C SER D 240 9.90 -5.91 15.29
N ALA D 241 10.37 -6.78 16.16
CA ALA D 241 11.41 -7.73 15.79
C ALA D 241 10.89 -8.92 14.98
N GLU D 242 9.57 -9.06 14.89
CA GLU D 242 8.91 -10.16 14.17
C GLU D 242 8.06 -9.76 12.99
N VAL D 243 7.66 -8.50 12.94
CA VAL D 243 6.68 -8.07 11.95
C VAL D 243 7.13 -8.30 10.50
N LEU D 244 8.43 -8.22 10.26
CA LEU D 244 8.92 -8.42 8.88
C LEU D 244 9.14 -9.89 8.53
N HIS D 245 8.84 -10.81 9.46
CA HIS D 245 9.08 -12.24 9.26
C HIS D 245 7.84 -13.12 9.36
N GLY D 246 6.66 -12.53 9.50
CA GLY D 246 5.42 -13.30 9.66
C GLY D 246 4.84 -13.76 8.34
N PRO D 247 3.68 -14.43 8.39
CA PRO D 247 3.06 -14.95 7.17
C PRO D 247 2.46 -13.88 6.24
N VAL D 248 2.11 -12.72 6.81
CA VAL D 248 1.47 -11.63 6.07
C VAL D 248 2.42 -10.44 5.87
N SER D 249 2.45 -9.90 4.66
CA SER D 249 3.28 -8.73 4.36
C SER D 249 2.57 -7.47 4.82
N ILE D 250 3.09 -6.86 5.88
CA ILE D 250 2.55 -5.62 6.38
C ILE D 250 2.47 -4.60 5.25
N VAL D 251 3.55 -4.51 4.49
CA VAL D 251 3.59 -3.55 3.40
C VAL D 251 2.48 -3.85 2.37
N GLU D 252 2.37 -5.10 1.93
CA GLU D 252 1.34 -5.48 0.96
C GLU D 252 -0.10 -5.32 1.49
N GLU D 253 -0.32 -5.51 2.79
CA GLU D 253 -1.68 -5.33 3.32
C GLU D 253 -2.07 -3.85 3.22
N GLY D 254 -1.11 -2.95 3.38
CA GLY D 254 -1.34 -1.51 3.22
C GLY D 254 -2.01 -0.78 4.38
N PHE D 255 -2.26 -1.43 5.51
CA PHE D 255 -2.86 -0.75 6.65
C PHE D 255 -1.79 0.16 7.28
N PRO D 256 -2.23 1.28 7.90
CA PRO D 256 -1.29 2.16 8.59
C PRO D 256 -0.67 1.45 9.79
N VAL D 257 0.56 1.83 10.16
CA VAL D 257 1.32 1.14 11.20
C VAL D 257 1.64 2.12 12.34
N LEU D 258 1.38 1.69 13.57
CA LEU D 258 1.57 2.53 14.75
C LEU D 258 2.58 1.84 15.69
N GLY D 259 3.77 2.41 15.77
CA GLY D 259 4.86 1.91 16.61
C GLY D 259 4.86 2.51 18.02
N PHE D 260 4.59 1.67 19.00
CA PHE D 260 4.63 2.08 20.41
C PHE D 260 6.04 2.00 20.95
N ALA D 261 6.66 3.16 21.23
CA ALA D 261 8.02 3.22 21.75
C ALA D 261 8.05 3.99 23.05
N ALA D 262 8.49 3.33 24.11
CA ALA D 262 8.72 3.97 25.42
C ALA D 262 10.12 4.54 25.40
N GLY D 263 10.47 5.36 26.41
CA GLY D 263 11.81 5.91 26.55
C GLY D 263 12.69 4.91 27.31
N ASP D 264 12.88 3.75 26.69
CA ASP D 264 13.67 2.68 27.26
C ASP D 264 14.70 2.15 26.22
N ALA D 265 15.38 1.05 26.55
CA ALA D 265 16.36 0.45 25.64
C ALA D 265 15.75 -0.04 24.29
N ALA D 266 14.43 -0.23 24.25
CA ALA D 266 13.73 -0.68 23.03
C ALA D 266 13.40 0.44 22.06
N GLU D 267 13.58 1.68 22.48
CA GLU D 267 13.22 2.84 21.65
C GLU D 267 13.93 2.86 20.27
N ALA D 268 15.26 2.76 20.29
CA ALA D 268 16.10 2.76 19.08
C ALA D 268 15.73 1.59 18.12
N PRO D 269 15.71 0.33 18.61
CA PRO D 269 15.32 -0.75 17.67
C PRO D 269 13.88 -0.70 17.14
N LEU D 270 12.93 -0.22 17.92
CA LEU D 270 11.57 -0.05 17.42
C LEU D 270 11.57 0.98 16.29
N ALA D 271 12.21 2.11 16.52
CA ALA D 271 12.34 3.15 15.52
C ALA D 271 12.99 2.66 14.20
N GLU D 272 14.05 1.87 14.32
CA GLU D 272 14.76 1.33 13.17
C GLU D 272 13.84 0.48 12.29
N ILE D 273 13.06 -0.40 12.92
CA ILE D 273 12.11 -1.22 12.15
C ILE D 273 11.01 -0.36 11.56
N ALA D 274 10.48 0.58 12.31
CA ALA D 274 9.48 1.53 11.79
C ALA D 274 10.03 2.23 10.54
N ASP D 275 11.27 2.68 10.59
CA ASP D 275 11.92 3.32 9.42
C ASP D 275 12.09 2.37 8.24
N GLN D 276 12.42 1.12 8.53
CA GLN D 276 12.59 0.14 7.46
C GLN D 276 11.27 -0.10 6.74
N ILE D 277 10.18 -0.18 7.49
CA ILE D 277 8.84 -0.37 6.89
C ILE D 277 8.41 0.88 6.13
N ALA D 278 8.70 2.06 6.70
CA ALA D 278 8.37 3.32 6.04
C ALA D 278 9.15 3.42 4.71
N ALA D 279 10.40 2.95 4.74
CA ALA D 279 11.29 3.00 3.57
C ALA D 279 10.77 2.25 2.37
N LYS D 280 10.03 1.17 2.63
CA LYS D 280 9.41 0.35 1.59
C LYS D 280 8.14 0.99 1.03
N GLY D 281 7.68 2.08 1.62
CA GLY D 281 6.53 2.80 1.13
C GLY D 281 5.28 2.70 1.98
N ALA D 282 5.35 1.99 3.10
CA ALA D 282 4.20 1.86 4.01
C ALA D 282 4.02 3.16 4.81
N THR D 283 2.79 3.37 5.31
CA THR D 283 2.44 4.54 6.11
C THR D 283 2.66 4.13 7.56
N VAL D 284 3.69 4.73 8.17
CA VAL D 284 4.17 4.34 9.47
C VAL D 284 4.43 5.55 10.37
N PHE D 285 3.97 5.42 11.62
CA PHE D 285 4.10 6.43 12.66
C PHE D 285 4.66 5.72 13.89
N ALA D 286 5.37 6.45 14.75
CA ALA D 286 5.94 5.87 15.95
C ALA D 286 6.09 6.92 17.03
N THR D 287 5.90 6.53 18.29
CA THR D 287 5.97 7.46 19.41
C THR D 287 7.39 7.71 19.91
N THR D 288 8.22 8.21 19.00
CA THR D 288 9.62 8.48 19.30
C THR D 288 10.21 9.40 18.24
N GLY D 289 11.07 10.31 18.67
CA GLY D 289 11.76 11.20 17.75
C GLY D 289 12.94 10.56 17.04
N ARG D 290 13.29 9.32 17.38
CA ARG D 290 14.43 8.61 16.77
C ARG D 290 14.16 8.09 15.34
N VAL D 291 12.91 8.15 14.87
CA VAL D 291 12.62 7.72 13.53
C VAL D 291 13.15 8.79 12.57
N THR D 292 13.74 8.36 11.47
CA THR D 292 14.21 9.27 10.42
C THR D 292 13.38 9.19 9.15
N ARG D 293 12.56 8.15 9.00
CA ARG D 293 11.75 7.90 7.81
C ARG D 293 10.26 7.80 8.16
N ALA D 294 9.95 7.00 9.17
CA ALA D 294 8.59 6.96 9.69
C ALA D 294 8.26 8.35 10.29
N ARG D 295 6.99 8.63 10.48
CA ARG D 295 6.55 9.89 11.06
C ARG D 295 6.41 9.80 12.57
N VAL D 296 6.65 10.93 13.23
CA VAL D 296 6.63 11.00 14.69
C VAL D 296 5.24 11.32 15.20
N LEU D 297 4.83 10.56 16.22
CA LEU D 297 3.62 10.81 16.95
C LEU D 297 3.99 11.51 18.25
N GLU D 298 3.30 12.62 18.54
CA GLU D 298 3.52 13.36 19.78
C GLU D 298 3.26 12.45 20.98
N HIS D 299 4.07 12.61 22.01
CA HIS D 299 3.95 11.78 23.20
C HIS D 299 4.44 12.52 24.43
N VAL D 300 3.95 12.11 25.60
CA VAL D 300 4.31 12.69 26.90
C VAL D 300 5.12 11.59 27.62
N ARG D 301 6.38 11.87 27.96
CA ARG D 301 7.17 10.94 28.75
C ARG D 301 6.75 11.12 30.21
N SER D 302 7.00 10.09 31.01
CA SER D 302 6.42 9.96 32.35
C SER D 302 7.34 10.10 33.55
N GLY D 303 8.65 10.09 33.33
CA GLY D 303 9.57 10.14 34.45
C GLY D 303 10.25 8.80 34.73
N HIS D 304 9.71 7.71 34.17
CA HIS D 304 10.31 6.38 34.28
C HIS D 304 9.94 5.54 33.06
N ALA D 305 10.90 4.77 32.56
CA ALA D 305 10.69 3.90 31.40
C ALA D 305 9.45 3.02 31.55
N LEU D 306 9.24 2.47 32.74
CA LEU D 306 8.16 1.52 33.00
C LEU D 306 6.72 2.10 33.03
N THR D 307 6.61 3.41 33.24
CA THR D 307 5.35 4.09 33.22
C THR D 307 5.10 4.73 31.84
N ASP D 308 6.14 4.79 30.99
CA ASP D 308 5.98 5.44 29.68
C ASP D 308 4.82 4.81 28.86
N PRO D 309 4.70 3.47 28.82
CA PRO D 309 3.58 2.88 28.06
C PRO D 309 2.17 3.32 28.44
N LEU D 310 1.92 3.60 29.72
CA LEU D 310 0.62 4.09 30.14
C LEU D 310 0.28 5.44 29.48
N SER D 311 1.26 6.33 29.38
CA SER D 311 1.08 7.60 28.67
C SER D 311 0.68 7.31 27.22
N LEU D 312 1.45 6.44 26.53
CA LEU D 312 1.17 6.11 25.14
C LEU D 312 -0.21 5.53 24.93
N ILE D 313 -0.66 4.61 25.80
CA ILE D 313 -1.97 3.99 25.57
C ILE D 313 -3.08 5.02 25.75
N VAL D 314 -2.92 5.94 26.71
CA VAL D 314 -3.92 6.99 26.91
C VAL D 314 -4.07 7.87 25.65
N SER D 315 -2.94 8.28 25.05
CA SER D 315 -2.94 8.99 23.79
C SER D 315 -3.59 8.16 22.70
N PHE D 316 -3.30 6.85 22.66
CA PHE D 316 -3.95 5.98 21.71
C PHE D 316 -5.47 5.96 21.90
N TYR D 317 -5.92 5.79 23.14
CA TYR D 317 -7.37 5.77 23.41
C TYR D 317 -8.04 7.06 22.92
N SER D 318 -7.37 8.18 23.18
CA SER D 318 -7.86 9.49 22.74
C SER D 318 -7.93 9.60 21.20
N MSE D 319 -6.92 9.08 20.53
CA MSE D 319 -6.91 9.06 19.08
C MSE D 319 -8.09 8.23 18.55
O MSE D 319 -8.78 8.63 17.61
CB MSE D 319 -5.61 8.47 18.58
CG MSE D 319 -5.48 8.45 17.06
SE MSE D 319 -6.35 6.93 16.17
CE MSE D 319 -5.17 5.47 16.79
N VAL D 320 -8.29 7.04 19.16
CA VAL D 320 -9.36 6.14 18.72
C VAL D 320 -10.74 6.81 18.94
N GLU D 321 -10.93 7.45 20.08
CA GLU D 321 -12.20 8.10 20.35
C GLU D 321 -12.51 9.18 19.32
N ALA D 322 -11.51 10.02 19.06
CA ALA D 322 -11.64 11.13 18.08
C ALA D 322 -11.94 10.59 16.69
N PHE D 323 -11.28 9.50 16.31
CA PHE D 323 -11.48 8.83 15.01
C PHE D 323 -12.92 8.34 14.86
N ALA D 324 -13.40 7.64 15.88
CA ALA D 324 -14.76 7.11 15.89
C ALA D 324 -15.78 8.23 15.81
N SER D 325 -15.62 9.25 16.65
CA SER D 325 -16.56 10.38 16.68
C SER D 325 -16.66 11.11 15.35
N GLU D 326 -15.53 11.33 14.71
CA GLU D 326 -15.47 11.95 13.40
C GLU D 326 -16.21 11.19 12.35
N ARG D 327 -16.20 9.87 12.49
CA ARG D 327 -16.80 9.02 11.48
C ARG D 327 -18.18 8.52 11.85
N GLY D 328 -18.82 9.18 12.82
CA GLY D 328 -20.18 8.85 13.23
C GLY D 328 -20.35 7.57 14.05
N ILE D 329 -19.24 6.88 14.31
CA ILE D 329 -19.23 5.65 15.08
C ILE D 329 -19.30 5.99 16.56
N ASP D 330 -20.28 5.44 17.28
CA ASP D 330 -20.29 5.54 18.73
C ASP D 330 -19.84 4.17 19.18
N PRO D 331 -18.64 4.09 19.78
CA PRO D 331 -18.14 2.79 20.22
C PRO D 331 -19.10 2.02 21.12
N ASP D 332 -19.94 2.74 21.84
CA ASP D 332 -20.87 2.11 22.76
C ASP D 332 -22.32 2.05 22.26
N ALA D 333 -22.54 2.38 20.98
CA ALA D 333 -23.86 2.19 20.36
C ALA D 333 -23.68 1.01 19.39
CL CL E . 14.68 11.84 -29.17
CL CL F . -8.22 6.73 -20.90
CL CL G . -14.70 17.81 -15.40
CL CL H . 7.77 22.97 -24.70
CL CL I . -3.29 41.79 -35.42
C1 EDO J . 4.90 20.26 -16.83
O1 EDO J . 4.26 19.05 -16.40
C2 EDO J . 6.23 19.95 -17.50
O2 EDO J . 7.10 19.17 -16.69
CL CL K . 13.84 -19.10 15.02
CL CL L . -7.70 -22.76 26.56
CL CL M . -15.02 -33.35 6.11
CL CL N . -12.04 -11.60 33.73
CL CL O . 9.36 -7.90 21.57
CL CL P . -0.26 13.08 14.19
#